data_3PTO
#
_entry.id   3PTO
#
_cell.length_a   165.643
_cell.length_b   234.062
_cell.length_c   75.975
_cell.angle_alpha   90.000
_cell.angle_beta   90.000
_cell.angle_gamma   90.000
#
_symmetry.space_group_name_H-M   'P 21 21 2'
#
loop_
_entity.id
_entity.type
_entity.pdbx_description
1 polymer Nucleoprotein
2 non-polymer 'URANYL (VI) ION'
#
_entity_poly.entity_id   1
_entity_poly.type   'polypeptide(L)'
_entity_poly.pdbx_seq_one_letter_code
;SVTVKRIIDNTVIVPKLPANEDPVEYPADYFRKSKEIPLYINTTKSLSDLRGYVYQGLKSGNVSIIHVNSYLYGALKDIR
GKLDKDWSSFGINIGKAGDTIGIFDLVSLKALDGVLPDGVSDASRTSADDKWLPLYLLGLYRVGRTQMPEYRKKLMDGLT
NQCKMINEQFEPLVPEGRDIFDVWGNDSNYTKIVAAVDMFFHMFKKHECASFRYGTIVSRFKDCAALATFGHLCKITGMS
TEDVTTWILNREVADEMVQMMLPGQEIDKADSYMPYLIDFGLSSKSPYSSVKNPAFHFWGQLTALLLRSTRARNARQPDD
IEYTSLTTAGLLYAYAVGSSADLAQQFCVGDNKYTPDDSTGGLTTNAPPQGRDVVEWLGWFEDQNRKPTPDMMQYAKRAV
MSLQGLREKTIGKYAKSEFDK
;
_entity_poly.pdbx_strand_id   A,B,C,D,E
#
loop_
_chem_comp.id
_chem_comp.type
_chem_comp.name
_chem_comp.formula
IUM non-polymer 'URANYL (VI) ION' 'O2 U 2'
#
# COMPACT_ATOMS: atom_id res chain seq x y z
N SER A 1 -38.21 3.63 6.66
CA SER A 1 -37.65 4.58 5.71
C SER A 1 -37.90 6.01 6.17
N VAL A 2 -36.88 6.87 6.18
CA VAL A 2 -37.23 8.28 6.29
C VAL A 2 -36.83 9.12 5.10
N THR A 3 -36.92 10.43 5.29
CA THR A 3 -36.76 11.36 4.19
C THR A 3 -35.55 12.24 4.37
N VAL A 4 -34.61 12.13 3.43
CA VAL A 4 -33.44 13.00 3.44
C VAL A 4 -33.68 14.08 2.42
N LYS A 5 -33.56 15.35 2.82
CA LYS A 5 -33.70 16.41 1.84
C LYS A 5 -32.46 17.31 1.84
N ARG A 6 -32.10 17.80 0.67
CA ARG A 6 -30.90 18.61 0.51
C ARG A 6 -31.20 20.07 0.83
N ILE A 7 -30.60 20.61 1.88
CA ILE A 7 -31.02 21.92 2.36
C ILE A 7 -30.91 23.05 1.31
N ILE A 8 -29.72 23.28 0.77
CA ILE A 8 -29.54 24.39 -0.16
C ILE A 8 -30.72 24.65 -1.12
N ASP A 9 -31.28 23.60 -1.72
CA ASP A 9 -32.34 23.77 -2.71
C ASP A 9 -33.62 22.99 -2.37
N ASN A 10 -33.72 22.58 -1.12
CA ASN A 10 -34.80 21.70 -0.66
C ASN A 10 -35.31 20.68 -1.67
N THR A 11 -34.43 19.80 -2.15
CA THR A 11 -34.84 18.64 -2.94
C THR A 11 -34.63 17.32 -2.20
N VAL A 12 -35.33 16.29 -2.66
CA VAL A 12 -35.18 14.97 -2.07
C VAL A 12 -33.96 14.24 -2.66
N ILE A 13 -33.28 13.48 -1.82
CA ILE A 13 -32.23 12.56 -2.25
C ILE A 13 -32.57 11.26 -1.55
N VAL A 14 -32.41 10.14 -2.25
CA VAL A 14 -32.84 8.86 -1.70
C VAL A 14 -31.68 7.90 -1.52
N PRO A 15 -30.81 8.17 -0.53
CA PRO A 15 -29.60 7.38 -0.43
C PRO A 15 -29.89 5.88 -0.44
N LYS A 16 -29.21 5.18 -1.33
CA LYS A 16 -29.37 3.76 -1.45
C LYS A 16 -27.97 3.23 -1.77
N LEU A 17 -27.74 1.94 -1.51
CA LEU A 17 -26.48 1.33 -1.93
C LEU A 17 -26.58 -0.16 -2.39
N PRO A 18 -25.64 -0.59 -3.23
CA PRO A 18 -25.75 -1.90 -3.90
C PRO A 18 -26.23 -3.02 -2.98
N ALA A 19 -26.99 -3.94 -3.57
CA ALA A 19 -27.57 -5.05 -2.84
C ALA A 19 -26.49 -6.05 -2.48
N ASN A 20 -26.67 -6.70 -1.34
CA ASN A 20 -25.83 -7.84 -0.97
C ASN A 20 -26.72 -9.01 -0.58
N GLU A 21 -26.22 -10.23 -0.71
CA GLU A 21 -27.13 -11.36 -0.52
C GLU A 21 -26.53 -12.54 0.24
N ASP A 22 -26.22 -13.61 -0.49
CA ASP A 22 -26.02 -14.94 0.11
C ASP A 22 -26.43 -15.06 1.58
N PRO A 23 -27.71 -15.38 1.80
CA PRO A 23 -28.29 -15.80 3.07
C PRO A 23 -27.67 -17.11 3.50
N VAL A 24 -27.54 -17.32 4.80
CA VAL A 24 -27.03 -18.59 5.32
C VAL A 24 -28.09 -19.67 5.10
N GLU A 25 -27.67 -20.92 5.16
CA GLU A 25 -28.58 -22.04 5.05
C GLU A 25 -28.39 -22.97 6.24
N TYR A 26 -29.43 -23.15 7.05
CA TYR A 26 -29.35 -24.01 8.23
C TYR A 26 -29.47 -25.50 7.88
N PRO A 27 -28.93 -26.38 8.72
CA PRO A 27 -28.98 -27.79 8.37
C PRO A 27 -30.40 -28.35 8.45
N ALA A 28 -31.12 -28.05 9.52
CA ALA A 28 -32.44 -28.60 9.67
C ALA A 28 -33.28 -28.28 8.44
N ASP A 29 -33.28 -27.01 8.04
CA ASP A 29 -34.19 -26.54 6.98
C ASP A 29 -33.75 -27.18 5.62
N TYR A 30 -33.04 -28.32 5.70
CA TYR A 30 -32.62 -29.12 4.52
C TYR A 30 -33.16 -30.53 4.52
N PHE A 31 -33.33 -31.13 5.69
CA PHE A 31 -33.98 -32.42 5.78
C PHE A 31 -35.50 -32.22 5.66
N ARG A 32 -35.87 -30.99 5.35
CA ARG A 32 -37.25 -30.66 5.02
C ARG A 32 -37.49 -31.10 3.58
N LYS A 33 -36.48 -30.87 2.75
CA LYS A 33 -36.59 -31.19 1.33
C LYS A 33 -36.30 -32.67 1.07
N SER A 34 -35.02 -33.06 1.07
CA SER A 34 -34.62 -34.46 0.91
C SER A 34 -34.61 -35.17 2.26
N LYS A 35 -34.42 -36.49 2.27
CA LYS A 35 -34.36 -37.23 3.54
C LYS A 35 -33.23 -38.25 3.49
N GLU A 36 -32.23 -37.99 2.66
CA GLU A 36 -31.06 -38.87 2.53
C GLU A 36 -29.86 -38.13 1.95
N ILE A 37 -28.67 -38.67 2.18
CA ILE A 37 -27.47 -38.08 1.60
C ILE A 37 -26.80 -38.99 0.58
N PRO A 38 -26.91 -38.63 -0.71
CA PRO A 38 -26.36 -39.38 -1.85
C PRO A 38 -24.84 -39.45 -1.88
N LEU A 39 -24.30 -40.67 -1.87
CA LEU A 39 -22.86 -40.88 -2.06
C LEU A 39 -22.63 -41.56 -3.40
N TYR A 40 -22.31 -40.79 -4.43
CA TYR A 40 -22.13 -41.36 -5.77
C TYR A 40 -20.77 -42.02 -5.97
N ILE A 41 -20.76 -43.34 -5.93
CA ILE A 41 -19.58 -44.11 -6.27
C ILE A 41 -19.82 -44.95 -7.53
N ASN A 42 -20.59 -44.36 -8.45
CA ASN A 42 -20.86 -44.89 -9.80
C ASN A 42 -20.15 -46.22 -10.09
N THR A 43 -18.91 -46.11 -10.55
CA THR A 43 -18.08 -47.26 -10.83
C THR A 43 -17.89 -48.12 -9.56
N THR A 44 -18.22 -49.40 -9.71
CA THR A 44 -17.87 -50.44 -8.75
C THR A 44 -17.24 -51.58 -9.55
N LYS A 45 -15.93 -51.76 -9.38
CA LYS A 45 -15.16 -52.68 -10.20
C LYS A 45 -13.95 -53.21 -9.46
N SER A 46 -14.10 -54.36 -8.79
CA SER A 46 -12.99 -55.07 -8.12
C SER A 46 -12.36 -54.31 -6.94
N LEU A 47 -12.64 -54.77 -5.74
CA LEU A 47 -12.05 -54.15 -4.56
C LEU A 47 -10.52 -54.30 -4.57
N SER A 48 -10.04 -55.14 -5.48
CA SER A 48 -8.62 -55.50 -5.56
C SER A 48 -7.89 -54.92 -6.78
N ASP A 49 -8.63 -54.68 -7.86
CA ASP A 49 -8.08 -53.93 -8.98
C ASP A 49 -7.80 -52.50 -8.53
N LEU A 50 -8.77 -51.94 -7.80
CA LEU A 50 -8.73 -50.56 -7.29
C LEU A 50 -7.52 -50.34 -6.39
N ARG A 51 -7.30 -51.28 -5.47
CA ARG A 51 -6.13 -51.25 -4.60
C ARG A 51 -4.85 -50.89 -5.39
N GLY A 52 -4.77 -51.36 -6.63
CA GLY A 52 -3.61 -51.13 -7.48
C GLY A 52 -3.63 -49.81 -8.22
N TYR A 53 -4.77 -49.48 -8.84
CA TYR A 53 -4.91 -48.23 -9.57
C TYR A 53 -4.41 -47.09 -8.72
N VAL A 54 -4.75 -47.12 -7.43
CA VAL A 54 -4.34 -46.08 -6.49
C VAL A 54 -2.91 -46.27 -6.05
N TYR A 55 -2.55 -47.50 -5.71
CA TYR A 55 -1.19 -47.73 -5.22
C TYR A 55 -0.16 -47.15 -6.19
N GLN A 56 -0.37 -47.39 -7.49
CA GLN A 56 0.57 -46.87 -8.47
C GLN A 56 0.25 -45.41 -8.78
N GLY A 57 -1.01 -45.14 -9.12
CA GLY A 57 -1.45 -43.79 -9.47
C GLY A 57 -1.01 -42.73 -8.47
N LEU A 58 -0.59 -43.19 -7.29
CA LEU A 58 -0.17 -42.31 -6.21
C LEU A 58 1.31 -41.92 -6.27
N LYS A 59 2.11 -42.72 -6.96
CA LYS A 59 3.52 -42.39 -7.14
C LYS A 59 3.69 -41.52 -8.39
N SER A 60 2.65 -40.77 -8.72
CA SER A 60 2.61 -39.91 -9.88
C SER A 60 1.32 -39.07 -9.88
N GLY A 61 1.43 -37.81 -10.30
CA GLY A 61 0.32 -36.88 -10.28
C GLY A 61 -0.72 -37.09 -11.37
N ASN A 62 -1.60 -38.07 -11.17
CA ASN A 62 -2.64 -38.38 -12.15
C ASN A 62 -3.69 -39.40 -11.71
N VAL A 63 -3.62 -39.87 -10.46
CA VAL A 63 -4.63 -40.80 -9.92
C VAL A 63 -6.03 -40.17 -9.83
N SER A 64 -7.02 -40.88 -10.33
CA SER A 64 -8.34 -40.29 -10.45
C SER A 64 -9.04 -40.22 -9.11
N ILE A 65 -9.59 -39.07 -8.80
CA ILE A 65 -10.35 -38.93 -7.58
C ILE A 65 -11.51 -39.93 -7.60
N ILE A 66 -11.97 -40.31 -8.78
CA ILE A 66 -13.07 -41.27 -8.89
C ILE A 66 -12.63 -42.63 -8.43
N HIS A 67 -11.33 -42.86 -8.44
CA HIS A 67 -10.76 -44.15 -8.11
C HIS A 67 -10.58 -44.33 -6.61
N VAL A 68 -10.13 -43.28 -5.93
CA VAL A 68 -10.00 -43.31 -4.46
C VAL A 68 -11.36 -43.45 -3.77
N ASN A 69 -12.36 -42.67 -4.19
CA ASN A 69 -13.69 -42.81 -3.63
C ASN A 69 -14.13 -44.27 -3.72
N SER A 70 -13.95 -44.86 -4.89
CA SER A 70 -14.34 -46.24 -5.13
C SER A 70 -13.55 -47.23 -4.28
N TYR A 71 -12.24 -47.02 -4.19
CA TYR A 71 -11.40 -47.85 -3.34
C TYR A 71 -11.78 -47.71 -1.87
N LEU A 72 -11.85 -46.45 -1.41
CA LEU A 72 -12.26 -46.14 -0.04
C LEU A 72 -13.55 -46.84 0.33
N TYR A 73 -14.59 -46.68 -0.50
CA TYR A 73 -15.84 -47.38 -0.24
C TYR A 73 -15.53 -48.84 0.06
N GLY A 74 -14.78 -49.45 -0.87
CA GLY A 74 -14.50 -50.87 -0.85
C GLY A 74 -13.67 -51.38 0.30
N ALA A 75 -12.71 -50.57 0.75
CA ALA A 75 -11.87 -50.97 1.88
C ALA A 75 -12.49 -50.62 3.24
N LEU A 76 -13.61 -49.90 3.22
CA LEU A 76 -14.19 -49.33 4.44
C LEU A 76 -15.55 -49.88 4.85
N LYS A 77 -16.21 -50.68 4.01
CA LYS A 77 -17.51 -51.22 4.42
C LYS A 77 -17.34 -52.29 5.49
N ASP A 78 -16.34 -52.13 6.36
CA ASP A 78 -16.34 -52.84 7.63
C ASP A 78 -17.65 -52.50 8.33
N ILE A 79 -18.57 -53.46 8.30
CA ILE A 79 -19.90 -53.25 8.87
C ILE A 79 -19.83 -53.37 10.41
N ARG A 80 -18.67 -52.95 10.95
CA ARG A 80 -18.38 -53.09 12.37
C ARG A 80 -19.11 -52.03 13.18
N GLY A 81 -19.08 -52.12 14.51
CA GLY A 81 -19.78 -51.15 15.36
C GLY A 81 -21.19 -51.50 15.79
N LYS A 82 -21.39 -51.60 17.10
CA LYS A 82 -22.65 -52.02 17.70
C LYS A 82 -23.20 -50.92 18.59
N LEU A 83 -24.44 -50.49 18.34
CA LEU A 83 -25.07 -49.42 19.12
C LEU A 83 -25.54 -49.92 20.48
N ASP A 84 -25.08 -49.26 21.54
CA ASP A 84 -25.58 -49.57 22.88
C ASP A 84 -26.90 -48.85 23.15
N LYS A 85 -26.95 -47.55 22.86
CA LYS A 85 -28.19 -46.79 22.96
C LYS A 85 -28.89 -46.73 21.60
N ASP A 86 -29.68 -45.69 21.40
CA ASP A 86 -30.29 -45.42 20.11
C ASP A 86 -29.60 -44.26 19.42
N TRP A 87 -29.60 -44.26 18.10
CA TRP A 87 -28.98 -43.17 17.32
C TRP A 87 -30.00 -42.57 16.37
N SER A 88 -30.17 -41.25 16.44
CA SER A 88 -31.20 -40.57 15.67
C SER A 88 -30.88 -39.08 15.55
N SER A 89 -31.06 -38.54 14.34
CA SER A 89 -30.72 -37.15 14.06
C SER A 89 -31.58 -36.55 12.94
N PHE A 90 -32.28 -35.48 13.26
CA PHE A 90 -33.04 -34.72 12.27
C PHE A 90 -34.23 -35.48 11.68
N GLY A 91 -34.69 -36.49 12.40
CA GLY A 91 -35.78 -37.32 11.92
C GLY A 91 -35.26 -38.62 11.34
N ILE A 92 -34.08 -38.56 10.71
CA ILE A 92 -33.45 -39.73 10.13
C ILE A 92 -33.04 -40.75 11.21
N ASN A 93 -33.65 -41.93 11.19
CA ASN A 93 -33.25 -43.00 12.09
C ASN A 93 -32.12 -43.78 11.46
N ILE A 94 -30.96 -43.81 12.09
CA ILE A 94 -29.81 -44.46 11.48
C ILE A 94 -29.44 -45.74 12.21
N GLY A 95 -30.30 -46.18 13.12
CA GLY A 95 -30.06 -47.39 13.90
C GLY A 95 -30.71 -47.33 15.27
N LYS A 96 -31.15 -48.48 15.79
CA LYS A 96 -31.80 -48.52 17.10
C LYS A 96 -31.33 -49.69 17.97
N ALA A 97 -32.02 -49.93 19.06
CA ALA A 97 -31.71 -51.04 19.94
C ALA A 97 -30.85 -52.08 19.23
N GLY A 98 -29.55 -52.07 19.51
CA GLY A 98 -28.75 -53.28 19.50
C GLY A 98 -28.02 -53.49 18.18
N ASP A 99 -28.51 -52.83 17.13
CA ASP A 99 -28.14 -53.18 15.77
C ASP A 99 -26.62 -53.07 15.56
N THR A 100 -26.14 -53.62 14.46
CA THR A 100 -24.82 -53.22 14.00
C THR A 100 -25.02 -52.29 12.81
N ILE A 101 -24.11 -51.34 12.65
CA ILE A 101 -24.15 -50.39 11.54
C ILE A 101 -22.75 -50.24 10.95
N GLY A 102 -22.66 -49.88 9.67
CA GLY A 102 -21.38 -49.58 9.03
C GLY A 102 -21.29 -48.11 8.63
N ILE A 103 -20.07 -47.64 8.37
CA ILE A 103 -19.84 -46.24 8.02
C ILE A 103 -20.83 -45.72 7.00
N PHE A 104 -21.13 -46.53 6.00
CA PHE A 104 -21.92 -46.06 4.87
C PHE A 104 -23.41 -46.24 5.07
N ASP A 105 -23.82 -46.40 6.32
CA ASP A 105 -25.22 -46.34 6.67
C ASP A 105 -25.64 -44.89 6.60
N LEU A 106 -25.11 -44.23 5.56
CA LEU A 106 -25.38 -42.83 5.21
C LEU A 106 -25.43 -42.65 3.64
N VAL A 107 -26.17 -43.59 3.02
CA VAL A 107 -27.03 -43.46 1.80
C VAL A 107 -26.51 -43.64 0.33
N SER A 108 -26.15 -44.87 -0.04
CA SER A 108 -25.37 -45.14 -1.27
C SER A 108 -26.15 -45.20 -2.61
N LEU A 109 -25.73 -44.38 -3.57
CA LEU A 109 -26.26 -44.41 -4.94
C LEU A 109 -25.09 -44.51 -5.90
N LYS A 110 -25.35 -44.69 -7.21
CA LYS A 110 -24.29 -44.78 -8.25
C LYS A 110 -24.63 -44.01 -9.53
N ALA A 111 -23.63 -43.76 -10.39
CA ALA A 111 -23.87 -42.98 -11.63
C ALA A 111 -22.95 -43.26 -12.83
N LEU A 112 -22.69 -42.19 -13.60
CA LEU A 112 -22.10 -42.29 -14.95
C LEU A 112 -20.79 -43.09 -15.07
N ASP A 113 -20.26 -43.16 -16.29
CA ASP A 113 -19.16 -44.07 -16.59
C ASP A 113 -18.05 -43.50 -17.51
N GLY A 114 -17.26 -42.56 -16.98
CA GLY A 114 -16.07 -42.10 -17.68
C GLY A 114 -14.82 -42.62 -16.98
N VAL A 115 -14.68 -43.94 -16.91
CA VAL A 115 -13.62 -44.56 -16.12
C VAL A 115 -12.23 -44.45 -16.74
N LEU A 116 -11.20 -44.64 -15.91
CA LEU A 116 -9.80 -44.50 -16.31
C LEU A 116 -9.19 -45.90 -16.57
N PRO A 117 -7.84 -46.05 -16.56
CA PRO A 117 -7.19 -47.34 -16.88
C PRO A 117 -7.99 -48.68 -16.75
N ASP A 118 -7.57 -49.67 -17.54
CA ASP A 118 -8.33 -50.89 -17.85
C ASP A 118 -8.37 -52.06 -16.84
N GLY A 119 -9.52 -52.75 -16.79
CA GLY A 119 -9.70 -54.03 -16.13
C GLY A 119 -8.92 -54.38 -14.87
N VAL A 120 -7.95 -55.28 -15.02
CA VAL A 120 -7.10 -55.74 -13.92
C VAL A 120 -5.74 -55.03 -13.89
N SER A 121 -5.65 -53.96 -13.11
CA SER A 121 -4.55 -52.98 -13.18
C SER A 121 -3.16 -53.47 -12.72
N ASP A 122 -2.48 -52.59 -11.97
CA ASP A 122 -1.12 -52.80 -11.48
C ASP A 122 -1.09 -53.79 -10.31
N ALA A 123 -1.50 -55.03 -10.59
CA ALA A 123 -1.81 -56.03 -9.56
C ALA A 123 -0.60 -56.58 -8.81
N SER A 124 0.23 -55.67 -8.30
CA SER A 124 1.38 -56.06 -7.48
C SER A 124 1.02 -56.20 -5.99
N ARG A 125 0.02 -55.43 -5.54
CA ARG A 125 -0.22 -55.23 -4.12
C ARG A 125 -1.24 -56.17 -3.47
N THR A 126 -0.95 -56.53 -2.22
CA THR A 126 -1.71 -57.46 -1.40
C THR A 126 -2.66 -56.73 -0.43
N SER A 127 -3.15 -57.43 0.60
CA SER A 127 -3.99 -56.81 1.63
C SER A 127 -3.21 -55.93 2.63
N ALA A 128 -2.30 -55.11 2.13
CA ALA A 128 -1.74 -54.00 2.88
C ALA A 128 -2.95 -53.18 3.26
N ASP A 129 -3.67 -52.73 2.23
CA ASP A 129 -5.11 -52.44 2.31
C ASP A 129 -5.60 -51.66 3.54
N ASP A 130 -6.83 -51.99 3.94
CA ASP A 130 -7.49 -51.48 5.14
C ASP A 130 -6.48 -51.02 6.19
N LYS A 131 -5.59 -51.93 6.57
CA LYS A 131 -4.58 -51.67 7.59
C LYS A 131 -4.02 -50.24 7.58
N TRP A 132 -3.91 -49.62 6.41
CA TRP A 132 -3.23 -48.34 6.32
C TRP A 132 -3.49 -47.48 5.08
N LEU A 133 -3.79 -48.09 3.94
CA LEU A 133 -3.98 -47.31 2.71
C LEU A 133 -5.15 -46.30 2.83
N PRO A 134 -6.30 -46.74 3.36
CA PRO A 134 -7.37 -45.77 3.59
C PRO A 134 -6.99 -44.66 4.59
N LEU A 135 -6.25 -44.98 5.65
CA LEU A 135 -5.83 -43.98 6.63
C LEU A 135 -4.96 -42.90 6.01
N TYR A 136 -4.26 -43.25 4.93
CA TYR A 136 -3.38 -42.33 4.23
C TYR A 136 -4.18 -41.40 3.32
N LEU A 137 -5.08 -42.00 2.54
CA LEU A 137 -5.92 -41.24 1.63
C LEU A 137 -6.72 -40.22 2.41
N LEU A 138 -7.26 -40.64 3.55
CA LEU A 138 -8.02 -39.77 4.42
C LEU A 138 -7.11 -38.76 5.07
N GLY A 139 -5.90 -39.19 5.42
CA GLY A 139 -4.90 -38.29 5.93
C GLY A 139 -4.73 -37.04 5.09
N LEU A 140 -4.56 -37.22 3.79
CA LEU A 140 -4.26 -36.12 2.89
C LEU A 140 -5.36 -35.05 2.82
N TYR A 141 -6.59 -35.42 3.12
CA TYR A 141 -7.67 -34.43 3.13
C TYR A 141 -7.32 -33.28 4.06
N ARG A 142 -6.67 -33.62 5.17
CA ARG A 142 -6.31 -32.66 6.19
C ARG A 142 -5.12 -31.83 5.76
N VAL A 143 -4.07 -32.50 5.31
CA VAL A 143 -2.87 -31.82 4.84
C VAL A 143 -3.22 -30.82 3.71
N GLY A 144 -4.34 -31.04 3.04
CA GLY A 144 -4.81 -30.16 2.00
C GLY A 144 -5.46 -28.86 2.48
N ARG A 145 -5.91 -28.81 3.75
CA ARG A 145 -6.53 -27.60 4.30
C ARG A 145 -5.53 -26.46 4.52
N THR A 146 -4.38 -26.80 5.09
CA THR A 146 -3.43 -25.81 5.57
C THR A 146 -2.56 -25.18 4.46
N GLN A 147 -2.50 -23.84 4.47
CA GLN A 147 -1.76 -23.06 3.48
C GLN A 147 -0.25 -23.00 3.75
N MET A 148 0.12 -22.48 4.92
CA MET A 148 1.53 -22.30 5.30
C MET A 148 2.35 -23.60 5.24
N PRO A 149 3.67 -23.51 5.50
CA PRO A 149 4.53 -24.70 5.56
C PRO A 149 4.22 -25.61 6.75
N GLU A 150 3.16 -25.30 7.51
CA GLU A 150 2.66 -26.18 8.58
C GLU A 150 2.16 -27.48 7.97
N TYR A 151 2.03 -27.49 6.63
CA TYR A 151 1.48 -28.65 5.93
C TYR A 151 2.38 -29.88 6.07
N ARG A 152 3.65 -29.76 5.67
CA ARG A 152 4.59 -30.87 5.83
C ARG A 152 4.86 -31.09 7.33
N LYS A 153 4.63 -30.06 8.12
CA LYS A 153 4.72 -30.16 9.57
C LYS A 153 3.72 -31.22 10.01
N LYS A 154 2.60 -31.27 9.29
CA LYS A 154 1.48 -32.16 9.63
C LYS A 154 1.43 -33.42 8.73
N LEU A 155 2.26 -33.48 7.68
CA LEU A 155 2.32 -34.67 6.82
C LEU A 155 3.23 -35.74 7.45
N MET A 156 3.98 -35.32 8.46
CA MET A 156 4.74 -36.27 9.27
C MET A 156 3.79 -36.90 10.29
N ASP A 157 2.66 -36.23 10.53
CA ASP A 157 1.49 -36.85 11.18
C ASP A 157 1.23 -38.17 10.46
N GLY A 158 1.04 -38.08 9.15
CA GLY A 158 0.74 -39.23 8.32
C GLY A 158 1.76 -40.34 8.53
N LEU A 159 3.01 -40.09 8.11
CA LEU A 159 4.05 -41.12 8.14
C LEU A 159 4.03 -41.93 9.43
N THR A 160 4.21 -41.25 10.55
CA THR A 160 4.39 -41.93 11.84
C THR A 160 3.12 -42.62 12.36
N ASN A 161 1.97 -42.30 11.77
CA ASN A 161 0.71 -42.94 12.16
C ASN A 161 0.41 -44.15 11.28
N GLN A 162 1.16 -44.26 10.19
CA GLN A 162 1.07 -45.41 9.30
C GLN A 162 1.90 -46.56 9.85
N CYS A 163 3.11 -46.23 10.28
CA CYS A 163 4.04 -47.23 10.81
C CYS A 163 3.38 -48.10 11.86
N LYS A 164 2.22 -47.70 12.35
CA LYS A 164 1.47 -48.48 13.33
C LYS A 164 1.10 -49.86 12.79
N MET A 165 2.04 -50.78 12.93
CA MET A 165 1.90 -52.20 12.56
C MET A 165 1.85 -52.44 11.04
N ILE A 166 2.74 -51.76 10.29
CA ILE A 166 2.74 -51.86 8.82
C ILE A 166 3.93 -51.16 8.13
N ASN A 167 4.32 -50.01 8.66
CA ASN A 167 5.47 -49.22 8.20
C ASN A 167 6.00 -49.31 6.74
N GLU A 168 5.70 -48.28 5.96
CA GLU A 168 6.35 -48.04 4.67
C GLU A 168 6.99 -46.66 4.76
N GLN A 169 6.80 -45.84 3.73
CA GLN A 169 7.26 -44.44 3.75
C GLN A 169 6.40 -43.50 2.88
N PHE A 170 7.05 -42.51 2.27
CA PHE A 170 6.40 -41.47 1.44
C PHE A 170 5.51 -42.06 0.33
N GLU A 171 5.14 -41.20 -0.63
CA GLU A 171 4.32 -41.63 -1.77
C GLU A 171 4.28 -40.62 -2.92
N PRO A 172 3.68 -39.43 -2.70
CA PRO A 172 3.66 -38.48 -3.80
C PRO A 172 4.98 -37.73 -3.99
N LEU A 173 4.90 -36.54 -4.57
CA LEU A 173 6.08 -35.83 -5.05
C LEU A 173 5.90 -34.33 -4.85
N VAL A 174 4.98 -33.79 -5.66
CA VAL A 174 4.79 -32.35 -5.83
C VAL A 174 4.18 -31.70 -4.60
N PRO A 175 4.82 -30.61 -4.12
CA PRO A 175 4.56 -29.77 -2.93
C PRO A 175 3.12 -29.77 -2.39
N GLU A 176 2.30 -28.79 -2.82
CA GLU A 176 0.94 -28.63 -2.33
C GLU A 176 0.88 -27.15 -2.70
N GLY A 177 0.08 -26.38 -1.95
CA GLY A 177 -0.51 -25.10 -2.31
C GLY A 177 -1.80 -25.30 -3.05
N ARG A 178 -2.31 -26.52 -2.97
CA ARG A 178 -3.48 -26.95 -3.72
C ARG A 178 -3.15 -27.26 -5.20
N ASP A 179 -2.80 -28.51 -5.46
CA ASP A 179 -2.38 -28.95 -6.78
C ASP A 179 -2.54 -30.45 -6.95
N ILE A 180 -2.04 -31.20 -5.97
CA ILE A 180 -1.92 -32.67 -6.08
C ILE A 180 -3.11 -33.45 -5.50
N PHE A 181 -3.02 -33.74 -4.21
CA PHE A 181 -4.10 -34.41 -3.48
C PHE A 181 -5.07 -33.39 -2.86
N ASP A 182 -4.63 -32.15 -2.71
CA ASP A 182 -5.46 -31.13 -2.07
C ASP A 182 -6.46 -30.50 -3.04
N VAL A 183 -6.73 -31.20 -4.13
CA VAL A 183 -7.83 -30.83 -5.01
C VAL A 183 -9.00 -31.75 -4.67
N TRP A 184 -8.69 -32.80 -3.91
CA TRP A 184 -9.68 -33.80 -3.53
C TRP A 184 -10.77 -33.15 -2.71
N GLY A 185 -10.43 -32.04 -2.08
CA GLY A 185 -11.41 -31.30 -1.34
C GLY A 185 -12.67 -31.04 -2.16
N ASN A 186 -12.50 -30.57 -3.38
CA ASN A 186 -13.65 -30.12 -4.16
C ASN A 186 -14.59 -31.23 -4.66
N ASP A 187 -14.21 -32.48 -4.48
CA ASP A 187 -15.03 -33.61 -4.94
C ASP A 187 -16.19 -33.91 -3.98
N SER A 188 -17.37 -33.39 -4.29
CA SER A 188 -18.57 -33.62 -3.49
C SER A 188 -18.65 -34.99 -2.82
N ASN A 189 -18.15 -36.03 -3.48
CA ASN A 189 -18.29 -37.40 -2.98
C ASN A 189 -17.17 -37.86 -2.07
N TYR A 190 -15.98 -37.28 -2.25
CA TYR A 190 -14.85 -37.55 -1.37
C TYR A 190 -15.12 -36.98 0.02
N THR A 191 -15.48 -35.70 0.11
CA THR A 191 -15.78 -35.07 1.40
C THR A 191 -16.85 -35.87 2.14
N LYS A 192 -17.81 -36.40 1.40
CA LYS A 192 -18.91 -37.13 2.02
C LYS A 192 -18.43 -38.39 2.71
N ILE A 193 -17.43 -39.04 2.15
CA ILE A 193 -16.87 -40.25 2.78
C ILE A 193 -16.14 -39.86 4.05
N VAL A 194 -15.39 -38.75 3.98
CA VAL A 194 -14.68 -38.17 5.13
C VAL A 194 -15.65 -37.82 6.27
N ALA A 195 -16.66 -37.03 5.98
CA ALA A 195 -17.68 -36.78 6.98
C ALA A 195 -18.24 -38.07 7.59
N ALA A 196 -18.65 -39.02 6.75
CA ALA A 196 -19.23 -40.28 7.22
C ALA A 196 -18.30 -41.09 8.13
N VAL A 197 -17.05 -41.23 7.73
CA VAL A 197 -16.02 -41.83 8.60
C VAL A 197 -15.86 -41.11 9.97
N ASP A 198 -15.66 -39.80 9.95
CA ASP A 198 -15.46 -39.06 11.17
C ASP A 198 -16.68 -39.10 12.07
N MET A 199 -17.85 -38.98 11.47
CA MET A 199 -19.09 -39.01 12.25
C MET A 199 -19.34 -40.37 12.89
N PHE A 200 -18.95 -41.41 12.15
CA PHE A 200 -19.13 -42.76 12.60
C PHE A 200 -18.16 -43.11 13.73
N PHE A 201 -16.91 -42.70 13.62
CA PHE A 201 -15.95 -42.96 14.70
C PHE A 201 -16.04 -41.96 15.86
N HIS A 202 -16.93 -40.97 15.73
CA HIS A 202 -17.16 -40.08 16.85
C HIS A 202 -18.26 -40.68 17.71
N MET A 203 -18.85 -41.76 17.20
CA MET A 203 -19.85 -42.51 17.92
C MET A 203 -19.22 -43.71 18.57
N PHE A 204 -18.55 -44.52 17.77
CA PHE A 204 -17.82 -45.66 18.30
C PHE A 204 -16.39 -45.23 18.57
N LYS A 205 -16.24 -44.22 19.42
CA LYS A 205 -14.93 -43.62 19.73
C LYS A 205 -13.84 -44.65 20.06
N LYS A 206 -14.26 -45.89 20.36
CA LYS A 206 -13.35 -46.89 20.87
C LYS A 206 -13.11 -48.08 19.93
N HIS A 207 -13.59 -47.96 18.69
CA HIS A 207 -13.36 -48.99 17.68
C HIS A 207 -11.84 -49.16 17.43
N GLU A 208 -11.42 -50.34 16.99
CA GLU A 208 -10.00 -50.59 16.71
C GLU A 208 -9.48 -49.72 15.56
N CYS A 209 -10.36 -49.46 14.60
CA CYS A 209 -10.01 -48.69 13.41
C CYS A 209 -10.31 -47.19 13.54
N ALA A 210 -10.68 -46.76 14.74
CA ALA A 210 -11.05 -45.38 14.98
C ALA A 210 -9.86 -44.44 14.78
N SER A 211 -8.70 -45.02 14.53
CA SER A 211 -7.49 -44.23 14.26
C SER A 211 -7.61 -43.41 12.99
N PHE A 212 -8.65 -43.70 12.22
CA PHE A 212 -8.87 -43.06 10.92
C PHE A 212 -9.18 -41.57 11.08
N ARG A 213 -9.80 -41.22 12.20
CA ARG A 213 -10.07 -39.82 12.51
C ARG A 213 -8.82 -38.94 12.36
N TYR A 214 -7.65 -39.57 12.26
CA TYR A 214 -6.41 -38.82 12.40
C TYR A 214 -6.03 -38.07 11.14
N GLY A 215 -7.06 -37.52 10.51
CA GLY A 215 -6.98 -36.75 9.29
C GLY A 215 -8.39 -36.42 8.87
N THR A 216 -9.34 -37.18 9.37
CA THR A 216 -10.75 -37.01 9.08
C THR A 216 -11.42 -36.03 10.07
N ILE A 217 -10.68 -35.66 11.11
CA ILE A 217 -11.24 -34.85 12.18
C ILE A 217 -11.48 -33.39 11.80
N VAL A 218 -10.73 -32.85 10.86
CA VAL A 218 -10.86 -31.42 10.58
C VAL A 218 -12.14 -31.19 9.81
N SER A 219 -12.89 -32.27 9.59
CA SER A 219 -14.19 -32.13 8.97
C SER A 219 -15.25 -31.64 9.95
N ARG A 220 -15.13 -32.12 11.20
CA ARG A 220 -16.08 -31.82 12.25
C ARG A 220 -16.05 -30.33 12.63
N PHE A 221 -17.19 -29.67 12.45
CA PHE A 221 -17.33 -28.23 12.66
C PHE A 221 -16.56 -27.36 11.64
N LYS A 222 -16.31 -27.92 10.46
CA LYS A 222 -15.72 -27.15 9.38
C LYS A 222 -16.62 -25.96 9.10
N ASP A 223 -16.00 -24.78 8.98
CA ASP A 223 -16.73 -23.55 8.66
C ASP A 223 -17.73 -23.15 9.78
N CYS A 224 -17.45 -23.58 11.02
CA CYS A 224 -18.31 -23.25 12.19
C CYS A 224 -17.58 -22.58 13.34
N ALA A 225 -16.66 -21.65 13.06
CA ALA A 225 -15.77 -21.14 14.11
C ALA A 225 -16.44 -20.25 15.14
N ALA A 226 -17.40 -19.45 14.74
CA ALA A 226 -18.10 -18.61 15.70
C ALA A 226 -18.49 -19.42 16.95
N LEU A 227 -19.07 -20.61 16.76
CA LEU A 227 -19.43 -21.44 17.89
C LEU A 227 -18.23 -21.72 18.78
N ALA A 228 -17.11 -22.04 18.17
CA ALA A 228 -15.92 -22.37 18.96
C ALA A 228 -15.38 -21.16 19.72
N THR A 229 -15.37 -20.00 19.07
CA THR A 229 -14.88 -18.82 19.75
C THR A 229 -15.76 -18.47 20.96
N PHE A 230 -17.07 -18.70 20.83
CA PHE A 230 -18.06 -18.57 21.92
C PHE A 230 -17.70 -19.45 23.12
N GLY A 231 -17.53 -20.75 22.86
CA GLY A 231 -17.11 -21.67 23.89
C GLY A 231 -15.80 -21.24 24.53
N HIS A 232 -14.91 -20.65 23.74
CA HIS A 232 -13.59 -20.23 24.27
C HIS A 232 -13.76 -19.04 25.19
N LEU A 233 -14.53 -18.06 24.74
CA LEU A 233 -14.87 -16.90 25.56
C LEU A 233 -15.45 -17.33 26.89
N CYS A 234 -16.26 -18.38 26.91
CA CYS A 234 -16.88 -18.83 28.15
C CYS A 234 -15.84 -19.40 29.04
N LYS A 235 -14.99 -20.26 28.50
CA LYS A 235 -13.96 -20.90 29.30
C LYS A 235 -12.96 -19.89 29.84
N ILE A 236 -12.69 -18.86 29.06
CA ILE A 236 -11.57 -17.97 29.34
C ILE A 236 -11.95 -16.93 30.38
N THR A 237 -13.26 -16.69 30.53
CA THR A 237 -13.77 -15.74 31.53
C THR A 237 -14.42 -16.43 32.73
N GLY A 238 -14.51 -17.75 32.67
CA GLY A 238 -15.20 -18.49 33.71
C GLY A 238 -16.70 -18.24 33.81
N MET A 239 -17.26 -17.38 32.98
CA MET A 239 -18.69 -17.11 33.03
C MET A 239 -19.52 -18.22 32.40
N SER A 240 -20.84 -18.16 32.62
CA SER A 240 -21.76 -19.14 32.06
C SER A 240 -22.13 -18.75 30.66
N THR A 241 -22.70 -19.69 29.93
CA THR A 241 -23.10 -19.36 28.59
C THR A 241 -24.14 -18.23 28.61
N GLU A 242 -25.03 -18.24 29.61
CA GLU A 242 -26.12 -17.24 29.64
C GLU A 242 -25.60 -15.90 30.14
N ASP A 243 -24.57 -15.91 30.99
CA ASP A 243 -24.00 -14.65 31.49
C ASP A 243 -23.15 -13.93 30.41
N VAL A 244 -22.31 -14.70 29.71
CA VAL A 244 -21.56 -14.17 28.56
C VAL A 244 -22.53 -13.49 27.62
N THR A 245 -23.59 -14.19 27.25
CA THR A 245 -24.63 -13.60 26.41
C THR A 245 -25.07 -12.19 26.86
N THR A 246 -25.22 -11.98 28.17
CA THR A 246 -25.73 -10.68 28.62
C THR A 246 -24.71 -9.56 28.43
N TRP A 247 -23.42 -9.93 28.38
CA TRP A 247 -22.35 -8.97 28.16
C TRP A 247 -22.18 -8.54 26.68
N ILE A 248 -22.95 -9.12 25.78
CA ILE A 248 -23.00 -8.60 24.42
C ILE A 248 -23.58 -7.20 24.46
N LEU A 249 -22.86 -6.23 23.90
CA LEU A 249 -23.23 -4.82 24.04
C LEU A 249 -23.38 -4.01 22.75
N ASN A 250 -23.50 -4.66 21.59
CA ASN A 250 -23.66 -3.96 20.32
C ASN A 250 -24.72 -4.63 19.42
N ARG A 251 -25.60 -3.84 18.80
CA ARG A 251 -26.57 -4.38 17.85
C ARG A 251 -26.06 -5.58 17.01
N GLU A 252 -24.95 -5.43 16.30
CA GLU A 252 -24.57 -6.44 15.31
C GLU A 252 -24.07 -7.70 15.90
N VAL A 253 -23.49 -7.62 17.09
CA VAL A 253 -23.07 -8.84 17.74
C VAL A 253 -24.29 -9.60 18.23
N ALA A 254 -25.25 -8.85 18.78
CA ALA A 254 -26.50 -9.45 19.23
C ALA A 254 -27.26 -10.08 18.07
N ASP A 255 -27.39 -9.36 16.95
CA ASP A 255 -27.96 -9.91 15.71
C ASP A 255 -27.35 -11.26 15.40
N GLU A 256 -26.02 -11.33 15.42
CA GLU A 256 -25.30 -12.52 14.98
C GLU A 256 -25.43 -13.64 15.99
N MET A 257 -25.47 -13.27 17.26
CA MET A 257 -25.54 -14.30 18.29
C MET A 257 -26.89 -15.01 18.17
N VAL A 258 -27.94 -14.21 17.97
CA VAL A 258 -29.29 -14.75 17.71
C VAL A 258 -29.24 -15.69 16.53
N GLN A 259 -28.51 -15.28 15.50
CA GLN A 259 -28.36 -16.08 14.28
C GLN A 259 -27.80 -17.48 14.60
N MET A 260 -26.78 -17.54 15.45
CA MET A 260 -26.14 -18.81 15.71
C MET A 260 -26.95 -19.69 16.63
N MET A 261 -27.89 -19.10 17.35
CA MET A 261 -28.60 -19.84 18.38
C MET A 261 -29.99 -20.32 17.98
N LEU A 262 -30.36 -20.12 16.72
CA LEU A 262 -31.64 -20.55 16.17
C LEU A 262 -31.88 -22.01 16.55
N PRO A 263 -33.11 -22.34 16.97
CA PRO A 263 -33.34 -23.48 17.87
C PRO A 263 -33.42 -24.89 17.26
N GLY A 264 -33.70 -25.04 15.97
CA GLY A 264 -33.94 -26.40 15.52
C GLY A 264 -32.76 -27.14 14.95
N GLN A 265 -31.56 -26.92 15.49
CA GLN A 265 -30.37 -27.30 14.71
C GLN A 265 -29.43 -28.33 15.33
N GLU A 266 -29.69 -28.73 16.56
CA GLU A 266 -28.90 -29.77 17.23
C GLU A 266 -27.45 -29.40 17.48
N ILE A 267 -27.15 -28.13 17.70
CA ILE A 267 -25.76 -27.71 17.91
C ILE A 267 -25.20 -28.30 19.19
N ASP A 268 -26.02 -28.31 20.24
CA ASP A 268 -25.59 -28.86 21.55
C ASP A 268 -25.74 -30.37 21.64
N LYS A 269 -26.19 -30.99 20.55
CA LYS A 269 -26.48 -32.43 20.52
C LYS A 269 -25.22 -33.27 20.52
N ALA A 270 -25.37 -34.53 20.90
CA ALA A 270 -24.21 -35.39 21.14
C ALA A 270 -23.55 -35.78 19.83
N ASP A 271 -24.22 -36.69 19.10
CA ASP A 271 -23.75 -37.14 17.79
C ASP A 271 -24.81 -36.88 16.72
N SER A 272 -24.84 -35.67 16.18
CA SER A 272 -25.78 -35.32 15.14
C SER A 272 -25.04 -35.08 13.83
N TYR A 273 -25.77 -34.69 12.79
CA TYR A 273 -25.17 -34.40 11.49
C TYR A 273 -24.61 -33.00 11.44
N MET A 274 -25.05 -32.16 12.37
CA MET A 274 -24.81 -30.72 12.23
C MET A 274 -23.34 -30.27 12.13
N PRO A 275 -22.43 -30.91 12.88
CA PRO A 275 -21.01 -30.58 12.71
C PRO A 275 -20.51 -30.72 11.26
N TYR A 276 -21.13 -31.60 10.50
CA TYR A 276 -20.66 -31.86 9.17
C TYR A 276 -21.54 -31.19 8.15
N LEU A 277 -22.22 -30.13 8.56
CA LEU A 277 -23.17 -29.51 7.66
C LEU A 277 -22.54 -29.18 6.30
N ILE A 278 -21.24 -28.91 6.27
CA ILE A 278 -20.58 -28.44 5.05
C ILE A 278 -20.11 -29.59 4.15
N ASP A 279 -19.46 -30.59 4.73
CA ASP A 279 -18.92 -31.69 3.94
C ASP A 279 -19.94 -32.74 3.48
N PHE A 280 -21.09 -32.83 4.13
CA PHE A 280 -22.15 -33.72 3.66
C PHE A 280 -22.96 -32.95 2.63
N GLY A 281 -22.62 -31.68 2.46
CA GLY A 281 -23.36 -30.81 1.56
C GLY A 281 -24.78 -30.52 2.01
N LEU A 282 -24.99 -30.39 3.31
CA LEU A 282 -26.29 -29.95 3.82
C LEU A 282 -26.44 -28.42 3.75
N SER A 283 -25.32 -27.72 3.57
CA SER A 283 -25.32 -26.28 3.56
C SER A 283 -24.17 -25.75 2.75
N SER A 284 -24.40 -24.65 2.04
CA SER A 284 -23.38 -24.06 1.19
C SER A 284 -23.04 -22.65 1.64
N LYS A 285 -23.57 -22.28 2.80
CA LYS A 285 -23.20 -21.06 3.51
C LYS A 285 -23.51 -21.31 4.96
N SER A 286 -22.47 -21.55 5.77
CA SER A 286 -22.68 -21.89 7.16
C SER A 286 -23.04 -20.67 8.01
N PRO A 287 -24.15 -20.76 8.76
CA PRO A 287 -24.54 -19.68 9.66
C PRO A 287 -23.60 -19.55 10.88
N TYR A 288 -22.75 -20.54 11.09
CA TYR A 288 -21.89 -20.57 12.24
C TYR A 288 -20.45 -20.14 11.90
N SER A 289 -20.24 -19.64 10.69
CA SER A 289 -18.89 -19.26 10.26
C SER A 289 -18.51 -17.89 10.83
N SER A 290 -17.22 -17.62 10.88
CA SER A 290 -16.76 -16.35 11.44
C SER A 290 -16.83 -15.28 10.38
N VAL A 291 -16.95 -15.72 9.13
CA VAL A 291 -17.09 -14.83 8.01
C VAL A 291 -18.50 -14.24 8.03
N LYS A 292 -19.47 -15.08 8.41
CA LYS A 292 -20.88 -14.65 8.48
C LYS A 292 -21.21 -14.17 9.89
N ASN A 293 -20.20 -14.17 10.76
CA ASN A 293 -20.34 -13.63 12.11
C ASN A 293 -19.20 -12.71 12.49
N PRO A 294 -18.85 -11.75 11.62
CA PRO A 294 -17.66 -10.91 11.79
C PRO A 294 -17.65 -10.03 13.07
N ALA A 295 -18.74 -9.32 13.36
CA ALA A 295 -18.76 -8.52 14.59
C ALA A 295 -18.58 -9.38 15.83
N PHE A 296 -19.29 -10.51 15.89
CA PHE A 296 -19.11 -11.39 17.03
C PHE A 296 -17.71 -11.95 17.08
N HIS A 297 -17.13 -12.20 15.93
CA HIS A 297 -15.80 -12.79 15.85
C HIS A 297 -14.73 -11.84 16.40
N PHE A 298 -14.78 -10.59 15.99
CA PHE A 298 -13.88 -9.59 16.52
C PHE A 298 -14.07 -9.39 18.02
N TRP A 299 -15.30 -9.12 18.44
CA TRP A 299 -15.56 -8.84 19.84
C TRP A 299 -15.07 -9.99 20.71
N GLY A 300 -15.46 -11.21 20.34
CA GLY A 300 -15.16 -12.38 21.16
C GLY A 300 -13.68 -12.70 21.26
N GLN A 301 -13.00 -12.61 20.12
CA GLN A 301 -11.57 -12.89 20.03
C GLN A 301 -10.76 -11.75 20.68
N LEU A 302 -11.16 -10.50 20.47
CA LEU A 302 -10.45 -9.39 21.09
C LEU A 302 -10.54 -9.53 22.61
N THR A 303 -11.76 -9.67 23.12
CA THR A 303 -11.94 -9.83 24.55
C THR A 303 -11.09 -10.98 25.09
N ALA A 304 -10.94 -12.06 24.33
CA ALA A 304 -10.25 -13.20 24.89
C ALA A 304 -8.77 -12.91 24.91
N LEU A 305 -8.36 -11.96 24.08
CA LEU A 305 -6.93 -11.63 23.95
C LEU A 305 -6.48 -10.79 25.13
N LEU A 306 -7.34 -9.85 25.51
CA LEU A 306 -7.09 -9.00 26.65
C LEU A 306 -7.07 -9.83 27.93
N LEU A 307 -7.87 -10.91 27.96
CA LEU A 307 -7.90 -11.82 29.10
C LEU A 307 -6.81 -12.90 29.01
N ARG A 308 -5.86 -12.68 28.11
CA ARG A 308 -4.63 -13.46 28.08
C ARG A 308 -4.61 -14.72 27.22
N SER A 309 -5.57 -14.85 26.29
CA SER A 309 -5.63 -15.98 25.35
C SER A 309 -4.42 -16.05 24.44
N THR A 310 -4.00 -17.26 24.09
CA THR A 310 -2.96 -17.36 23.07
C THR A 310 -3.53 -17.58 21.66
N ARG A 311 -4.60 -18.35 21.54
CA ARG A 311 -5.27 -18.49 20.24
C ARG A 311 -5.64 -17.13 19.67
N ALA A 312 -6.17 -16.25 20.50
CA ALA A 312 -6.66 -14.97 19.98
C ALA A 312 -5.59 -14.14 19.30
N ARG A 313 -4.32 -14.39 19.62
CA ARG A 313 -3.21 -13.58 19.10
C ARG A 313 -3.17 -13.55 17.57
N ASN A 314 -3.63 -14.63 16.94
CA ASN A 314 -3.50 -14.79 15.48
C ASN A 314 -4.82 -14.79 14.69
N ALA A 315 -5.94 -14.64 15.39
CA ALA A 315 -7.23 -14.70 14.70
C ALA A 315 -7.25 -13.58 13.70
N ARG A 316 -8.06 -13.75 12.66
CA ARG A 316 -8.11 -12.76 11.61
C ARG A 316 -9.11 -11.60 11.90
N GLN A 317 -8.71 -10.40 11.50
CA GLN A 317 -9.47 -9.19 11.75
C GLN A 317 -10.43 -8.88 10.62
N PRO A 318 -11.72 -9.18 10.81
CA PRO A 318 -12.70 -9.01 9.74
C PRO A 318 -12.76 -7.60 9.24
N ASP A 319 -13.11 -7.43 7.97
CA ASP A 319 -13.33 -6.11 7.36
C ASP A 319 -14.80 -5.73 7.55
N ASP A 320 -15.10 -4.44 7.34
CA ASP A 320 -16.47 -3.99 7.34
C ASP A 320 -17.26 -4.29 8.61
N ILE A 321 -16.59 -4.15 9.75
CA ILE A 321 -17.27 -4.13 11.04
C ILE A 321 -17.05 -2.79 11.71
N GLU A 322 -17.64 -2.59 12.89
CA GLU A 322 -17.52 -1.31 13.54
C GLU A 322 -16.44 -1.32 14.63
N TYR A 323 -15.19 -1.12 14.18
CA TYR A 323 -14.02 -1.38 15.02
C TYR A 323 -14.00 -0.61 16.33
N THR A 324 -14.34 0.67 16.30
CA THR A 324 -14.14 1.45 17.53
C THR A 324 -15.13 1.04 18.65
N SER A 325 -16.40 0.87 18.32
CA SER A 325 -17.38 0.55 19.38
C SER A 325 -17.26 -0.91 19.73
N LEU A 326 -16.82 -1.72 18.78
CA LEU A 326 -16.66 -3.14 19.06
C LEU A 326 -15.52 -3.31 20.07
N THR A 327 -14.48 -2.51 19.95
CA THR A 327 -13.33 -2.63 20.85
C THR A 327 -13.58 -1.95 22.20
N THR A 328 -14.27 -0.82 22.21
CA THR A 328 -14.60 -0.24 23.50
C THR A 328 -15.37 -1.26 24.37
N ALA A 329 -16.36 -1.93 23.78
CA ALA A 329 -17.13 -2.95 24.48
C ALA A 329 -16.29 -4.14 24.93
N GLY A 330 -15.35 -4.55 24.09
CA GLY A 330 -14.41 -5.60 24.46
C GLY A 330 -13.57 -5.19 25.68
N LEU A 331 -13.03 -3.97 25.62
CA LEU A 331 -12.26 -3.41 26.73
C LEU A 331 -13.04 -3.45 28.03
N LEU A 332 -14.31 -3.10 27.98
CA LEU A 332 -15.07 -3.04 29.20
C LEU A 332 -15.22 -4.43 29.83
N TYR A 333 -15.60 -5.39 29.00
CA TYR A 333 -15.92 -6.72 29.45
C TYR A 333 -14.66 -7.40 29.99
N ALA A 334 -13.55 -7.19 29.28
CA ALA A 334 -12.27 -7.78 29.64
C ALA A 334 -11.72 -7.12 30.92
N TYR A 335 -12.09 -5.86 31.14
CA TYR A 335 -11.62 -5.12 32.30
C TYR A 335 -12.44 -5.53 33.51
N ALA A 336 -13.73 -5.75 33.29
CA ALA A 336 -14.60 -6.23 34.37
C ALA A 336 -14.09 -7.58 34.86
N VAL A 337 -14.17 -8.58 34.00
CA VAL A 337 -13.68 -9.91 34.36
C VAL A 337 -12.28 -9.82 34.92
N GLY A 338 -11.52 -8.88 34.37
CA GLY A 338 -10.09 -8.84 34.56
C GLY A 338 -9.58 -8.37 35.90
N SER A 339 -10.25 -7.39 36.50
CA SER A 339 -9.77 -6.86 37.77
C SER A 339 -10.43 -7.55 38.99
N SER A 340 -11.75 -7.73 38.95
CA SER A 340 -12.42 -8.45 40.03
C SER A 340 -12.38 -9.99 39.86
N ALA A 341 -11.35 -10.64 40.40
CA ALA A 341 -11.23 -12.10 40.33
C ALA A 341 -12.39 -12.87 41.00
N ASP A 342 -12.59 -14.14 40.66
CA ASP A 342 -13.58 -14.99 41.34
C ASP A 342 -13.15 -14.97 42.80
N LEU A 343 -12.41 -16.00 43.20
CA LEU A 343 -11.73 -16.01 44.50
C LEU A 343 -12.67 -16.22 45.68
N ALA A 344 -12.78 -17.45 46.14
CA ALA A 344 -13.58 -17.75 47.30
C ALA A 344 -13.00 -18.99 47.92
N GLN A 345 -13.01 -19.07 49.24
CA GLN A 345 -12.47 -20.26 49.87
C GLN A 345 -13.26 -21.47 49.36
N GLN A 346 -12.60 -22.62 49.23
CA GLN A 346 -13.25 -23.80 48.65
C GLN A 346 -13.26 -25.00 49.57
N PHE A 347 -12.17 -25.18 50.32
CA PHE A 347 -12.08 -26.23 51.33
C PHE A 347 -11.69 -25.63 52.70
N CYS A 348 -12.09 -26.31 53.79
CA CYS A 348 -11.83 -25.82 55.14
C CYS A 348 -11.66 -26.96 56.14
N VAL A 349 -11.39 -26.60 57.39
CA VAL A 349 -11.34 -27.57 58.51
C VAL A 349 -12.17 -27.10 59.75
N GLY A 350 -13.47 -26.89 59.58
CA GLY A 350 -14.31 -26.28 60.61
C GLY A 350 -14.17 -24.76 60.71
N ASP A 351 -13.19 -24.21 59.98
CA ASP A 351 -12.85 -22.78 60.01
C ASP A 351 -12.86 -22.13 58.62
N ASN A 352 -13.90 -21.36 58.31
CA ASN A 352 -14.04 -20.74 56.98
C ASN A 352 -14.27 -19.22 57.02
N LYS A 353 -14.25 -18.58 55.85
CA LYS A 353 -14.41 -17.14 55.78
C LYS A 353 -15.70 -16.71 55.09
N TYR A 354 -16.70 -16.31 55.88
CA TYR A 354 -17.93 -15.71 55.37
C TYR A 354 -17.61 -14.28 54.97
N THR A 355 -17.59 -14.04 53.66
CA THR A 355 -17.06 -12.78 53.12
C THR A 355 -17.88 -11.51 53.41
N PRO A 356 -19.20 -11.52 53.07
CA PRO A 356 -20.06 -10.32 53.10
C PRO A 356 -20.17 -9.54 54.42
N ASP A 357 -19.13 -8.78 54.68
CA ASP A 357 -19.17 -7.72 55.67
C ASP A 357 -18.88 -6.37 55.01
N ASP A 358 -19.21 -5.30 55.75
CA ASP A 358 -19.21 -3.91 55.30
C ASP A 358 -19.55 -3.73 53.82
N THR A 364 -15.47 4.74 46.95
CA THR A 364 -16.62 5.65 46.85
C THR A 364 -17.36 5.53 45.50
N THR A 365 -17.23 6.56 44.66
CA THR A 365 -18.04 6.66 43.46
C THR A 365 -17.31 6.14 42.23
N ASN A 366 -16.12 6.70 41.97
CA ASN A 366 -15.37 6.34 40.78
C ASN A 366 -14.73 4.96 40.88
N ALA A 367 -14.88 4.31 42.04
CA ALA A 367 -14.44 2.92 42.21
C ALA A 367 -15.42 1.93 41.54
N PRO A 368 -14.91 1.08 40.66
CA PRO A 368 -15.73 0.18 39.84
C PRO A 368 -16.42 -0.89 40.67
N PRO A 369 -17.54 -1.42 40.17
CA PRO A 369 -18.38 -2.46 40.78
C PRO A 369 -17.60 -3.67 41.28
N GLN A 370 -18.21 -4.43 42.18
CA GLN A 370 -17.50 -5.46 42.94
C GLN A 370 -17.56 -6.83 42.28
N GLY A 371 -18.55 -7.05 41.43
CA GLY A 371 -18.68 -8.30 40.72
C GLY A 371 -18.50 -8.14 39.24
N ARG A 372 -19.24 -8.95 38.49
CA ARG A 372 -19.18 -8.97 37.04
C ARG A 372 -20.57 -8.83 36.44
N ASP A 373 -21.39 -7.97 37.02
CA ASP A 373 -22.73 -7.84 36.45
C ASP A 373 -22.84 -6.70 35.44
N VAL A 374 -23.44 -7.01 34.29
CA VAL A 374 -23.58 -6.05 33.20
C VAL A 374 -24.20 -4.72 33.62
N VAL A 375 -25.24 -4.78 34.44
CA VAL A 375 -25.95 -3.56 34.78
C VAL A 375 -25.14 -2.68 35.72
N GLU A 376 -24.59 -3.26 36.77
CA GLU A 376 -23.70 -2.51 37.64
C GLU A 376 -22.63 -1.81 36.79
N TRP A 377 -22.03 -2.56 35.88
CA TRP A 377 -20.88 -2.09 35.11
C TRP A 377 -21.24 -1.06 34.04
N LEU A 378 -22.39 -1.28 33.40
CA LEU A 378 -22.90 -0.34 32.41
C LEU A 378 -23.15 1.00 33.07
N GLY A 379 -23.77 0.96 34.26
CA GLY A 379 -24.00 2.15 35.06
C GLY A 379 -22.73 2.85 35.46
N TRP A 380 -21.76 2.09 35.97
CA TRP A 380 -20.46 2.66 36.30
C TRP A 380 -19.80 3.36 35.10
N PHE A 381 -20.06 2.82 33.89
CA PHE A 381 -19.50 3.36 32.66
C PHE A 381 -20.20 4.68 32.26
N GLU A 382 -21.52 4.75 32.37
CA GLU A 382 -22.23 6.03 32.23
C GLU A 382 -21.57 7.08 33.13
N ASP A 383 -21.48 6.75 34.41
CA ASP A 383 -20.81 7.59 35.40
C ASP A 383 -19.48 8.16 34.92
N GLN A 384 -18.73 7.38 34.13
CA GLN A 384 -17.38 7.78 33.75
C GLN A 384 -17.30 8.48 32.39
N ASN A 385 -18.44 8.95 31.90
CA ASN A 385 -18.55 9.68 30.62
C ASN A 385 -18.53 8.78 29.38
N ARG A 386 -18.90 7.52 29.56
CA ARG A 386 -18.86 6.53 28.51
C ARG A 386 -17.54 6.53 27.73
N LYS A 387 -16.47 6.96 28.40
CA LYS A 387 -15.11 6.91 27.85
C LYS A 387 -14.19 6.15 28.82
N PRO A 388 -13.36 5.24 28.30
CA PRO A 388 -12.55 4.40 29.19
C PRO A 388 -11.65 5.17 30.18
N THR A 389 -11.64 4.74 31.44
CA THR A 389 -10.80 5.37 32.46
C THR A 389 -9.36 5.01 32.18
N PRO A 390 -8.42 5.89 32.57
CA PRO A 390 -6.99 5.68 32.30
C PRO A 390 -6.46 4.37 32.91
N ASP A 391 -7.12 3.88 33.97
CA ASP A 391 -6.70 2.61 34.55
C ASP A 391 -7.00 1.46 33.60
N MET A 392 -8.21 1.42 33.07
CA MET A 392 -8.59 0.35 32.16
C MET A 392 -7.86 0.47 30.83
N MET A 393 -7.48 1.69 30.48
CA MET A 393 -6.60 1.91 29.34
C MET A 393 -5.21 1.35 29.62
N GLN A 394 -4.79 1.44 30.87
CA GLN A 394 -3.50 0.94 31.31
C GLN A 394 -3.57 -0.59 31.42
N TYR A 395 -4.75 -1.10 31.77
CA TYR A 395 -4.96 -2.54 31.90
C TYR A 395 -4.74 -3.21 30.55
N ALA A 396 -5.28 -2.55 29.52
CA ALA A 396 -5.20 -3.00 28.14
C ALA A 396 -3.77 -2.94 27.64
N LYS A 397 -3.04 -1.89 28.03
CA LYS A 397 -1.63 -1.78 27.62
C LYS A 397 -0.77 -2.97 28.11
N ARG A 398 -0.91 -3.30 29.38
CA ARG A 398 -0.14 -4.41 29.96
C ARG A 398 -0.42 -5.73 29.27
N ALA A 399 -1.65 -5.92 28.81
CA ALA A 399 -2.02 -7.20 28.19
C ALA A 399 -1.50 -7.36 26.76
N VAL A 400 -1.30 -6.25 26.05
CA VAL A 400 -0.87 -6.32 24.65
C VAL A 400 0.60 -5.95 24.45
N MET A 401 1.13 -5.03 25.24
CA MET A 401 2.57 -4.80 25.21
C MET A 401 3.26 -6.15 25.46
N SER A 402 4.45 -6.35 24.91
CA SER A 402 5.21 -7.57 25.19
C SER A 402 4.70 -8.84 24.48
N LEU A 403 3.70 -8.69 23.61
CA LEU A 403 3.40 -9.74 22.65
C LEU A 403 4.42 -9.57 21.54
N GLN A 404 4.76 -10.66 20.86
CA GLN A 404 5.59 -10.53 19.66
C GLN A 404 5.28 -11.54 18.59
N GLY A 405 5.75 -11.24 17.39
CA GLY A 405 5.59 -12.14 16.26
C GLY A 405 4.21 -12.01 15.67
N LEU A 406 3.67 -10.79 15.73
CA LEU A 406 2.32 -10.55 15.28
C LEU A 406 2.19 -10.41 13.77
N ARG A 407 1.42 -11.33 13.18
CA ARG A 407 1.19 -11.37 11.74
C ARG A 407 0.31 -10.20 11.31
N GLU A 408 0.47 -9.73 10.08
CA GLU A 408 -0.30 -8.60 9.59
C GLU A 408 -1.76 -9.03 9.43
N LYS A 409 -2.67 -8.16 9.89
CA LYS A 409 -4.12 -8.40 9.81
C LYS A 409 -4.70 -9.35 10.86
N THR A 410 -4.04 -9.54 12.00
CA THR A 410 -4.62 -10.35 13.08
C THR A 410 -5.27 -9.44 14.13
N ILE A 411 -6.22 -9.97 14.91
CA ILE A 411 -6.84 -9.13 15.95
C ILE A 411 -5.78 -8.89 17.02
N GLY A 412 -4.72 -9.68 16.96
CA GLY A 412 -3.57 -9.45 17.82
C GLY A 412 -2.83 -8.18 17.45
N LYS A 413 -2.45 -8.04 16.18
CA LYS A 413 -1.70 -6.84 15.77
C LYS A 413 -2.56 -5.62 15.94
N TYR A 414 -3.87 -5.80 15.76
CA TYR A 414 -4.78 -4.68 15.91
C TYR A 414 -4.74 -4.21 17.34
N ALA A 415 -4.77 -5.16 18.26
CA ALA A 415 -4.86 -4.84 19.67
C ALA A 415 -3.62 -4.13 20.19
N LYS A 416 -2.43 -4.55 19.76
CA LYS A 416 -1.18 -3.95 20.24
C LYS A 416 -1.06 -2.55 19.70
N SER A 417 -1.30 -2.41 18.41
CA SER A 417 -1.20 -1.12 17.75
C SER A 417 -2.17 -0.10 18.37
N GLU A 418 -3.28 -0.59 18.91
CA GLU A 418 -4.32 0.29 19.45
C GLU A 418 -4.09 0.63 20.92
N PHE A 419 -3.41 -0.25 21.67
CA PHE A 419 -3.24 -0.01 23.09
C PHE A 419 -1.79 0.24 23.52
N ASP A 420 -0.83 -0.52 22.99
CA ASP A 420 0.57 -0.27 23.33
C ASP A 420 1.09 0.88 22.53
N LYS A 421 0.95 2.06 23.11
CA LYS A 421 1.39 3.30 22.52
C LYS A 421 2.84 3.25 22.00
N SER B 1 -20.68 35.36 -11.84
CA SER B 1 -21.86 36.17 -12.14
C SER B 1 -21.68 37.67 -11.88
N VAL B 2 -20.69 38.06 -11.09
CA VAL B 2 -20.64 39.46 -10.66
C VAL B 2 -19.47 40.26 -11.24
N THR B 3 -19.22 41.45 -10.70
CA THR B 3 -18.32 42.39 -11.33
C THR B 3 -17.04 42.62 -10.54
N VAL B 4 -15.91 42.25 -11.11
CA VAL B 4 -14.62 42.51 -10.47
C VAL B 4 -14.02 43.74 -11.14
N LYS B 5 -13.66 44.74 -10.36
CA LYS B 5 -13.03 45.92 -10.94
C LYS B 5 -11.68 46.16 -10.30
N ARG B 6 -10.72 46.62 -11.08
CA ARG B 6 -9.38 46.87 -10.60
C ARG B 6 -9.25 48.22 -9.92
N ILE B 7 -8.98 48.24 -8.61
CA ILE B 7 -9.10 49.51 -7.90
C ILE B 7 -8.20 50.63 -8.44
N ILE B 8 -6.89 50.40 -8.52
CA ILE B 8 -5.98 51.47 -8.94
C ILE B 8 -6.51 52.36 -10.08
N ASP B 9 -7.09 51.77 -11.11
CA ASP B 9 -7.53 52.58 -12.25
C ASP B 9 -9.02 52.40 -12.58
N ASN B 10 -9.75 51.83 -11.63
CA ASN B 10 -11.17 51.47 -11.83
C ASN B 10 -11.56 50.95 -13.23
N THR B 11 -10.92 49.87 -13.66
CA THR B 11 -11.31 49.17 -14.88
C THR B 11 -11.86 47.78 -14.57
N VAL B 12 -12.65 47.26 -15.49
CA VAL B 12 -13.20 45.94 -15.32
C VAL B 12 -12.19 44.86 -15.71
N ILE B 13 -12.22 43.74 -15.01
CA ILE B 13 -11.46 42.56 -15.37
C ILE B 13 -12.48 41.45 -15.27
N VAL B 14 -12.44 40.49 -16.19
CA VAL B 14 -13.46 39.45 -16.24
C VAL B 14 -12.85 38.09 -16.04
N PRO B 15 -12.51 37.75 -14.80
CA PRO B 15 -11.77 36.50 -14.59
C PRO B 15 -12.53 35.33 -15.16
N LYS B 16 -11.85 34.58 -16.01
CA LYS B 16 -12.38 33.38 -16.62
C LYS B 16 -11.25 32.35 -16.66
N LEU B 17 -11.59 31.08 -16.75
CA LEU B 17 -10.55 30.06 -16.94
C LEU B 17 -10.94 28.88 -17.87
N PRO B 18 -9.94 28.21 -18.46
CA PRO B 18 -10.20 27.20 -19.50
C PRO B 18 -11.38 26.29 -19.18
N ALA B 19 -12.13 25.94 -20.22
CA ALA B 19 -13.29 25.06 -20.09
C ALA B 19 -12.86 23.65 -19.76
N ASN B 20 -13.70 22.95 -19.00
CA ASN B 20 -13.51 21.52 -18.77
C ASN B 20 -14.81 20.82 -19.06
N GLU B 21 -14.76 19.53 -19.40
CA GLU B 21 -15.96 18.87 -19.88
C GLU B 21 -16.16 17.41 -19.41
N ASP B 22 -15.95 16.47 -20.32
CA ASP B 22 -16.49 15.11 -20.15
C ASP B 22 -17.47 14.95 -18.97
N PRO B 23 -18.76 15.17 -19.26
CA PRO B 23 -19.91 14.87 -18.42
C PRO B 23 -20.06 13.38 -18.27
N VAL B 24 -20.56 12.92 -17.13
CA VAL B 24 -20.74 11.50 -16.93
C VAL B 24 -21.91 11.05 -17.78
N GLU B 25 -22.03 9.75 -17.97
CA GLU B 25 -23.12 9.16 -18.73
C GLU B 25 -23.75 8.05 -17.90
N TYR B 26 -25.02 8.19 -17.56
CA TYR B 26 -25.71 7.18 -16.75
C TYR B 26 -26.17 5.97 -17.57
N PRO B 27 -26.36 4.82 -16.92
CA PRO B 27 -26.74 3.65 -17.70
C PRO B 27 -28.15 3.77 -18.24
N ALA B 28 -29.11 4.12 -17.40
CA ALA B 28 -30.49 4.21 -17.87
C ALA B 28 -30.59 5.06 -19.11
N ASP B 29 -30.05 6.28 -19.04
CA ASP B 29 -30.18 7.26 -20.12
C ASP B 29 -29.45 6.71 -21.41
N TYR B 30 -29.28 5.38 -21.49
CA TYR B 30 -28.70 4.69 -22.67
C TYR B 30 -29.62 3.66 -23.31
N PHE B 31 -30.45 3.02 -22.49
CA PHE B 31 -31.48 2.15 -23.02
C PHE B 31 -32.65 3.01 -23.51
N ARG B 32 -32.42 4.31 -23.53
CA ARG B 32 -33.35 5.25 -24.14
C ARG B 32 -33.10 5.22 -25.64
N LYS B 33 -31.83 5.15 -26.01
CA LYS B 33 -31.42 5.13 -27.42
C LYS B 33 -31.60 3.73 -28.01
N SER B 34 -30.65 2.83 -27.75
CA SER B 34 -30.73 1.45 -28.23
C SER B 34 -31.53 0.59 -27.25
N LYS B 35 -31.79 -0.67 -27.60
CA LYS B 35 -32.50 -1.56 -26.69
C LYS B 35 -31.87 -2.96 -26.70
N GLU B 36 -30.59 -3.02 -27.04
CA GLU B 36 -29.86 -4.28 -27.11
C GLU B 36 -28.34 -4.05 -27.03
N ILE B 37 -27.60 -5.08 -26.63
CA ILE B 37 -26.15 -4.96 -26.59
C ILE B 37 -25.49 -5.90 -27.60
N PRO B 38 -24.93 -5.33 -28.66
CA PRO B 38 -24.29 -6.05 -29.76
C PRO B 38 -23.02 -6.79 -29.36
N LEU B 39 -22.97 -8.09 -29.56
CA LEU B 39 -21.74 -8.85 -29.34
C LEU B 39 -21.20 -9.34 -30.70
N TYR B 40 -20.22 -8.64 -31.27
CA TYR B 40 -19.72 -8.99 -32.61
C TYR B 40 -18.71 -10.13 -32.60
N ILE B 41 -19.18 -11.31 -32.99
CA ILE B 41 -18.29 -12.44 -33.16
C ILE B 41 -18.26 -12.88 -34.64
N ASN B 42 -18.36 -11.87 -35.51
CA ASN B 42 -18.20 -12.00 -36.97
C ASN B 42 -17.93 -13.44 -37.43
N THR B 43 -16.65 -13.80 -37.41
CA THR B 43 -16.23 -15.14 -37.78
C THR B 43 -16.88 -16.18 -36.86
N THR B 44 -17.53 -17.14 -37.51
CA THR B 44 -17.99 -18.37 -36.88
C THR B 44 -17.53 -19.54 -37.77
N LYS B 45 -16.52 -20.28 -37.28
CA LYS B 45 -15.82 -21.29 -38.06
C LYS B 45 -15.26 -22.41 -37.19
N SER B 46 -16.06 -23.47 -37.00
CA SER B 46 -15.65 -24.71 -36.31
C SER B 46 -15.33 -24.50 -34.84
N LEU B 47 -16.23 -24.96 -33.96
CA LEU B 47 -16.02 -24.86 -32.52
C LEU B 47 -14.78 -25.65 -32.10
N SER B 48 -14.26 -26.47 -33.03
CA SER B 48 -13.15 -27.39 -32.77
C SER B 48 -11.84 -26.98 -33.45
N ASP B 49 -11.95 -26.28 -34.58
CA ASP B 49 -10.77 -25.66 -35.19
C ASP B 49 -10.24 -24.59 -34.26
N LEU B 50 -11.17 -23.79 -33.71
CA LEU B 50 -10.87 -22.68 -32.79
C LEU B 50 -10.15 -23.14 -31.54
N ARG B 51 -10.65 -24.22 -30.94
CA ARG B 51 -9.99 -24.86 -29.80
C ARG B 51 -8.48 -24.96 -29.99
N GLY B 52 -8.06 -25.22 -31.23
CA GLY B 52 -6.65 -25.39 -31.58
C GLY B 52 -5.90 -24.09 -31.86
N TYR B 53 -6.49 -23.21 -32.65
CA TYR B 53 -5.90 -21.90 -32.94
C TYR B 53 -5.42 -21.24 -31.66
N VAL B 54 -6.25 -21.33 -30.62
CA VAL B 54 -5.94 -20.72 -29.32
C VAL B 54 -4.98 -21.60 -28.53
N TYR B 55 -5.25 -22.90 -28.47
CA TYR B 55 -4.37 -23.78 -27.70
C TYR B 55 -2.90 -23.55 -28.09
N GLN B 56 -2.61 -23.50 -29.39
CA GLN B 56 -1.24 -23.26 -29.85
C GLN B 56 -0.88 -21.77 -29.77
N GLY B 57 -1.74 -20.94 -30.36
CA GLY B 57 -1.52 -19.50 -30.39
C GLY B 57 -1.18 -18.93 -29.03
N LEU B 58 -1.46 -19.71 -27.98
CA LEU B 58 -1.25 -19.28 -26.60
C LEU B 58 0.15 -19.56 -26.06
N LYS B 59 0.85 -20.51 -26.69
CA LYS B 59 2.22 -20.80 -26.30
C LYS B 59 3.18 -19.89 -27.10
N SER B 60 2.68 -18.72 -27.46
CA SER B 60 3.42 -17.76 -28.27
C SER B 60 2.61 -16.45 -28.42
N GLY B 61 3.29 -15.32 -28.35
CA GLY B 61 2.63 -14.03 -28.37
C GLY B 61 2.13 -13.58 -29.73
N ASN B 62 0.96 -14.08 -30.13
CA ASN B 62 0.40 -13.74 -31.44
C ASN B 62 -1.02 -14.26 -31.70
N VAL B 63 -1.64 -14.89 -30.68
CA VAL B 63 -3.02 -15.37 -30.80
C VAL B 63 -4.00 -14.21 -30.96
N SER B 64 -4.88 -14.32 -31.96
CA SER B 64 -5.76 -13.21 -32.28
C SER B 64 -6.88 -13.10 -31.28
N ILE B 65 -7.06 -11.90 -30.75
CA ILE B 65 -8.17 -11.65 -29.85
C ILE B 65 -9.49 -12.01 -30.55
N ILE B 66 -9.51 -11.97 -31.89
CA ILE B 66 -10.74 -12.30 -32.61
C ILE B 66 -11.02 -13.79 -32.48
N HIS B 67 -9.98 -14.55 -32.17
CA HIS B 67 -10.09 -15.99 -32.12
C HIS B 67 -10.60 -16.46 -30.78
N VAL B 68 -10.13 -15.83 -29.71
CA VAL B 68 -10.64 -16.16 -28.36
C VAL B 68 -12.13 -15.84 -28.24
N ASN B 69 -12.53 -14.64 -28.64
CA ASN B 69 -13.95 -14.29 -28.58
C ASN B 69 -14.77 -15.38 -29.24
N SER B 70 -14.30 -15.82 -30.41
CA SER B 70 -15.03 -16.79 -31.22
C SER B 70 -15.06 -18.13 -30.52
N TYR B 71 -13.91 -18.52 -29.95
CA TYR B 71 -13.81 -19.76 -29.18
C TYR B 71 -14.69 -19.72 -27.95
N LEU B 72 -14.52 -18.66 -27.16
CA LEU B 72 -15.33 -18.44 -25.97
C LEU B 72 -16.80 -18.57 -26.29
N TYR B 73 -17.28 -17.85 -27.30
CA TYR B 73 -18.67 -17.96 -27.67
C TYR B 73 -18.99 -19.44 -27.78
N GLY B 74 -18.17 -20.16 -28.54
CA GLY B 74 -18.45 -21.54 -28.90
C GLY B 74 -18.40 -22.54 -27.77
N ALA B 75 -17.52 -22.33 -26.81
CA ALA B 75 -17.43 -23.23 -25.68
C ALA B 75 -18.39 -22.87 -24.54
N LEU B 76 -19.06 -21.72 -24.65
CA LEU B 76 -19.87 -21.19 -23.56
C LEU B 76 -21.38 -21.16 -23.79
N LYS B 77 -21.85 -21.42 -25.00
CA LYS B 77 -23.30 -21.45 -25.21
C LYS B 77 -23.96 -22.66 -24.56
N ASP B 78 -23.41 -23.08 -23.42
CA ASP B 78 -24.19 -23.89 -22.47
C ASP B 78 -25.49 -23.12 -22.14
N ILE B 79 -26.58 -23.57 -22.76
CA ILE B 79 -27.86 -22.89 -22.60
C ILE B 79 -28.45 -23.29 -21.24
N ARG B 80 -27.57 -23.49 -20.25
CA ARG B 80 -27.96 -23.98 -18.94
C ARG B 80 -28.52 -22.86 -18.07
N GLY B 81 -29.07 -23.19 -16.90
CA GLY B 81 -29.68 -22.19 -16.05
C GLY B 81 -31.18 -21.93 -16.21
N LYS B 82 -31.93 -22.17 -15.14
CA LYS B 82 -33.40 -22.09 -15.14
C LYS B 82 -33.84 -21.03 -14.13
N LEU B 83 -34.65 -20.07 -14.60
CA LEU B 83 -35.12 -18.98 -13.74
C LEU B 83 -36.24 -19.44 -12.82
N ASP B 84 -36.07 -19.23 -11.52
CA ASP B 84 -37.13 -19.51 -10.58
C ASP B 84 -38.13 -18.35 -10.52
N LYS B 85 -37.61 -17.13 -10.35
CA LYS B 85 -38.45 -15.94 -10.41
C LYS B 85 -38.46 -15.35 -11.82
N ASP B 86 -38.69 -14.06 -11.92
CA ASP B 86 -38.60 -13.34 -13.18
C ASP B 86 -37.32 -12.50 -13.22
N TRP B 87 -36.78 -12.28 -14.41
CA TRP B 87 -35.60 -11.45 -14.55
C TRP B 87 -35.83 -10.31 -15.54
N SER B 88 -35.58 -9.09 -15.09
CA SER B 88 -35.90 -7.92 -15.89
C SER B 88 -35.05 -6.73 -15.45
N SER B 89 -34.54 -5.97 -16.41
CA SER B 89 -33.70 -4.83 -16.09
C SER B 89 -33.75 -3.75 -17.16
N PHE B 90 -34.09 -2.53 -16.74
CA PHE B 90 -34.11 -1.35 -17.61
C PHE B 90 -35.14 -1.43 -18.74
N GLY B 91 -36.19 -2.22 -18.55
CA GLY B 91 -37.17 -2.43 -19.59
C GLY B 91 -36.90 -3.70 -20.37
N ILE B 92 -35.64 -4.04 -20.54
CA ILE B 92 -35.28 -5.24 -21.26
C ILE B 92 -35.73 -6.49 -20.49
N ASN B 93 -36.63 -7.27 -21.08
CA ASN B 93 -37.01 -8.56 -20.51
C ASN B 93 -36.05 -9.66 -20.97
N ILE B 94 -35.34 -10.30 -20.06
CA ILE B 94 -34.34 -11.26 -20.47
C ILE B 94 -34.76 -12.66 -20.11
N GLY B 95 -36.01 -12.82 -19.69
CA GLY B 95 -36.54 -14.12 -19.30
C GLY B 95 -37.63 -14.03 -18.23
N LYS B 96 -38.61 -14.94 -18.29
CA LYS B 96 -39.71 -14.92 -17.32
C LYS B 96 -40.05 -16.31 -16.80
N ALA B 97 -41.17 -16.41 -16.09
CA ALA B 97 -41.65 -17.69 -15.58
C ALA B 97 -40.92 -18.85 -16.26
N GLY B 98 -39.90 -19.37 -15.58
CA GLY B 98 -39.58 -20.78 -15.65
C GLY B 98 -38.57 -21.10 -16.75
N ASP B 99 -38.40 -20.16 -17.67
CA ASP B 99 -37.63 -20.41 -18.90
C ASP B 99 -36.24 -20.94 -18.57
N THR B 100 -35.54 -21.45 -19.59
CA THR B 100 -34.11 -21.61 -19.47
C THR B 100 -33.48 -20.49 -20.29
N ILE B 101 -32.33 -19.99 -19.84
CA ILE B 101 -31.56 -18.97 -20.56
C ILE B 101 -30.08 -19.32 -20.59
N GLY B 102 -29.37 -18.82 -21.59
CA GLY B 102 -27.93 -19.03 -21.70
C GLY B 102 -27.18 -17.71 -21.59
N ILE B 103 -25.89 -17.78 -21.30
CA ILE B 103 -25.08 -16.58 -21.08
C ILE B 103 -25.31 -15.54 -22.15
N PHE B 104 -25.44 -15.98 -23.39
CA PHE B 104 -25.49 -15.03 -24.49
C PHE B 104 -26.89 -14.53 -24.82
N ASP B 105 -27.82 -14.73 -23.89
CA ASP B 105 -29.13 -14.11 -23.98
C ASP B 105 -28.96 -12.63 -23.67
N LEU B 106 -27.87 -12.09 -24.23
CA LEU B 106 -27.50 -10.68 -24.19
C LEU B 106 -26.84 -10.23 -25.55
N VAL B 107 -27.49 -10.67 -26.66
CA VAL B 107 -27.67 -9.97 -27.98
C VAL B 107 -26.67 -10.11 -29.18
N SER B 108 -26.62 -11.30 -29.79
CA SER B 108 -25.57 -11.67 -30.76
C SER B 108 -25.73 -11.16 -32.21
N LEU B 109 -24.70 -10.46 -32.70
CA LEU B 109 -24.60 -10.02 -34.10
C LEU B 109 -23.23 -10.45 -34.64
N LYS B 110 -22.99 -10.29 -35.95
CA LYS B 110 -21.71 -10.66 -36.57
C LYS B 110 -21.20 -9.63 -37.59
N ALA B 111 -19.92 -9.68 -37.96
CA ALA B 111 -19.37 -8.68 -38.90
C ALA B 111 -18.20 -9.12 -39.82
N LEU B 112 -17.30 -8.17 -40.09
CA LEU B 112 -16.27 -8.27 -41.15
C LEU B 112 -15.38 -9.53 -41.12
N ASP B 113 -14.46 -9.63 -42.09
CA ASP B 113 -13.71 -10.87 -42.31
C ASP B 113 -12.19 -10.71 -42.62
N GLY B 114 -11.43 -10.33 -41.60
CA GLY B 114 -9.97 -10.31 -41.70
C GLY B 114 -9.37 -11.42 -40.85
N VAL B 115 -9.72 -12.66 -41.18
CA VAL B 115 -9.36 -13.81 -40.34
C VAL B 115 -7.90 -14.22 -40.45
N LEU B 116 -7.44 -14.96 -39.44
CA LEU B 116 -6.05 -15.38 -39.32
C LEU B 116 -5.90 -16.83 -39.81
N PRO B 117 -4.82 -17.56 -39.42
CA PRO B 117 -4.57 -18.93 -39.91
C PRO B 117 -5.75 -19.79 -40.46
N ASP B 118 -5.41 -20.71 -41.37
CA ASP B 118 -6.34 -21.41 -42.28
C ASP B 118 -7.19 -22.59 -41.75
N GLY B 119 -8.42 -22.69 -42.26
CA GLY B 119 -9.28 -23.87 -42.14
C GLY B 119 -9.24 -24.73 -40.88
N VAL B 120 -8.65 -25.92 -40.99
CA VAL B 120 -8.56 -26.90 -39.88
C VAL B 120 -7.19 -26.88 -39.21
N SER B 121 -7.07 -26.08 -38.16
CA SER B 121 -5.77 -25.69 -37.60
C SER B 121 -4.96 -26.80 -36.91
N ASP B 122 -4.38 -26.42 -35.76
CA ASP B 122 -3.48 -27.26 -34.96
C ASP B 122 -4.25 -28.37 -34.23
N ALA B 123 -4.90 -29.25 -35.00
CA ALA B 123 -5.92 -30.18 -34.51
C ALA B 123 -5.41 -31.31 -33.60
N SER B 124 -4.60 -30.96 -32.61
CA SER B 124 -4.10 -31.93 -31.65
C SER B 124 -5.06 -32.15 -30.48
N ARG B 125 -5.85 -31.12 -30.15
CA ARG B 125 -6.56 -31.05 -28.87
C ARG B 125 -8.01 -31.53 -28.88
N THR B 126 -8.38 -32.20 -27.77
CA THR B 126 -9.67 -32.82 -27.55
C THR B 126 -10.62 -31.93 -26.74
N SER B 127 -11.70 -32.50 -26.21
CA SER B 127 -12.63 -31.76 -25.35
C SER B 127 -12.08 -31.48 -23.94
N ALA B 128 -10.81 -31.07 -23.85
CA ALA B 128 -10.28 -30.46 -22.64
C ALA B 128 -11.17 -29.26 -22.40
N ASP B 129 -11.22 -28.39 -23.41
CA ASP B 129 -12.35 -27.50 -23.69
C ASP B 129 -13.01 -26.81 -22.50
N ASP B 130 -14.33 -26.62 -22.62
CA ASP B 130 -15.22 -26.09 -21.56
C ASP B 130 -14.65 -26.29 -20.16
N LYS B 131 -14.38 -27.55 -19.82
CA LYS B 131 -13.85 -27.93 -18.52
C LYS B 131 -12.89 -26.88 -17.90
N TRP B 132 -12.10 -26.18 -18.73
CA TRP B 132 -11.02 -25.35 -18.17
C TRP B 132 -10.43 -24.28 -19.08
N LEU B 133 -10.43 -24.49 -20.41
CA LEU B 133 -9.83 -23.52 -21.33
C LEU B 133 -10.51 -22.16 -21.25
N PRO B 134 -11.86 -22.12 -21.27
CA PRO B 134 -12.54 -20.84 -21.10
C PRO B 134 -12.25 -20.17 -19.74
N LEU B 135 -12.16 -20.96 -18.67
CA LEU B 135 -11.87 -20.39 -17.34
C LEU B 135 -10.51 -19.70 -17.26
N TYR B 136 -9.61 -20.14 -18.14
CA TYR B 136 -8.25 -19.60 -18.20
C TYR B 136 -8.25 -18.29 -18.97
N LEU B 137 -8.86 -18.31 -20.15
CA LEU B 137 -8.96 -17.12 -20.98
C LEU B 137 -9.62 -15.99 -20.20
N LEU B 138 -10.67 -16.33 -19.47
CA LEU B 138 -11.39 -15.35 -18.67
C LEU B 138 -10.55 -14.96 -17.48
N GLY B 139 -9.83 -15.93 -16.92
CA GLY B 139 -8.91 -15.66 -15.83
C GLY B 139 -7.97 -14.49 -16.15
N LEU B 140 -7.33 -14.52 -17.31
CA LEU B 140 -6.33 -13.53 -17.69
C LEU B 140 -6.88 -12.09 -17.73
N TYR B 141 -8.17 -11.94 -17.96
CA TYR B 141 -8.75 -10.60 -18.00
C TYR B 141 -8.45 -9.89 -16.70
N ARG B 142 -8.47 -10.66 -15.62
CA ARG B 142 -8.26 -10.12 -14.27
C ARG B 142 -6.80 -9.83 -14.02
N VAL B 143 -5.94 -10.79 -14.33
CA VAL B 143 -4.51 -10.64 -14.15
C VAL B 143 -4.01 -9.44 -14.94
N GLY B 144 -4.76 -9.06 -15.96
CA GLY B 144 -4.44 -7.89 -16.76
C GLY B 144 -4.72 -6.53 -16.13
N ARG B 145 -5.62 -6.48 -15.13
CA ARG B 145 -5.97 -5.22 -14.44
C ARG B 145 -4.83 -4.69 -13.56
N THR B 146 -4.21 -5.57 -12.79
CA THR B 146 -3.25 -5.19 -11.76
C THR B 146 -1.86 -4.83 -12.29
N GLN B 147 -1.36 -3.69 -11.83
CA GLN B 147 -0.06 -3.16 -12.27
C GLN B 147 1.14 -3.81 -11.54
N MET B 148 1.15 -3.70 -10.21
CA MET B 148 2.25 -4.22 -9.39
C MET B 148 2.53 -5.72 -9.61
N PRO B 149 3.57 -6.26 -8.93
CA PRO B 149 3.87 -7.69 -8.98
C PRO B 149 2.80 -8.56 -8.31
N GLU B 150 1.71 -7.96 -7.84
CA GLU B 150 0.56 -8.70 -7.34
C GLU B 150 -0.07 -9.52 -8.47
N TYR B 151 0.36 -9.26 -9.70
CA TYR B 151 -0.20 -9.92 -10.86
C TYR B 151 0.10 -11.44 -10.86
N ARG B 152 1.37 -11.81 -10.79
CA ARG B 152 1.73 -13.23 -10.70
C ARG B 152 1.29 -13.81 -9.35
N LYS B 153 1.10 -12.92 -8.37
CA LYS B 153 0.53 -13.29 -7.08
C LYS B 153 -0.86 -13.85 -7.32
N LYS B 154 -1.52 -13.30 -8.34
CA LYS B 154 -2.90 -13.67 -8.66
C LYS B 154 -3.00 -14.60 -9.89
N LEU B 155 -1.88 -14.84 -10.59
CA LEU B 155 -1.88 -15.79 -11.73
C LEU B 155 -1.74 -17.23 -11.23
N MET B 156 -1.39 -17.36 -9.96
CA MET B 156 -1.39 -18.64 -9.29
C MET B 156 -2.82 -18.95 -8.86
N ASP B 157 -3.65 -17.92 -8.78
CA ASP B 157 -5.12 -18.08 -8.74
C ASP B 157 -5.49 -19.01 -9.89
N GLY B 158 -5.09 -18.63 -11.11
CA GLY B 158 -5.39 -19.39 -12.31
C GLY B 158 -4.98 -20.85 -12.16
N LEU B 159 -3.68 -21.09 -12.08
CA LEU B 159 -3.15 -22.46 -12.07
C LEU B 159 -3.98 -23.38 -11.17
N THR B 160 -4.05 -23.05 -9.88
CA THR B 160 -4.66 -23.93 -8.89
C THR B 160 -6.18 -24.06 -9.02
N ASN B 161 -6.80 -23.19 -9.81
CA ASN B 161 -8.23 -23.28 -10.04
C ASN B 161 -8.53 -24.07 -11.32
N GLN B 162 -7.48 -24.31 -12.10
CA GLN B 162 -7.60 -25.16 -13.29
C GLN B 162 -7.52 -26.62 -12.89
N CYS B 163 -6.57 -26.92 -12.02
CA CYS B 163 -6.33 -28.29 -11.59
C CYS B 163 -7.61 -28.97 -11.14
N LYS B 164 -8.66 -28.18 -10.95
CA LYS B 164 -9.96 -28.72 -10.55
C LYS B 164 -10.51 -29.69 -11.58
N MET B 165 -10.09 -30.95 -11.45
CA MET B 165 -10.54 -32.08 -12.28
C MET B 165 -10.04 -32.00 -13.74
N ILE B 166 -8.76 -31.67 -13.91
CA ILE B 166 -8.20 -31.51 -15.25
C ILE B 166 -6.66 -31.29 -15.29
N ASN B 167 -6.15 -30.52 -14.33
CA ASN B 167 -4.71 -30.25 -14.14
C ASN B 167 -3.71 -30.32 -15.32
N GLU B 168 -3.30 -29.14 -15.78
CA GLU B 168 -2.14 -28.99 -16.67
C GLU B 168 -1.18 -28.05 -15.97
N GLN B 169 -0.63 -27.07 -16.68
CA GLN B 169 0.21 -26.04 -16.06
C GLN B 169 0.16 -24.70 -16.81
N PHE B 170 1.31 -24.02 -16.85
CA PHE B 170 1.44 -22.67 -17.44
C PHE B 170 0.95 -22.59 -18.90
N GLU B 171 1.31 -21.52 -19.60
CA GLU B 171 0.95 -21.37 -21.00
C GLU B 171 1.73 -20.27 -21.73
N PRO B 172 1.54 -19.00 -21.33
CA PRO B 172 2.30 -17.96 -22.04
C PRO B 172 3.75 -17.84 -21.56
N LEU B 173 4.32 -16.66 -21.76
CA LEU B 173 5.75 -16.47 -21.59
C LEU B 173 6.03 -15.09 -21.00
N VAL B 174 5.77 -14.08 -21.83
CA VAL B 174 6.15 -12.70 -21.58
C VAL B 174 5.36 -12.05 -20.44
N PRO B 175 6.08 -11.45 -19.48
CA PRO B 175 5.66 -10.79 -18.23
C PRO B 175 4.21 -10.26 -18.17
N GLU B 176 4.04 -8.98 -18.49
CA GLU B 176 2.73 -8.31 -18.41
C GLU B 176 3.37 -6.91 -18.21
N GLY B 177 2.60 -5.99 -17.63
CA GLY B 177 2.67 -4.53 -17.71
C GLY B 177 1.80 -4.03 -18.84
N ARG B 178 0.93 -4.92 -19.30
CA ARG B 178 0.12 -4.66 -20.48
C ARG B 178 0.91 -4.83 -21.79
N ASP B 179 0.88 -6.05 -22.32
CA ASP B 179 1.63 -6.42 -23.52
C ASP B 179 1.05 -7.66 -24.21
N ILE B 180 0.82 -8.71 -23.43
CA ILE B 180 0.47 -10.03 -23.96
C ILE B 180 -1.04 -10.26 -24.04
N PHE B 181 -1.59 -10.76 -22.94
CA PHE B 181 -3.03 -11.01 -22.83
C PHE B 181 -3.77 -9.81 -22.26
N ASP B 182 -3.05 -8.92 -21.60
CA ASP B 182 -3.66 -7.76 -20.95
C ASP B 182 -3.89 -6.60 -21.91
N VAL B 183 -3.95 -6.92 -23.19
CA VAL B 183 -4.38 -5.97 -24.20
C VAL B 183 -5.80 -6.34 -24.57
N TRP B 184 -6.20 -7.53 -24.13
CA TRP B 184 -7.52 -8.06 -24.40
C TRP B 184 -8.58 -7.13 -23.81
N GLY B 185 -8.17 -6.41 -22.76
CA GLY B 185 -9.04 -5.45 -22.12
C GLY B 185 -9.69 -4.55 -23.15
N ASN B 186 -8.90 -3.99 -24.05
CA ASN B 186 -9.43 -2.97 -24.95
C ASN B 186 -10.43 -3.46 -26.03
N ASP B 187 -10.58 -4.77 -26.17
CA ASP B 187 -11.45 -5.32 -27.20
C ASP B 187 -12.91 -5.24 -26.78
N SER B 188 -13.60 -4.19 -27.24
CA SER B 188 -15.02 -4.01 -26.96
C SER B 188 -15.84 -5.31 -26.86
N ASN B 189 -15.48 -6.34 -27.62
CA ASN B 189 -16.27 -7.57 -27.66
C ASN B 189 -15.85 -8.59 -26.61
N TYR B 190 -14.56 -8.59 -26.27
CA TYR B 190 -14.04 -9.45 -25.22
C TYR B 190 -14.65 -9.07 -23.88
N THR B 191 -14.57 -7.80 -23.50
CA THR B 191 -15.15 -7.34 -22.23
C THR B 191 -16.64 -7.70 -22.16
N LYS B 192 -17.35 -7.62 -23.28
CA LYS B 192 -18.77 -7.90 -23.30
C LYS B 192 -19.08 -9.35 -22.92
N ILE B 193 -18.25 -10.28 -23.37
CA ILE B 193 -18.39 -11.70 -23.00
C ILE B 193 -18.14 -11.87 -21.50
N VAL B 194 -17.14 -11.18 -20.98
CA VAL B 194 -16.79 -11.20 -19.57
C VAL B 194 -17.96 -10.69 -18.72
N ALA B 195 -18.45 -9.49 -19.01
CA ALA B 195 -19.61 -8.98 -18.32
C ALA B 195 -20.77 -9.96 -18.38
N ALA B 196 -21.14 -10.42 -19.57
CA ALA B 196 -22.22 -11.40 -19.71
C ALA B 196 -22.05 -12.65 -18.85
N VAL B 197 -20.86 -13.25 -18.86
CA VAL B 197 -20.57 -14.39 -17.99
C VAL B 197 -20.78 -14.05 -16.52
N ASP B 198 -20.14 -12.99 -16.05
CA ASP B 198 -20.22 -12.65 -14.64
C ASP B 198 -21.65 -12.34 -14.23
N MET B 199 -22.39 -11.65 -15.09
CA MET B 199 -23.74 -11.24 -14.74
C MET B 199 -24.63 -12.45 -14.70
N PHE B 200 -24.36 -13.41 -15.55
CA PHE B 200 -25.18 -14.59 -15.65
C PHE B 200 -24.95 -15.49 -14.45
N PHE B 201 -23.70 -15.63 -14.02
CA PHE B 201 -23.39 -16.46 -12.86
C PHE B 201 -23.61 -15.74 -11.53
N HIS B 202 -23.97 -14.46 -11.59
CA HIS B 202 -24.33 -13.76 -10.37
C HIS B 202 -25.81 -13.95 -10.13
N MET B 203 -26.48 -14.55 -11.11
CA MET B 203 -27.88 -14.90 -11.01
C MET B 203 -28.01 -16.37 -10.63
N PHE B 204 -27.37 -17.24 -11.40
CA PHE B 204 -27.36 -18.66 -11.08
C PHE B 204 -26.12 -18.96 -10.25
N LYS B 205 -26.00 -18.28 -9.12
CA LYS B 205 -24.82 -18.34 -8.27
C LYS B 205 -24.39 -19.78 -7.95
N LYS B 206 -25.28 -20.74 -8.23
CA LYS B 206 -25.07 -22.12 -7.80
C LYS B 206 -24.89 -23.11 -8.94
N HIS B 207 -24.73 -22.60 -10.17
CA HIS B 207 -24.45 -23.43 -11.33
C HIS B 207 -23.11 -24.19 -11.16
N GLU B 208 -22.99 -25.35 -11.79
CA GLU B 208 -21.77 -26.16 -11.67
C GLU B 208 -20.58 -25.40 -12.25
N CYS B 209 -20.83 -24.65 -13.31
CA CYS B 209 -19.76 -23.94 -14.02
C CYS B 209 -19.56 -22.52 -13.52
N ALA B 210 -20.23 -22.17 -12.43
CA ALA B 210 -20.16 -20.82 -11.86
C ALA B 210 -18.77 -20.46 -11.36
N SER B 211 -17.86 -21.42 -11.43
CA SER B 211 -16.47 -21.21 -11.04
C SER B 211 -15.80 -20.22 -11.99
N PHE B 212 -16.46 -19.91 -13.10
CA PHE B 212 -15.88 -19.03 -14.12
C PHE B 212 -15.70 -17.63 -13.59
N ARG B 213 -16.54 -17.24 -12.63
CA ARG B 213 -16.45 -15.92 -12.02
C ARG B 213 -15.04 -15.65 -11.49
N TYR B 214 -14.20 -16.68 -11.46
CA TYR B 214 -12.97 -16.59 -10.71
C TYR B 214 -11.86 -15.86 -11.45
N GLY B 215 -12.31 -14.82 -12.17
CA GLY B 215 -11.48 -13.95 -12.99
C GLY B 215 -12.39 -12.97 -13.70
N THR B 216 -13.65 -13.33 -13.81
CA THR B 216 -14.68 -12.52 -14.44
C THR B 216 -15.32 -11.53 -13.43
N ILE B 217 -15.02 -11.72 -12.15
CA ILE B 217 -15.63 -10.91 -11.09
C ILE B 217 -15.17 -9.47 -11.02
N VAL B 218 -13.95 -9.16 -11.44
CA VAL B 218 -13.49 -7.80 -11.31
C VAL B 218 -14.19 -6.93 -12.33
N SER B 219 -15.09 -7.54 -13.11
CA SER B 219 -15.88 -6.74 -14.03
C SER B 219 -17.02 -6.02 -13.30
N ARG B 220 -17.57 -6.67 -12.28
CA ARG B 220 -18.72 -6.15 -11.52
C ARG B 220 -18.36 -4.91 -10.70
N PHE B 221 -19.00 -3.81 -11.05
CA PHE B 221 -18.75 -2.52 -10.44
C PHE B 221 -17.41 -1.90 -10.84
N LYS B 222 -16.92 -2.29 -12.00
CA LYS B 222 -15.71 -1.68 -12.55
C LYS B 222 -15.96 -0.19 -12.70
N ASP B 223 -14.98 0.60 -12.27
CA ASP B 223 -15.05 2.04 -12.36
C ASP B 223 -16.21 2.62 -11.55
N CYS B 224 -16.63 1.93 -10.48
CA CYS B 224 -17.70 2.41 -9.57
C CYS B 224 -17.33 2.49 -8.09
N ALA B 225 -16.13 2.96 -7.78
CA ALA B 225 -15.60 2.84 -6.41
C ALA B 225 -16.30 3.75 -5.39
N ALA B 226 -16.69 4.95 -5.78
CA ALA B 226 -17.36 5.84 -4.86
C ALA B 226 -18.47 5.09 -4.14
N LEU B 227 -19.32 4.36 -4.84
CA LEU B 227 -20.37 3.58 -4.19
C LEU B 227 -19.82 2.64 -3.11
N ALA B 228 -18.72 1.97 -3.41
CA ALA B 228 -18.16 1.03 -2.45
C ALA B 228 -17.63 1.76 -1.25
N THR B 229 -16.99 2.91 -1.47
CA THR B 229 -16.40 3.59 -0.33
C THR B 229 -17.52 4.08 0.60
N PHE B 230 -18.65 4.47 0.02
CA PHE B 230 -19.89 4.81 0.76
C PHE B 230 -20.33 3.66 1.64
N GLY B 231 -20.56 2.50 1.03
CA GLY B 231 -20.91 1.30 1.79
C GLY B 231 -19.94 1.01 2.90
N HIS B 232 -18.66 1.26 2.67
CA HIS B 232 -17.62 0.99 3.69
C HIS B 232 -17.74 1.98 4.86
N LEU B 233 -17.91 3.26 4.51
CA LEU B 233 -18.10 4.31 5.50
C LEU B 233 -19.28 3.96 6.40
N CYS B 234 -20.33 3.38 5.82
CA CYS B 234 -21.51 3.04 6.60
C CYS B 234 -21.20 1.92 7.55
N LYS B 235 -20.56 0.87 7.05
CA LYS B 235 -20.25 -0.28 7.89
C LYS B 235 -19.28 0.09 8.98
N ILE B 236 -18.37 1.01 8.69
CA ILE B 236 -17.22 1.30 9.54
C ILE B 236 -17.62 2.19 10.69
N THR B 237 -18.68 2.98 10.50
CA THR B 237 -19.22 3.86 11.55
C THR B 237 -20.50 3.34 12.20
N GLY B 238 -21.02 2.24 11.68
CA GLY B 238 -22.24 1.70 12.22
C GLY B 238 -23.48 2.51 11.90
N MET B 239 -23.32 3.67 11.29
CA MET B 239 -24.47 4.53 10.99
C MET B 239 -25.28 4.04 9.80
N SER B 240 -26.45 4.60 9.62
CA SER B 240 -27.34 4.21 8.53
C SER B 240 -26.97 4.98 7.30
N THR B 241 -27.50 4.55 6.17
CA THR B 241 -27.18 5.23 4.94
C THR B 241 -27.67 6.69 5.03
N GLU B 242 -28.83 6.89 5.66
CA GLU B 242 -29.44 8.22 5.67
C GLU B 242 -28.78 9.11 6.69
N ASP B 243 -28.25 8.54 7.76
CA ASP B 243 -27.50 9.31 8.77
C ASP B 243 -26.10 9.72 8.27
N VAL B 244 -25.36 8.79 7.64
CA VAL B 244 -24.07 9.15 7.02
C VAL B 244 -24.29 10.34 6.11
N THR B 245 -25.28 10.22 5.22
CA THR B 245 -25.60 11.32 4.32
C THR B 245 -25.65 12.68 5.04
N THR B 246 -26.28 12.74 6.20
CA THR B 246 -26.44 14.02 6.89
C THR B 246 -25.11 14.59 7.40
N TRP B 247 -24.12 13.71 7.62
CA TRP B 247 -22.79 14.13 8.06
C TRP B 247 -21.87 14.66 6.94
N ILE B 248 -22.36 14.62 5.69
CA ILE B 248 -21.69 15.36 4.62
C ILE B 248 -21.72 16.85 4.93
N LEU B 249 -20.56 17.48 4.92
CA LEU B 249 -20.42 18.86 5.41
C LEU B 249 -19.73 19.85 4.44
N ASN B 250 -19.61 19.50 3.17
CA ASN B 250 -19.00 20.42 2.20
C ASN B 250 -19.73 20.42 0.85
N ARG B 251 -19.93 21.63 0.29
CA ARG B 251 -20.59 21.77 -1.01
C ARG B 251 -20.24 20.63 -1.99
N GLU B 252 -18.96 20.40 -2.27
CA GLU B 252 -18.58 19.49 -3.37
C GLU B 252 -18.81 18.03 -3.07
N VAL B 253 -18.79 17.67 -1.79
CA VAL B 253 -19.11 16.29 -1.46
C VAL B 253 -20.61 16.10 -1.62
N ALA B 254 -21.38 17.09 -1.19
CA ALA B 254 -22.82 17.02 -1.37
C ALA B 254 -23.20 16.99 -2.84
N ASP B 255 -22.60 17.86 -3.66
CA ASP B 255 -22.79 17.80 -5.12
C ASP B 255 -22.62 16.39 -5.64
N GLU B 256 -21.52 15.76 -5.23
CA GLU B 256 -21.12 14.47 -5.78
C GLU B 256 -22.03 13.37 -5.28
N MET B 257 -22.42 13.47 -4.01
CA MET B 257 -23.29 12.44 -3.44
C MET B 257 -24.61 12.42 -4.19
N VAL B 258 -25.12 13.62 -4.49
CA VAL B 258 -26.35 13.78 -5.28
C VAL B 258 -26.14 13.13 -6.62
N GLN B 259 -24.95 13.35 -7.18
CA GLN B 259 -24.60 12.77 -8.48
C GLN B 259 -24.79 11.26 -8.47
N MET B 260 -24.29 10.60 -7.43
CA MET B 260 -24.27 9.15 -7.38
C MET B 260 -25.63 8.55 -7.09
N MET B 261 -26.51 9.37 -6.53
CA MET B 261 -27.79 8.87 -6.05
C MET B 261 -28.98 9.08 -7.02
N LEU B 262 -28.70 9.66 -8.19
CA LEU B 262 -29.72 9.92 -9.20
C LEU B 262 -30.54 8.66 -9.36
N PRO B 263 -31.87 8.81 -9.45
CA PRO B 263 -32.85 7.75 -9.11
C PRO B 263 -33.20 6.68 -10.15
N GLY B 264 -32.97 6.88 -11.43
CA GLY B 264 -33.41 5.83 -12.34
C GLY B 264 -32.41 4.76 -12.74
N GLN B 265 -31.53 4.34 -11.83
CA GLN B 265 -30.33 3.64 -12.27
C GLN B 265 -30.15 2.22 -11.77
N GLU B 266 -31.04 1.77 -10.88
CA GLU B 266 -30.97 0.41 -10.35
C GLU B 266 -29.72 0.07 -9.54
N ILE B 267 -29.11 1.05 -8.88
CA ILE B 267 -27.88 0.75 -8.14
C ILE B 267 -28.14 -0.25 -7.01
N ASP B 268 -29.25 -0.08 -6.30
CA ASP B 268 -29.59 -0.95 -5.17
C ASP B 268 -30.28 -2.22 -5.61
N LYS B 269 -30.38 -2.41 -6.92
CA LYS B 269 -31.10 -3.55 -7.49
C LYS B 269 -30.31 -4.85 -7.33
N ALA B 270 -31.02 -5.97 -7.39
CA ALA B 270 -30.42 -7.28 -7.16
C ALA B 270 -29.48 -7.73 -8.29
N ASP B 271 -30.05 -8.12 -9.43
CA ASP B 271 -29.28 -8.47 -10.61
C ASP B 271 -29.65 -7.59 -11.81
N SER B 272 -29.01 -6.45 -11.93
CA SER B 272 -29.29 -5.55 -13.03
C SER B 272 -28.07 -5.43 -13.91
N TYR B 273 -28.15 -4.60 -14.96
CA TYR B 273 -27.03 -4.37 -15.85
C TYR B 273 -26.07 -3.34 -15.29
N MET B 274 -26.51 -2.58 -14.29
CA MET B 274 -25.77 -1.40 -13.88
C MET B 274 -24.34 -1.63 -13.43
N PRO B 275 -24.08 -2.71 -12.69
CA PRO B 275 -22.69 -2.98 -12.27
C PRO B 275 -21.72 -3.04 -13.46
N TYR B 276 -22.22 -3.47 -14.60
CA TYR B 276 -21.35 -3.70 -15.73
C TYR B 276 -21.49 -2.56 -16.71
N LEU B 277 -21.86 -1.39 -16.20
CA LEU B 277 -22.09 -0.27 -17.09
C LEU B 277 -20.89 0.00 -18.00
N ILE B 278 -19.68 -0.27 -17.50
CA ILE B 278 -18.47 0.02 -18.29
C ILE B 278 -18.08 -1.04 -19.34
N ASP B 279 -18.09 -2.33 -18.95
CA ASP B 279 -17.68 -3.42 -19.85
C ASP B 279 -18.71 -3.83 -20.92
N PHE B 280 -20.00 -3.56 -20.69
CA PHE B 280 -21.02 -3.78 -21.70
C PHE B 280 -21.06 -2.55 -22.62
N GLY B 281 -20.26 -1.55 -22.27
CA GLY B 281 -20.22 -0.33 -23.04
C GLY B 281 -21.49 0.51 -22.97
N LEU B 282 -22.15 0.50 -21.82
CA LEU B 282 -23.33 1.35 -21.64
C LEU B 282 -22.91 2.76 -21.24
N SER B 283 -21.64 2.93 -20.89
CA SER B 283 -21.14 4.22 -20.43
C SER B 283 -19.65 4.32 -20.69
N SER B 284 -19.20 5.51 -21.04
CA SER B 284 -17.77 5.73 -21.28
C SER B 284 -17.22 6.78 -20.30
N LYS B 285 -18.03 7.12 -19.31
CA LYS B 285 -17.58 7.90 -18.17
C LYS B 285 -18.52 7.59 -17.01
N SER B 286 -18.07 6.76 -16.06
CA SER B 286 -18.94 6.34 -14.96
C SER B 286 -19.15 7.43 -13.95
N PRO B 287 -20.42 7.71 -13.64
CA PRO B 287 -20.75 8.69 -12.58
C PRO B 287 -20.40 8.20 -11.16
N TYR B 288 -20.08 6.93 -11.03
CA TYR B 288 -19.83 6.32 -9.75
C TYR B 288 -18.33 6.14 -9.47
N SER B 289 -17.49 6.70 -10.32
CA SER B 289 -16.05 6.52 -10.19
C SER B 289 -15.48 7.46 -9.14
N SER B 290 -14.31 7.12 -8.61
CA SER B 290 -13.74 7.96 -7.58
C SER B 290 -13.00 9.12 -8.22
N VAL B 291 -12.81 9.01 -9.52
CA VAL B 291 -12.13 10.04 -10.28
C VAL B 291 -13.13 11.16 -10.51
N LYS B 292 -14.38 10.79 -10.72
CA LYS B 292 -15.45 11.76 -10.95
C LYS B 292 -16.18 12.08 -9.64
N ASN B 293 -15.67 11.53 -8.53
CA ASN B 293 -16.16 11.84 -7.18
C ASN B 293 -15.03 12.10 -6.18
N PRO B 294 -14.04 12.94 -6.57
CA PRO B 294 -12.81 13.09 -5.80
C PRO B 294 -13.03 13.63 -4.37
N ALA B 295 -13.83 14.67 -4.19
CA ALA B 295 -14.03 15.22 -2.85
C ALA B 295 -14.66 14.17 -1.94
N PHE B 296 -15.70 13.49 -2.44
CA PHE B 296 -16.34 12.45 -1.65
C PHE B 296 -15.39 11.32 -1.40
N HIS B 297 -14.53 11.01 -2.36
CA HIS B 297 -13.54 9.93 -2.18
C HIS B 297 -12.53 10.21 -1.04
N PHE B 298 -11.92 11.38 -1.05
CA PHE B 298 -11.04 11.81 0.03
C PHE B 298 -11.79 11.80 1.37
N TRP B 299 -12.91 12.52 1.45
CA TRP B 299 -13.61 12.66 2.73
C TRP B 299 -13.93 11.28 3.30
N GLY B 300 -14.52 10.44 2.45
CA GLY B 300 -15.02 9.15 2.88
C GLY B 300 -13.94 8.21 3.29
N GLN B 301 -12.85 8.19 2.52
CA GLN B 301 -11.69 7.34 2.82
C GLN B 301 -10.87 7.85 4.03
N LEU B 302 -10.69 9.17 4.13
CA LEU B 302 -9.96 9.75 5.26
C LEU B 302 -10.72 9.40 6.54
N THR B 303 -12.02 9.68 6.54
CA THR B 303 -12.83 9.39 7.71
C THR B 303 -12.73 7.93 8.13
N ALA B 304 -12.67 7.04 7.15
CA ALA B 304 -12.65 5.63 7.49
C ALA B 304 -11.26 5.23 8.02
N LEU B 305 -10.26 6.02 7.68
CA LEU B 305 -8.91 5.71 8.14
C LEU B 305 -8.76 6.07 9.60
N LEU B 306 -9.31 7.23 10.00
CA LEU B 306 -9.27 7.71 11.38
C LEU B 306 -10.09 6.78 12.28
N LEU B 307 -11.13 6.16 11.72
CA LEU B 307 -11.93 5.15 12.41
C LEU B 307 -11.34 3.74 12.29
N ARG B 308 -10.10 3.67 11.83
CA ARG B 308 -9.32 2.44 11.98
C ARG B 308 -9.38 1.47 10.79
N SER B 309 -9.87 1.92 9.64
CA SER B 309 -9.90 1.09 8.42
C SER B 309 -8.52 0.66 7.96
N THR B 310 -8.43 -0.50 7.36
CA THR B 310 -7.15 -0.91 6.74
C THR B 310 -7.10 -0.63 5.24
N ARG B 311 -8.22 -0.84 4.54
CA ARG B 311 -8.30 -0.43 3.14
C ARG B 311 -7.93 1.06 2.97
N ALA B 312 -8.43 1.92 3.84
CA ALA B 312 -8.22 3.33 3.62
C ALA B 312 -6.75 3.73 3.61
N ARG B 313 -5.89 2.92 4.24
CA ARG B 313 -4.45 3.22 4.35
C ARG B 313 -3.81 3.48 2.97
N ASN B 314 -4.32 2.83 1.92
CA ASN B 314 -3.66 2.88 0.60
C ASN B 314 -4.46 3.56 -0.51
N ALA B 315 -5.66 4.03 -0.21
CA ALA B 315 -6.46 4.69 -1.23
C ALA B 315 -5.68 5.85 -1.79
N ARG B 316 -6.02 6.30 -2.98
CA ARG B 316 -5.25 7.35 -3.63
C ARG B 316 -5.79 8.73 -3.34
N GLN B 317 -4.88 9.68 -3.18
CA GLN B 317 -5.22 11.05 -2.81
C GLN B 317 -5.49 11.88 -4.07
N PRO B 318 -6.75 12.13 -4.39
CA PRO B 318 -7.07 12.89 -5.60
C PRO B 318 -6.43 14.26 -5.59
N ASP B 319 -6.17 14.79 -6.78
CA ASP B 319 -5.71 16.17 -6.97
C ASP B 319 -6.89 17.13 -7.11
N ASP B 320 -6.61 18.41 -6.93
CA ASP B 320 -7.62 19.42 -7.24
C ASP B 320 -8.90 19.30 -6.41
N ILE B 321 -8.75 18.92 -5.13
CA ILE B 321 -9.85 19.04 -4.18
C ILE B 321 -9.48 20.03 -3.10
N GLU B 322 -10.40 20.26 -2.16
CA GLU B 322 -10.14 21.23 -1.14
C GLU B 322 -9.66 20.55 0.15
N TYR B 323 -8.36 20.26 0.20
CA TYR B 323 -7.82 19.39 1.23
C TYR B 323 -8.08 19.86 2.66
N THR B 324 -7.89 21.14 2.94
CA THR B 324 -7.96 21.54 4.33
C THR B 324 -9.39 21.42 4.91
N SER B 325 -10.40 21.89 4.18
CA SER B 325 -11.75 21.87 4.70
C SER B 325 -12.28 20.46 4.63
N LEU B 326 -11.83 19.71 3.64
CA LEU B 326 -12.26 18.33 3.49
C LEU B 326 -11.78 17.50 4.68
N THR B 327 -10.57 17.79 5.17
CA THR B 327 -10.01 17.04 6.30
C THR B 327 -10.53 17.52 7.67
N THR B 328 -10.76 18.82 7.82
CA THR B 328 -11.35 19.26 9.06
C THR B 328 -12.70 18.55 9.26
N ALA B 329 -13.50 18.44 8.20
CA ALA B 329 -14.80 17.81 8.28
C ALA B 329 -14.69 16.32 8.56
N GLY B 330 -13.68 15.68 7.98
CA GLY B 330 -13.41 14.28 8.25
C GLY B 330 -13.05 14.05 9.70
N LEU B 331 -12.16 14.89 10.23
CA LEU B 331 -11.77 14.84 11.63
C LEU B 331 -13.01 14.91 12.54
N LEU B 332 -13.92 15.83 12.26
CA LEU B 332 -15.04 16.04 13.16
C LEU B 332 -15.87 14.79 13.21
N TYR B 333 -16.15 14.22 12.05
CA TYR B 333 -17.08 13.11 11.92
C TYR B 333 -16.48 11.86 12.54
N ALA B 334 -15.18 11.72 12.39
CA ALA B 334 -14.49 10.55 12.88
C ALA B 334 -14.30 10.69 14.37
N TYR B 335 -14.24 11.93 14.85
CA TYR B 335 -14.08 12.16 16.28
C TYR B 335 -15.41 11.95 16.99
N ALA B 336 -16.49 12.36 16.33
CA ALA B 336 -17.83 12.15 16.85
C ALA B 336 -18.08 10.68 17.06
N VAL B 337 -18.15 9.95 15.95
CA VAL B 337 -18.30 8.50 16.00
C VAL B 337 -17.27 7.85 16.93
N GLY B 338 -16.09 8.45 16.98
CA GLY B 338 -14.94 7.83 17.61
C GLY B 338 -14.94 7.79 19.12
N SER B 339 -15.38 8.87 19.76
CA SER B 339 -15.36 8.93 21.22
C SER B 339 -16.65 8.40 21.89
N SER B 340 -17.81 8.84 21.41
CA SER B 340 -19.07 8.31 21.92
C SER B 340 -19.45 6.94 21.27
N ALA B 341 -19.07 5.84 21.91
CA ALA B 341 -19.43 4.51 21.41
C ALA B 341 -20.94 4.21 21.40
N ASP B 342 -21.39 3.22 20.64
CA ASP B 342 -22.80 2.82 20.69
C ASP B 342 -23.03 2.41 22.11
N LEU B 343 -22.88 1.11 22.38
CA LEU B 343 -22.85 0.58 23.75
C LEU B 343 -24.22 0.60 24.46
N ALA B 344 -24.91 -0.53 24.42
CA ALA B 344 -26.18 -0.63 25.09
C ALA B 344 -26.41 -2.08 25.43
N GLN B 345 -26.98 -2.36 26.59
CA GLN B 345 -27.20 -3.75 26.97
C GLN B 345 -28.07 -4.39 25.90
N GLN B 346 -27.84 -5.66 25.61
CA GLN B 346 -28.55 -6.33 24.51
C GLN B 346 -29.35 -7.54 24.97
N PHE B 347 -28.82 -8.29 25.94
CA PHE B 347 -29.52 -9.44 26.51
C PHE B 347 -29.53 -9.31 28.02
N CYS B 348 -30.55 -9.89 28.67
CA CYS B 348 -30.69 -9.82 30.13
C CYS B 348 -31.37 -11.06 30.73
N VAL B 349 -31.49 -11.07 32.06
CA VAL B 349 -32.22 -12.14 32.73
C VAL B 349 -33.26 -11.61 33.75
N GLY B 350 -34.22 -10.81 33.29
CA GLY B 350 -35.12 -10.09 34.17
C GLY B 350 -34.54 -8.81 34.78
N ASP B 351 -33.23 -8.61 34.60
CA ASP B 351 -32.46 -7.50 35.17
C ASP B 351 -31.69 -6.68 34.13
N ASN B 352 -32.19 -5.49 33.79
CA ASN B 352 -31.55 -4.67 32.75
C ASN B 352 -31.25 -3.24 33.19
N LYS B 353 -30.52 -2.48 32.36
CA LYS B 353 -30.15 -1.12 32.71
C LYS B 353 -30.82 -0.06 31.83
N TYR B 354 -31.85 0.58 32.36
CA TYR B 354 -32.46 1.73 31.70
C TYR B 354 -31.54 2.92 31.89
N THR B 355 -30.90 3.35 30.81
CA THR B 355 -29.82 4.32 30.89
C THR B 355 -30.20 5.76 31.30
N PRO B 356 -31.17 6.36 30.59
CA PRO B 356 -31.50 7.79 30.73
C PRO B 356 -31.88 8.32 32.13
N ASP B 357 -30.85 8.51 32.94
CA ASP B 357 -30.92 9.31 34.15
C ASP B 357 -29.85 10.40 34.07
N THR B 364 -20.02 20.16 31.41
CA THR B 364 -20.64 21.49 31.26
C THR B 364 -20.76 21.94 29.79
N THR B 365 -19.94 22.91 29.39
CA THR B 365 -20.10 23.56 28.10
C THR B 365 -19.14 22.98 27.06
N ASN B 366 -17.85 23.01 27.38
CA ASN B 366 -16.85 22.56 26.42
C ASN B 366 -16.83 21.04 26.25
N ALA B 367 -17.65 20.35 27.04
CA ALA B 367 -17.80 18.89 26.89
C ALA B 367 -18.71 18.58 25.68
N PRO B 368 -18.21 17.73 24.78
CA PRO B 368 -18.87 17.41 23.51
C PRO B 368 -20.14 16.58 23.67
N PRO B 369 -21.10 16.73 22.74
CA PRO B 369 -22.40 16.06 22.68
C PRO B 369 -22.33 14.59 23.00
N GLN B 370 -23.47 14.02 23.37
CA GLN B 370 -23.54 12.67 23.94
C GLN B 370 -23.77 11.58 22.89
N GLY B 371 -24.33 11.97 21.74
CA GLY B 371 -24.57 11.01 20.69
C GLY B 371 -23.75 11.29 19.45
N ARG B 372 -24.37 11.08 18.29
CA ARG B 372 -23.74 11.28 17.00
C ARG B 372 -24.64 12.10 16.09
N ASP B 373 -25.25 13.14 16.61
CA ASP B 373 -26.10 13.93 15.74
C ASP B 373 -25.40 15.15 15.18
N VAL B 374 -25.56 15.35 13.88
CA VAL B 374 -24.91 16.44 13.16
C VAL B 374 -25.15 17.81 13.77
N VAL B 375 -26.39 18.10 14.12
CA VAL B 375 -26.71 19.42 14.62
C VAL B 375 -26.07 19.66 15.97
N GLU B 376 -26.26 18.72 16.90
CA GLU B 376 -25.62 18.86 18.20
C GLU B 376 -24.12 19.16 18.00
N TRP B 377 -23.52 18.40 17.08
CA TRP B 377 -22.07 18.42 16.93
C TRP B 377 -21.57 19.64 16.18
N LEU B 378 -22.34 20.06 15.19
CA LEU B 378 -22.05 21.28 14.47
C LEU B 378 -22.09 22.48 15.42
N GLY B 379 -23.12 22.53 16.27
CA GLY B 379 -23.25 23.55 17.31
C GLY B 379 -22.08 23.56 18.29
N TRP B 380 -21.71 22.38 18.78
CA TRP B 380 -20.56 22.25 19.65
C TRP B 380 -19.27 22.76 19.00
N PHE B 381 -19.20 22.63 17.66
CA PHE B 381 -18.02 23.08 16.90
C PHE B 381 -17.98 24.61 16.73
N GLU B 382 -19.12 25.22 16.43
CA GLU B 382 -19.24 26.69 16.51
C GLU B 382 -18.69 27.18 17.85
N ASP B 383 -19.27 26.67 18.95
CA ASP B 383 -18.83 26.94 20.32
C ASP B 383 -17.30 26.93 20.47
N GLN B 384 -16.64 26.05 19.74
CA GLN B 384 -15.19 25.86 19.91
C GLN B 384 -14.33 26.67 18.94
N ASN B 385 -14.94 27.68 18.32
CA ASN B 385 -14.26 28.58 17.38
C ASN B 385 -14.01 27.96 16.00
N ARG B 386 -14.84 26.99 15.63
CA ARG B 386 -14.71 26.29 14.36
C ARG B 386 -13.29 25.84 14.07
N LYS B 387 -12.50 25.62 15.12
CA LYS B 387 -11.15 25.05 15.03
C LYS B 387 -11.04 23.83 15.96
N PRO B 388 -10.44 22.75 15.48
CA PRO B 388 -10.39 21.51 16.26
C PRO B 388 -9.75 21.63 17.65
N THR B 389 -10.42 21.06 18.66
CA THR B 389 -9.91 21.07 20.03
C THR B 389 -8.68 20.19 20.12
N PRO B 390 -7.76 20.47 21.05
CA PRO B 390 -6.52 19.71 21.15
C PRO B 390 -6.77 18.24 21.44
N ASP B 391 -7.93 17.91 21.99
CA ASP B 391 -8.23 16.51 22.26
C ASP B 391 -8.49 15.76 20.97
N MET B 392 -9.33 16.32 20.11
CA MET B 392 -9.63 15.70 18.81
C MET B 392 -8.39 15.69 17.89
N MET B 393 -7.51 16.65 18.09
CA MET B 393 -6.25 16.69 17.39
C MET B 393 -5.36 15.56 17.88
N GLN B 394 -5.53 15.24 19.16
CA GLN B 394 -4.75 14.17 19.81
C GLN B 394 -5.34 12.82 19.42
N TYR B 395 -6.67 12.82 19.20
CA TYR B 395 -7.39 11.62 18.77
C TYR B 395 -6.92 11.16 17.41
N ALA B 396 -6.76 12.16 16.55
CA ALA B 396 -6.26 11.93 15.20
C ALA B 396 -4.82 11.45 15.21
N LYS B 397 -4.00 11.99 16.12
CA LYS B 397 -2.60 11.58 16.20
C LYS B 397 -2.48 10.08 16.52
N ARG B 398 -3.23 9.63 17.51
CA ARG B 398 -3.18 8.22 17.93
C ARG B 398 -3.58 7.27 16.80
N ALA B 399 -4.51 7.70 15.96
CA ALA B 399 -4.99 6.84 14.88
C ALA B 399 -4.02 6.72 13.70
N VAL B 400 -3.17 7.70 13.49
CA VAL B 400 -2.28 7.68 12.32
C VAL B 400 -0.83 7.41 12.69
N MET B 401 -0.40 7.83 13.89
CA MET B 401 0.94 7.46 14.36
C MET B 401 0.94 5.94 14.39
N SER B 402 2.10 5.33 14.17
CA SER B 402 2.23 3.86 14.26
C SER B 402 1.63 3.07 13.09
N LEU B 403 1.21 3.77 12.04
CA LEU B 403 1.01 3.15 10.73
C LEU B 403 2.37 3.03 10.08
N GLN B 404 2.56 2.03 9.25
CA GLN B 404 3.80 1.97 8.49
C GLN B 404 3.64 1.38 7.10
N GLY B 405 4.64 1.62 6.27
CA GLY B 405 4.63 1.11 4.91
C GLY B 405 3.76 1.95 4.01
N LEU B 406 3.76 3.25 4.25
CA LEU B 406 2.84 4.12 3.54
C LEU B 406 3.39 4.52 2.17
N ARG B 407 2.67 4.15 1.12
CA ARG B 407 3.04 4.50 -0.25
C ARG B 407 2.85 5.97 -0.56
N GLU B 408 3.62 6.48 -1.49
CA GLU B 408 3.58 7.91 -1.78
C GLU B 408 2.25 8.20 -2.49
N LYS B 409 1.60 9.31 -2.12
CA LYS B 409 0.33 9.73 -2.71
C LYS B 409 -0.92 8.95 -2.23
N THR B 410 -0.89 8.35 -1.05
CA THR B 410 -2.08 7.70 -0.51
C THR B 410 -2.77 8.62 0.51
N ILE B 411 -4.06 8.41 0.75
CA ILE B 411 -4.71 9.24 1.74
C ILE B 411 -4.16 8.82 3.11
N GLY B 412 -3.49 7.68 3.14
CA GLY B 412 -2.80 7.24 4.33
C GLY B 412 -1.59 8.09 4.67
N LYS B 413 -0.69 8.26 3.71
CA LYS B 413 0.48 9.07 3.94
C LYS B 413 0.08 10.51 4.22
N TYR B 414 -0.97 10.98 3.57
CA TYR B 414 -1.45 12.33 3.79
C TYR B 414 -1.83 12.48 5.23
N ALA B 415 -2.53 11.48 5.76
CA ALA B 415 -3.10 11.54 7.11
C ALA B 415 -2.02 11.55 8.19
N LYS B 416 -1.00 10.72 8.02
CA LYS B 416 0.07 10.66 9.01
C LYS B 416 0.87 11.96 9.01
N SER B 417 1.23 12.41 7.82
CA SER B 417 2.02 13.61 7.68
C SER B 417 1.28 14.84 8.24
N GLU B 418 -0.04 14.79 8.23
CA GLU B 418 -0.84 15.92 8.70
C GLU B 418 -1.11 15.86 10.20
N PHE B 419 -1.14 14.66 10.77
CA PHE B 419 -1.50 14.53 12.18
C PHE B 419 -0.37 14.06 13.11
N ASP B 420 0.42 13.09 12.66
CA ASP B 420 1.54 12.64 13.47
C ASP B 420 2.70 13.58 13.30
N LYS B 421 2.73 14.59 14.17
CA LYS B 421 3.79 15.60 14.19
C LYS B 421 5.22 15.02 14.15
N SER C 1 11.13 58.49 -14.11
CA SER C 1 11.41 59.85 -14.55
C SER C 1 10.96 60.96 -13.56
N VAL C 2 11.38 60.83 -12.29
CA VAL C 2 11.63 62.03 -11.49
C VAL C 2 13.12 62.33 -11.58
N THR C 3 13.61 63.09 -10.61
CA THR C 3 14.99 63.58 -10.66
C THR C 3 15.85 63.03 -9.52
N VAL C 4 16.89 62.29 -9.88
CA VAL C 4 17.84 61.84 -8.88
C VAL C 4 19.04 62.78 -8.93
N LYS C 5 19.43 63.34 -7.79
CA LYS C 5 20.63 64.16 -7.76
C LYS C 5 21.62 63.64 -6.73
N ARG C 6 22.90 63.70 -7.06
CA ARG C 6 23.95 63.24 -6.15
C ARG C 6 24.26 64.28 -5.06
N ILE C 7 23.96 64.00 -3.78
CA ILE C 7 24.08 65.02 -2.75
C ILE C 7 25.50 65.63 -2.70
N ILE C 8 26.54 64.82 -2.48
CA ILE C 8 27.91 65.35 -2.25
C ILE C 8 28.24 66.57 -3.12
N ASP C 9 27.92 66.52 -4.41
CA ASP C 9 28.30 67.60 -5.33
C ASP C 9 27.09 68.18 -6.08
N ASN C 10 25.90 67.88 -5.58
CA ASN C 10 24.66 68.25 -6.26
C ASN C 10 24.65 68.21 -7.80
N THR C 11 24.96 67.05 -8.36
CA THR C 11 24.80 66.82 -9.81
C THR C 11 23.70 65.82 -10.12
N VAL C 12 23.21 65.86 -11.34
CA VAL C 12 22.17 64.95 -11.78
C VAL C 12 22.75 63.61 -12.25
N ILE C 13 22.05 62.53 -11.93
CA ILE C 13 22.39 61.21 -12.43
C ILE C 13 21.07 60.68 -12.95
N VAL C 14 21.11 59.99 -14.09
CA VAL C 14 19.87 59.58 -14.75
C VAL C 14 19.73 58.06 -14.82
N PRO C 15 19.42 57.42 -13.69
CA PRO C 15 19.49 55.96 -13.69
C PRO C 15 18.64 55.37 -14.80
N LYS C 16 19.26 54.56 -15.63
CA LYS C 16 18.58 53.87 -16.70
C LYS C 16 19.20 52.46 -16.78
N LEU C 17 18.46 51.51 -17.37
CA LEU C 17 18.98 50.16 -17.53
C LEU C 17 18.54 49.47 -18.84
N PRO C 18 19.36 48.53 -19.33
CA PRO C 18 19.16 47.93 -20.66
C PRO C 18 17.72 47.60 -20.99
N ALA C 19 17.37 47.77 -22.26
CA ALA C 19 16.01 47.58 -22.72
C ALA C 19 15.69 46.10 -22.73
N ASN C 20 14.44 45.77 -22.50
CA ASN C 20 13.95 44.42 -22.70
C ASN C 20 12.67 44.46 -23.53
N GLU C 21 12.37 43.38 -24.23
CA GLU C 21 11.28 43.46 -25.19
C GLU C 21 10.39 42.22 -25.26
N ASP C 22 10.53 41.46 -26.35
CA ASP C 22 9.49 40.50 -26.77
C ASP C 22 8.14 40.60 -26.03
N PRO C 23 7.27 41.47 -26.55
CA PRO C 23 5.88 41.59 -26.18
C PRO C 23 5.16 40.30 -26.55
N VAL C 24 4.13 39.93 -25.79
CA VAL C 24 3.35 38.75 -26.11
C VAL C 24 2.51 39.05 -27.34
N GLU C 25 2.01 38.00 -27.98
CA GLU C 25 1.13 38.15 -29.13
C GLU C 25 -0.15 37.33 -28.91
N TYR C 26 -1.30 38.01 -28.89
CA TYR C 26 -2.57 37.33 -28.64
C TYR C 26 -3.10 36.62 -29.89
N PRO C 27 -3.93 35.59 -29.70
CA PRO C 27 -4.43 34.91 -30.89
C PRO C 27 -5.37 35.78 -31.72
N ALA C 28 -6.35 36.43 -31.10
CA ALA C 28 -7.32 37.22 -31.85
C ALA C 28 -6.63 38.22 -32.74
N ASP C 29 -5.69 38.97 -32.17
CA ASP C 29 -5.03 40.06 -32.89
C ASP C 29 -4.14 39.46 -34.04
N TYR C 30 -4.46 38.24 -34.48
CA TYR C 30 -3.79 37.57 -35.63
C TYR C 30 -4.74 37.22 -36.77
N PHE C 31 -6.00 36.95 -36.44
CA PHE C 31 -6.99 36.73 -37.47
C PHE C 31 -7.45 38.10 -37.95
N ARG C 32 -6.74 39.13 -37.50
CA ARG C 32 -6.94 40.48 -38.01
C ARG C 32 -6.18 40.60 -39.32
N LYS C 33 -5.00 39.99 -39.36
CA LYS C 33 -4.13 40.02 -40.53
C LYS C 33 -4.57 38.98 -41.57
N SER C 34 -4.22 37.72 -41.36
CA SER C 34 -4.63 36.62 -42.24
C SER C 34 -6.01 36.07 -41.85
N LYS C 35 -6.59 35.19 -42.66
CA LYS C 35 -7.86 34.59 -42.29
C LYS C 35 -7.86 33.09 -42.55
N GLU C 36 -6.67 32.50 -42.53
CA GLU C 36 -6.51 31.07 -42.79
C GLU C 36 -5.18 30.56 -42.24
N ILE C 37 -5.09 29.24 -42.04
CA ILE C 37 -3.82 28.66 -41.58
C ILE C 37 -3.27 27.69 -42.60
N PRO C 38 -2.17 28.10 -43.27
CA PRO C 38 -1.47 27.37 -44.34
C PRO C 38 -0.84 26.08 -43.86
N LEU C 39 -1.19 24.95 -44.45
CA LEU C 39 -0.53 23.68 -44.15
C LEU C 39 0.23 23.23 -45.39
N TYR C 40 1.53 23.52 -45.45
CA TYR C 40 2.32 23.18 -46.63
C TYR C 40 2.72 21.71 -46.71
N ILE C 41 2.02 20.96 -47.56
CA ILE C 41 2.40 19.59 -47.86
C ILE C 41 2.84 19.45 -49.32
N ASN C 42 3.49 20.51 -49.81
CA ASN C 42 4.12 20.56 -51.13
C ASN C 42 3.98 19.25 -51.94
N THR C 43 4.92 18.34 -51.71
CA THR C 43 4.90 17.06 -52.36
C THR C 43 3.60 16.29 -52.04
N THR C 44 2.94 15.87 -53.10
CA THR C 44 1.85 14.91 -53.05
C THR C 44 2.14 13.83 -54.11
N LYS C 45 2.51 12.64 -53.64
CA LYS C 45 2.98 11.57 -54.50
C LYS C 45 2.70 10.19 -53.92
N SER C 46 1.55 9.60 -54.27
CA SER C 46 1.19 8.23 -53.90
C SER C 46 0.95 8.01 -52.41
N LEU C 47 -0.30 7.85 -52.03
CA LEU C 47 -0.63 7.62 -50.62
C LEU C 47 -0.05 6.27 -50.17
N SER C 48 0.44 5.50 -51.15
CA SER C 48 0.93 4.13 -50.92
C SER C 48 2.45 3.99 -51.07
N ASP C 49 3.05 4.84 -51.88
CA ASP C 49 4.51 4.93 -51.92
C ASP C 49 5.01 5.46 -50.57
N LEU C 50 4.32 6.49 -50.07
CA LEU C 50 4.65 7.17 -48.82
C LEU C 50 4.61 6.21 -47.64
N ARG C 51 3.55 5.41 -47.56
CA ARG C 51 3.45 4.35 -46.56
C ARG C 51 4.76 3.55 -46.39
N GLY C 52 5.49 3.37 -47.49
CA GLY C 52 6.75 2.64 -47.48
C GLY C 52 7.95 3.47 -47.09
N TYR C 53 8.08 4.66 -47.69
CA TYR C 53 9.19 5.56 -47.37
C TYR C 53 9.35 5.67 -45.87
N VAL C 54 8.21 5.83 -45.19
CA VAL C 54 8.21 5.98 -43.74
C VAL C 54 8.41 4.63 -43.05
N TYR C 55 7.68 3.61 -43.50
CA TYR C 55 7.79 2.32 -42.85
C TYR C 55 9.26 1.89 -42.74
N GLN C 56 10.03 2.04 -43.81
CA GLN C 56 11.44 1.67 -43.76
C GLN C 56 12.26 2.78 -43.12
N GLY C 57 12.10 4.00 -43.62
CA GLY C 57 12.84 5.15 -43.11
C GLY C 57 12.84 5.26 -41.59
N LEU C 58 11.90 4.55 -40.98
CA LEU C 58 11.71 4.59 -39.53
C LEU C 58 12.57 3.60 -38.78
N LYS C 59 13.04 2.56 -39.46
CA LYS C 59 13.94 1.61 -38.85
C LYS C 59 15.40 2.09 -39.03
N SER C 60 15.56 3.40 -39.11
CA SER C 60 16.84 4.03 -39.31
C SER C 60 16.71 5.55 -39.24
N GLY C 61 17.72 6.21 -38.65
CA GLY C 61 17.69 7.64 -38.45
C GLY C 61 17.95 8.50 -39.66
N ASN C 62 16.92 8.66 -40.50
CA ASN C 62 17.04 9.45 -41.73
C ASN C 62 15.74 9.68 -42.51
N VAL C 63 14.60 9.24 -41.97
CA VAL C 63 13.30 9.50 -42.61
C VAL C 63 12.97 10.99 -42.64
N SER C 64 12.54 11.47 -43.79
CA SER C 64 12.37 12.90 -43.96
C SER C 64 11.09 13.37 -43.31
N ILE C 65 11.19 14.46 -42.55
CA ILE C 65 10.00 15.02 -41.93
C ILE C 65 9.01 15.43 -43.01
N ILE C 66 9.51 15.67 -44.22
CA ILE C 66 8.65 16.08 -45.33
C ILE C 66 7.80 14.91 -45.75
N HIS C 67 8.27 13.71 -45.43
CA HIS C 67 7.60 12.49 -45.87
C HIS C 67 6.49 12.07 -44.92
N VAL C 68 6.70 12.26 -43.63
CA VAL C 68 5.66 11.98 -42.65
C VAL C 68 4.49 12.93 -42.83
N ASN C 69 4.75 14.22 -42.92
CA ASN C 69 3.66 15.18 -43.12
C ASN C 69 2.79 14.73 -44.28
N SER C 70 3.45 14.34 -45.38
CA SER C 70 2.76 13.98 -46.60
C SER C 70 1.97 12.70 -46.40
N TYR C 71 2.57 11.74 -45.72
CA TYR C 71 1.89 10.49 -45.41
C TYR C 71 0.72 10.71 -44.48
N LEU C 72 0.96 11.44 -43.39
CA LEU C 72 -0.07 11.79 -42.43
C LEU C 72 -1.25 12.42 -43.15
N TYR C 73 -1.00 13.43 -43.97
CA TYR C 73 -2.07 14.06 -44.74
C TYR C 73 -2.90 12.97 -45.39
N GLY C 74 -2.21 12.12 -46.15
CA GLY C 74 -2.85 11.09 -46.96
C GLY C 74 -3.61 10.01 -46.21
N ALA C 75 -3.12 9.61 -45.05
CA ALA C 75 -3.79 8.57 -44.27
C ALA C 75 -4.90 9.14 -43.37
N LEU C 76 -4.99 10.47 -43.30
CA LEU C 76 -5.87 11.14 -42.34
C LEU C 76 -7.04 11.89 -42.94
N LYS C 77 -7.09 12.08 -44.26
CA LYS C 77 -8.23 12.78 -44.81
C LYS C 77 -9.49 11.93 -44.79
N ASP C 78 -9.64 11.13 -43.72
CA ASP C 78 -10.95 10.62 -43.33
C ASP C 78 -11.87 11.84 -43.14
N ILE C 79 -12.72 12.05 -44.12
CA ILE C 79 -13.61 13.22 -44.09
C ILE C 79 -14.79 12.96 -43.12
N ARG C 80 -14.50 12.18 -42.07
CA ARG C 80 -15.52 11.68 -41.15
C ARG C 80 -15.92 12.79 -40.18
N GLY C 81 -16.95 12.57 -39.38
CA GLY C 81 -17.39 13.58 -38.43
C GLY C 81 -18.49 14.52 -38.89
N LYS C 82 -19.61 14.48 -38.18
CA LYS C 82 -20.81 15.24 -38.52
C LYS C 82 -21.17 16.23 -37.41
N LEU C 83 -21.31 17.51 -37.75
CA LEU C 83 -21.62 18.53 -36.74
C LEU C 83 -23.09 18.49 -36.34
N ASP C 84 -23.36 18.37 -35.03
CA ASP C 84 -24.73 18.48 -34.54
C ASP C 84 -25.15 19.94 -34.38
N LYS C 85 -24.31 20.73 -33.73
CA LYS C 85 -24.53 22.16 -33.62
C LYS C 85 -23.79 22.92 -34.72
N ASP C 86 -23.44 24.15 -34.44
CA ASP C 86 -22.62 24.95 -35.35
C ASP C 86 -21.22 25.08 -34.78
N TRP C 87 -20.24 25.25 -35.65
CA TRP C 87 -18.86 25.44 -35.20
C TRP C 87 -18.27 26.72 -35.80
N SER C 88 -17.72 27.57 -34.94
CA SER C 88 -17.25 28.87 -35.38
C SER C 88 -16.27 29.44 -34.37
N SER C 89 -15.17 30.02 -34.87
CA SER C 89 -14.14 30.55 -33.99
C SER C 89 -13.38 31.70 -34.63
N PHE C 90 -13.38 32.86 -33.98
CA PHE C 90 -12.59 34.02 -34.40
C PHE C 90 -13.04 34.64 -35.72
N GLY C 91 -14.30 34.42 -36.08
CA GLY C 91 -14.80 34.87 -37.36
C GLY C 91 -14.78 33.76 -38.40
N ILE C 92 -13.77 32.89 -38.34
CA ILE C 92 -13.66 31.77 -39.27
C ILE C 92 -14.78 30.75 -39.10
N ASN C 93 -15.63 30.61 -40.11
CA ASN C 93 -16.67 29.58 -40.09
C ASN C 93 -16.11 28.28 -40.60
N ILE C 94 -16.10 27.25 -39.77
CA ILE C 94 -15.49 26.01 -40.16
C ILE C 94 -16.51 24.90 -40.41
N GLY C 95 -17.79 25.27 -40.40
CA GLY C 95 -18.87 24.33 -40.66
C GLY C 95 -20.12 24.73 -39.95
N LYS C 96 -21.29 24.43 -40.53
CA LYS C 96 -22.58 24.79 -39.93
C LYS C 96 -23.60 23.65 -39.96
N ALA C 97 -24.85 23.98 -39.64
CA ALA C 97 -25.93 23.00 -39.68
C ALA C 97 -25.54 21.78 -40.52
N GLY C 98 -25.16 20.70 -39.83
CA GLY C 98 -25.41 19.36 -40.33
C GLY C 98 -24.23 18.80 -41.08
N ASP C 99 -23.34 19.68 -41.53
CA ASP C 99 -22.33 19.31 -42.53
C ASP C 99 -21.47 18.15 -42.03
N THR C 100 -20.72 17.54 -42.94
CA THR C 100 -19.59 16.72 -42.51
C THR C 100 -18.32 17.54 -42.75
N ILE C 101 -17.33 17.37 -41.86
CA ILE C 101 -16.05 18.03 -42.00
C ILE C 101 -14.93 17.03 -41.76
N GLY C 102 -13.75 17.30 -42.33
CA GLY C 102 -12.56 16.50 -42.06
C GLY C 102 -11.49 17.28 -41.30
N ILE C 103 -10.57 16.57 -40.67
CA ILE C 103 -9.47 17.18 -39.96
C ILE C 103 -8.89 18.38 -40.69
N PHE C 104 -8.65 18.24 -41.99
CA PHE C 104 -7.90 19.28 -42.70
C PHE C 104 -8.77 20.40 -43.23
N ASP C 105 -9.97 20.50 -42.66
CA ASP C 105 -10.81 21.66 -42.91
C ASP C 105 -10.24 22.84 -42.14
N LEU C 106 -8.90 22.87 -42.18
CA LEU C 106 -8.04 23.92 -41.58
C LEU C 106 -6.79 24.23 -42.50
N VAL C 107 -7.09 24.31 -43.81
CA VAL C 107 -6.50 25.24 -44.86
C VAL C 107 -5.27 24.85 -45.75
N SER C 108 -5.46 23.91 -46.68
CA SER C 108 -4.34 23.26 -47.38
C SER C 108 -3.71 24.02 -48.56
N LEU C 109 -2.41 24.27 -48.48
CA LEU C 109 -1.62 24.82 -49.60
C LEU C 109 -0.42 23.89 -49.88
N LYS C 110 0.36 24.15 -50.94
CA LYS C 110 1.53 23.32 -51.29
C LYS C 110 2.74 24.16 -51.74
N ALA C 111 3.93 23.57 -51.75
CA ALA C 111 5.15 24.31 -52.15
C ALA C 111 6.31 23.54 -52.80
N LEU C 112 7.54 23.97 -52.49
CA LEU C 112 8.76 23.59 -53.23
C LEU C 112 9.01 22.08 -53.36
N ASP C 113 10.12 21.73 -54.01
CA ASP C 113 10.37 20.33 -54.43
C ASP C 113 11.82 19.84 -54.23
N GLY C 114 12.24 19.65 -52.99
CA GLY C 114 13.49 19.00 -52.71
C GLY C 114 13.25 17.62 -52.13
N VAL C 115 12.59 16.74 -52.91
CA VAL C 115 12.16 15.43 -52.42
C VAL C 115 13.29 14.41 -52.26
N LEU C 116 13.03 13.38 -51.47
CA LEU C 116 14.01 12.35 -51.13
C LEU C 116 13.75 11.10 -51.99
N PRO C 117 14.24 9.89 -51.59
CA PRO C 117 14.12 8.66 -52.41
C PRO C 117 13.01 8.55 -53.49
N ASP C 118 13.28 7.73 -54.51
CA ASP C 118 12.58 7.73 -55.80
C ASP C 118 11.22 7.00 -55.93
N GLY C 119 10.34 7.57 -56.77
CA GLY C 119 9.12 6.94 -57.25
C GLY C 119 8.35 5.96 -56.38
N VAL C 120 8.45 4.67 -56.71
CA VAL C 120 7.73 3.60 -56.00
C VAL C 120 8.65 2.88 -55.01
N SER C 121 8.64 3.33 -53.75
CA SER C 121 9.66 2.97 -52.76
C SER C 121 9.69 1.50 -52.27
N ASP C 122 9.89 1.35 -50.96
CA ASP C 122 10.01 0.05 -50.28
C ASP C 122 8.63 -0.63 -50.16
N ALA C 123 8.05 -0.98 -51.31
CA ALA C 123 6.63 -1.37 -51.41
C ALA C 123 6.29 -2.74 -50.83
N SER C 124 6.74 -2.98 -49.60
CA SER C 124 6.43 -4.21 -48.89
C SER C 124 5.09 -4.16 -48.14
N ARG C 125 4.70 -2.96 -47.71
CA ARG C 125 3.63 -2.77 -46.72
C ARG C 125 2.22 -2.53 -47.28
N THR C 126 1.24 -3.11 -46.60
CA THR C 126 -0.18 -3.08 -46.95
C THR C 126 -0.94 -2.00 -46.18
N SER C 127 -2.27 -2.09 -46.17
CA SER C 127 -3.10 -1.17 -45.39
C SER C 127 -3.07 -1.43 -43.86
N ALA C 128 -1.86 -1.66 -43.33
CA ALA C 128 -1.64 -1.58 -41.89
C ALA C 128 -2.03 -0.14 -41.53
N ASP C 129 -1.35 0.81 -42.17
CA ASP C 129 -1.89 2.15 -42.44
C ASP C 129 -2.64 2.87 -41.30
N ASP C 130 -3.64 3.66 -41.70
CA ASP C 130 -4.56 4.36 -40.82
C ASP C 130 -4.68 3.67 -39.46
N LYS C 131 -5.04 2.39 -39.49
CA LYS C 131 -5.25 1.60 -38.28
C LYS C 131 -4.27 1.94 -37.16
N TRP C 132 -3.02 2.30 -37.50
CA TRP C 132 -2.03 2.45 -36.45
C TRP C 132 -0.79 3.28 -36.78
N LEU C 133 -0.37 3.32 -38.05
CA LEU C 133 0.86 4.04 -38.40
C LEU C 133 0.78 5.54 -38.08
N PRO C 134 -0.33 6.17 -38.45
CA PRO C 134 -0.48 7.58 -38.03
C PRO C 134 -0.49 7.78 -36.50
N LEU C 135 -1.15 6.91 -35.76
CA LEU C 135 -1.20 7.03 -34.29
C LEU C 135 0.20 6.97 -33.67
N TYR C 136 1.13 6.33 -34.38
CA TYR C 136 2.50 6.16 -33.89
C TYR C 136 3.29 7.44 -34.16
N LEU C 137 3.14 7.95 -35.36
CA LEU C 137 3.87 9.14 -35.79
C LEU C 137 3.46 10.29 -34.93
N LEU C 138 2.17 10.37 -34.65
CA LEU C 138 1.63 11.40 -33.77
C LEU C 138 2.06 11.15 -32.32
N GLY C 139 2.06 9.89 -31.91
CA GLY C 139 2.56 9.53 -30.60
C GLY C 139 3.91 10.16 -30.30
N LEU C 140 4.85 10.03 -31.21
CA LEU C 140 6.21 10.48 -30.96
C LEU C 140 6.33 11.99 -30.69
N TYR C 141 5.38 12.77 -31.20
CA TYR C 141 5.41 14.20 -30.95
C TYR C 141 5.45 14.48 -29.45
N ARG C 142 4.72 13.63 -28.72
CA ARG C 142 4.60 13.74 -27.27
C ARG C 142 5.86 13.28 -26.56
N VAL C 143 6.31 12.09 -26.93
CA VAL C 143 7.54 11.53 -26.37
C VAL C 143 8.72 12.48 -26.56
N GLY C 144 8.62 13.36 -27.55
CA GLY C 144 9.64 14.35 -27.81
C GLY C 144 9.64 15.55 -26.86
N ARG C 145 8.52 15.82 -26.18
CA ARG C 145 8.45 16.97 -25.25
C ARG C 145 9.30 16.76 -23.99
N THR C 146 9.20 15.56 -23.42
CA THR C 146 9.77 15.27 -22.09
C THR C 146 11.29 15.04 -22.07
N GLN C 147 11.96 15.71 -21.16
CA GLN C 147 13.42 15.64 -21.03
C GLN C 147 13.90 14.41 -20.27
N MET C 148 13.45 14.27 -19.03
CA MET C 148 13.86 13.18 -18.14
C MET C 148 13.61 11.77 -18.74
N PRO C 149 14.06 10.71 -18.02
CA PRO C 149 13.77 9.33 -18.44
C PRO C 149 12.28 8.96 -18.38
N GLU C 150 11.42 9.94 -18.08
CA GLU C 150 9.97 9.75 -18.15
C GLU C 150 9.55 9.50 -19.60
N TYR C 151 10.49 9.73 -20.52
CA TYR C 151 10.19 9.60 -21.95
C TYR C 151 9.86 8.16 -22.35
N ARG C 152 10.76 7.22 -22.08
CA ARG C 152 10.49 5.81 -22.35
C ARG C 152 9.38 5.30 -21.42
N LYS C 153 9.20 5.99 -20.29
CA LYS C 153 8.12 5.71 -19.37
C LYS C 153 6.82 5.91 -20.16
N LYS C 154 6.85 6.86 -21.08
CA LYS C 154 5.67 7.25 -21.85
C LYS C 154 5.67 6.71 -23.28
N LEU C 155 6.78 6.10 -23.72
CA LEU C 155 6.86 5.46 -25.05
C LEU C 155 6.24 4.05 -25.02
N MET C 156 6.02 3.56 -23.81
CA MET C 156 5.28 2.32 -23.61
C MET C 156 3.79 2.64 -23.69
N ASP C 157 3.45 3.93 -23.50
CA ASP C 157 2.16 4.47 -23.92
C ASP C 157 1.92 4.03 -25.36
N GLY C 158 2.87 4.35 -26.23
CA GLY C 158 2.78 4.05 -27.66
C GLY C 158 2.52 2.59 -27.90
N LEU C 159 3.49 1.74 -27.56
CA LEU C 159 3.40 0.31 -27.84
C LEU C 159 2.01 -0.26 -27.53
N THR C 160 1.59 -0.16 -26.26
CA THR C 160 0.36 -0.81 -25.80
C THR C 160 -0.93 -0.21 -26.37
N ASN C 161 -0.83 0.98 -26.98
CA ASN C 161 -1.99 1.61 -27.58
C ASN C 161 -2.07 1.29 -29.07
N GLN C 162 -0.99 0.72 -29.59
CA GLN C 162 -0.94 0.23 -30.98
C GLN C 162 -1.56 -1.14 -31.08
N CYS C 163 -1.19 -2.01 -30.14
CA CYS C 163 -1.68 -3.39 -30.10
C CYS C 163 -3.20 -3.44 -30.22
N LYS C 164 -3.85 -2.30 -30.07
CA LYS C 164 -5.30 -2.21 -30.20
C LYS C 164 -5.76 -2.63 -31.60
N MET C 165 -5.93 -3.94 -31.77
CA MET C 165 -6.41 -4.57 -33.02
C MET C 165 -5.41 -4.48 -34.19
N ILE C 166 -4.13 -4.76 -33.90
CA ILE C 166 -3.08 -4.67 -34.93
C ILE C 166 -1.70 -5.20 -34.49
N ASN C 167 -1.34 -4.92 -33.23
CA ASN C 167 -0.10 -5.39 -32.59
C ASN C 167 1.17 -5.71 -33.41
N GLU C 168 2.15 -4.80 -33.36
CA GLU C 168 3.51 -5.07 -33.81
C GLU C 168 4.43 -4.85 -32.61
N GLN C 169 5.54 -4.14 -32.82
CA GLN C 169 6.41 -3.74 -31.71
C GLN C 169 7.17 -2.42 -31.98
N PHE C 170 8.40 -2.35 -31.49
CA PHE C 170 9.25 -1.15 -31.57
C PHE C 170 9.41 -0.63 -33.00
N GLU C 171 10.39 0.26 -33.21
CA GLU C 171 10.68 0.81 -34.54
C GLU C 171 12.02 1.53 -34.63
N PRO C 172 12.18 2.66 -33.93
CA PRO C 172 13.49 3.32 -34.03
C PRO C 172 14.58 2.66 -33.18
N LEU C 173 15.58 3.45 -32.79
CA LEU C 173 16.80 2.94 -32.20
C LEU C 173 17.34 3.91 -31.15
N VAL C 174 17.81 5.04 -31.65
CA VAL C 174 18.56 6.04 -30.90
C VAL C 174 17.70 6.76 -29.87
N PRO C 175 18.17 6.80 -28.61
CA PRO C 175 17.59 7.36 -27.37
C PRO C 175 16.55 8.49 -27.54
N GLU C 176 17.01 9.73 -27.45
CA GLU C 176 16.13 10.91 -27.52
C GLU C 176 17.13 11.77 -26.75
N GLY C 177 16.63 12.84 -26.11
CA GLY C 177 17.26 14.08 -25.71
C GLY C 177 17.15 15.11 -26.82
N ARG C 178 16.25 14.83 -27.76
CA ARG C 178 16.10 15.64 -28.97
C ARG C 178 17.19 15.32 -30.00
N ASP C 179 16.92 14.34 -30.85
CA ASP C 179 17.86 13.91 -31.85
C ASP C 179 17.20 13.23 -33.00
N ILE C 180 16.30 12.28 -32.69
CA ILE C 180 15.69 11.40 -33.70
C ILE C 180 14.34 11.88 -34.28
N PHE C 181 13.26 11.50 -33.61
CA PHE C 181 11.93 11.94 -33.96
C PHE C 181 11.55 13.25 -33.25
N ASP C 182 12.26 13.57 -32.16
CA ASP C 182 11.94 14.76 -31.37
C ASP C 182 12.54 16.04 -31.95
N VAL C 183 12.87 15.99 -33.23
CA VAL C 183 13.24 17.19 -33.97
C VAL C 183 12.03 17.60 -34.81
N TRP C 184 11.08 16.67 -34.90
CA TRP C 184 9.84 16.90 -35.66
C TRP C 184 9.09 18.10 -35.08
N GLY C 185 9.30 18.36 -33.79
CA GLY C 185 8.69 19.50 -33.16
C GLY C 185 8.89 20.75 -33.97
N ASN C 186 10.12 20.99 -34.42
CA ASN C 186 10.43 22.26 -35.06
C ASN C 186 9.83 22.50 -36.47
N ASP C 187 9.22 21.47 -37.04
CA ASP C 187 8.68 21.58 -38.39
C ASP C 187 7.32 22.24 -38.39
N SER C 188 7.31 23.54 -38.72
CA SER C 188 6.07 24.33 -38.74
C SER C 188 4.83 23.56 -39.24
N ASN C 189 5.04 22.61 -40.15
CA ASN C 189 3.92 21.92 -40.79
C ASN C 189 3.50 20.66 -40.06
N TYR C 190 4.44 20.04 -39.36
CA TYR C 190 4.12 18.87 -38.54
C TYR C 190 3.22 19.26 -37.36
N THR C 191 3.64 20.27 -36.60
CA THR C 191 2.87 20.70 -35.45
C THR C 191 1.45 21.03 -35.91
N LYS C 192 1.33 21.65 -37.07
CA LYS C 192 0.03 22.09 -37.56
C LYS C 192 -0.92 20.92 -37.77
N ILE C 193 -0.41 19.78 -38.22
CA ILE C 193 -1.24 18.58 -38.39
C ILE C 193 -1.67 18.05 -37.02
N VAL C 194 -0.72 18.06 -36.07
CA VAL C 194 -0.99 17.69 -34.68
C VAL C 194 -2.10 18.54 -34.07
N ALA C 195 -1.94 19.86 -34.09
CA ALA C 195 -2.99 20.73 -33.62
C ALA C 195 -4.34 20.44 -34.29
N ALA C 196 -4.36 20.36 -35.61
CA ALA C 196 -5.61 20.08 -36.34
C ALA C 196 -6.27 18.76 -35.93
N VAL C 197 -5.48 17.70 -35.80
CA VAL C 197 -6.01 16.43 -35.31
C VAL C 197 -6.63 16.57 -33.91
N ASP C 198 -5.85 17.11 -32.97
CA ASP C 198 -6.31 17.20 -31.58
C ASP C 198 -7.53 18.08 -31.47
N MET C 199 -7.55 19.18 -32.22
CA MET C 199 -8.69 20.10 -32.18
C MET C 199 -9.94 19.48 -32.76
N PHE C 200 -9.75 18.66 -33.76
CA PHE C 200 -10.85 18.03 -34.45
C PHE C 200 -11.44 16.92 -33.59
N PHE C 201 -10.61 16.12 -32.93
CA PHE C 201 -11.13 15.07 -32.04
C PHE C 201 -11.54 15.58 -30.66
N HIS C 202 -11.35 16.88 -30.41
CA HIS C 202 -11.82 17.46 -29.16
C HIS C 202 -13.23 17.95 -29.39
N MET C 203 -13.65 17.88 -30.65
CA MET C 203 -15.00 18.21 -31.03
C MET C 203 -15.81 16.94 -31.16
N PHE C 204 -15.34 16.01 -31.99
CA PHE C 204 -15.99 14.72 -32.13
C PHE C 204 -15.35 13.77 -31.16
N LYS C 205 -15.39 14.12 -29.88
CA LYS C 205 -14.76 13.35 -28.81
C LYS C 205 -15.09 11.85 -28.86
N LYS C 206 -16.10 11.49 -29.65
CA LYS C 206 -16.62 10.12 -29.66
C LYS C 206 -16.38 9.34 -30.98
N HIS C 207 -15.60 9.92 -31.87
CA HIS C 207 -15.25 9.27 -33.12
C HIS C 207 -14.47 7.98 -32.84
N GLU C 208 -14.54 7.02 -33.79
CA GLU C 208 -13.87 5.74 -33.60
C GLU C 208 -12.36 5.91 -33.58
N CYS C 209 -11.89 6.89 -34.35
CA CYS C 209 -10.46 7.11 -34.50
C CYS C 209 -9.93 8.16 -33.52
N ALA C 210 -10.79 8.60 -32.60
CA ALA C 210 -10.43 9.65 -31.65
C ALA C 210 -9.28 9.23 -30.73
N SER C 211 -8.87 7.96 -30.84
CA SER C 211 -7.75 7.44 -30.07
C SER C 211 -6.44 8.11 -30.43
N PHE C 212 -6.47 8.90 -31.51
CA PHE C 212 -5.27 9.58 -32.00
C PHE C 212 -4.78 10.64 -31.02
N ARG C 213 -5.71 11.23 -30.26
CA ARG C 213 -5.37 12.20 -29.23
C ARG C 213 -4.29 11.67 -28.29
N TYR C 214 -3.97 10.38 -28.37
CA TYR C 214 -3.16 9.75 -27.35
C TYR C 214 -1.68 9.98 -27.53
N GLY C 215 -1.39 11.20 -27.99
CA GLY C 215 -0.06 11.72 -28.17
C GLY C 215 -0.17 13.13 -28.75
N THR C 216 -1.35 13.42 -29.28
CA THR C 216 -1.65 14.72 -29.87
C THR C 216 -2.19 15.70 -28.82
N ILE C 217 -2.50 15.19 -27.63
CA ILE C 217 -3.15 15.98 -26.60
C ILE C 217 -2.23 17.01 -25.94
N VAL C 218 -0.92 16.78 -25.95
CA VAL C 218 -0.03 17.71 -25.26
C VAL C 218 0.12 19.00 -26.06
N SER C 219 -0.54 19.03 -27.23
CA SER C 219 -0.61 20.25 -28.00
C SER C 219 -1.56 21.28 -27.41
N ARG C 220 -2.68 20.79 -26.86
CA ARG C 220 -3.73 21.63 -26.29
C ARG C 220 -3.27 22.39 -25.03
N PHE C 221 -3.27 23.72 -25.16
CA PHE C 221 -2.78 24.61 -24.12
C PHE C 221 -1.25 24.54 -23.92
N LYS C 222 -0.56 24.17 -24.98
CA LYS C 222 0.90 24.25 -24.99
C LYS C 222 1.33 25.67 -24.70
N ASP C 223 2.28 25.84 -23.79
CA ASP C 223 2.80 27.15 -23.44
C ASP C 223 1.73 28.10 -22.82
N CYS C 224 0.71 27.53 -22.17
CA CYS C 224 -0.37 28.30 -21.49
C CYS C 224 -0.57 27.89 -20.05
N ALA C 225 0.50 27.66 -19.31
CA ALA C 225 0.37 27.14 -17.94
C ALA C 225 -0.27 28.08 -16.91
N ALA C 226 0.01 29.38 -17.00
CA ALA C 226 -0.57 30.34 -16.07
C ALA C 226 -2.06 30.08 -15.94
N LEU C 227 -2.77 29.93 -17.06
CA LEU C 227 -4.20 29.61 -16.99
C LEU C 227 -4.49 28.39 -16.13
N ALA C 228 -3.75 27.32 -16.35
CA ALA C 228 -3.98 26.09 -15.61
C ALA C 228 -3.68 26.24 -14.11
N THR C 229 -2.62 26.94 -13.76
CA THR C 229 -2.32 27.12 -12.35
C THR C 229 -3.45 27.91 -11.66
N PHE C 230 -4.02 28.87 -12.39
CA PHE C 230 -5.18 29.67 -11.94
C PHE C 230 -6.34 28.75 -11.58
N GLY C 231 -6.73 27.90 -12.54
CA GLY C 231 -7.78 26.93 -12.32
C GLY C 231 -7.49 26.04 -11.13
N HIS C 232 -6.21 25.74 -10.91
CA HIS C 232 -5.82 24.82 -9.84
C HIS C 232 -6.00 25.50 -8.50
N LEU C 233 -5.49 26.73 -8.41
CA LEU C 233 -5.69 27.58 -7.24
C LEU C 233 -7.16 27.68 -6.87
N CYS C 234 -8.04 27.80 -7.85
CA CYS C 234 -9.47 27.91 -7.57
C CYS C 234 -9.99 26.63 -6.98
N LYS C 235 -9.66 25.51 -7.62
CA LYS C 235 -10.11 24.19 -7.15
C LYS C 235 -9.58 23.88 -5.76
N ILE C 236 -8.35 24.31 -5.49
CA ILE C 236 -7.62 23.89 -4.30
C ILE C 236 -8.02 24.69 -3.05
N THR C 237 -8.58 25.88 -3.25
CA THR C 237 -9.07 26.72 -2.17
C THR C 237 -10.59 26.75 -2.09
N GLY C 238 -11.26 26.09 -3.02
CA GLY C 238 -12.72 26.15 -3.05
C GLY C 238 -13.35 27.50 -3.39
N MET C 239 -12.53 28.54 -3.59
CA MET C 239 -13.08 29.86 -3.90
C MET C 239 -13.47 30.00 -5.37
N SER C 240 -14.21 31.07 -5.67
CA SER C 240 -14.69 31.33 -7.02
C SER C 240 -13.57 31.99 -7.82
N THR C 241 -13.73 32.02 -9.13
CA THR C 241 -12.74 32.70 -9.93
C THR C 241 -12.66 34.19 -9.56
N GLU C 242 -13.80 34.80 -9.21
CA GLU C 242 -13.82 36.24 -8.90
C GLU C 242 -13.29 36.51 -7.50
N ASP C 243 -13.48 35.57 -6.59
CA ASP C 243 -12.96 35.73 -5.24
C ASP C 243 -11.43 35.54 -5.19
N VAL C 244 -10.91 34.49 -5.83
CA VAL C 244 -9.47 34.32 -5.95
C VAL C 244 -8.83 35.61 -6.45
N THR C 245 -9.38 36.15 -7.55
CA THR C 245 -8.89 37.40 -8.12
C THR C 245 -8.72 38.49 -7.05
N THR C 246 -9.68 38.62 -6.13
CA THR C 246 -9.57 39.70 -5.15
C THR C 246 -8.43 39.48 -4.17
N TRP C 247 -8.05 38.23 -3.96
CA TRP C 247 -6.91 37.91 -3.07
C TRP C 247 -5.51 38.12 -3.70
N ILE C 248 -5.46 38.57 -4.96
CA ILE C 248 -4.21 39.05 -5.52
C ILE C 248 -3.78 40.32 -4.77
N LEU C 249 -2.55 40.34 -4.28
CA LEU C 249 -2.11 41.42 -3.38
C LEU C 249 -0.80 42.11 -3.78
N ASN C 250 -0.32 41.91 -4.99
CA ASN C 250 0.91 42.58 -5.42
C ASN C 250 0.81 43.17 -6.83
N ARG C 251 1.32 44.38 -7.02
CA ARG C 251 1.30 45.01 -8.35
C ARG C 251 1.52 44.01 -9.49
N GLU C 252 2.63 43.28 -9.48
CA GLU C 252 3.02 42.49 -10.66
C GLU C 252 2.17 41.27 -10.92
N VAL C 253 1.60 40.69 -9.89
CA VAL C 253 0.64 39.62 -10.11
C VAL C 253 -0.62 40.19 -10.72
N ALA C 254 -1.07 41.34 -10.21
CA ALA C 254 -2.26 41.98 -10.76
C ALA C 254 -2.04 42.41 -12.20
N ASP C 255 -0.89 43.02 -12.51
CA ASP C 255 -0.49 43.30 -13.91
C ASP C 255 -0.69 42.09 -14.78
N GLU C 256 -0.14 40.96 -14.35
CA GLU C 256 -0.09 39.73 -15.15
C GLU C 256 -1.45 39.08 -15.27
N MET C 257 -2.25 39.17 -14.19
CA MET C 257 -3.58 38.58 -14.23
C MET C 257 -4.44 39.32 -15.24
N VAL C 258 -4.34 40.65 -15.27
CA VAL C 258 -4.99 41.48 -16.29
C VAL C 258 -4.55 41.05 -17.67
N GLN C 259 -3.25 40.80 -17.82
CA GLN C 259 -2.68 40.32 -19.08
C GLN C 259 -3.37 39.07 -19.58
N MET C 260 -3.59 38.10 -18.69
CA MET C 260 -4.16 36.83 -19.12
C MET C 260 -5.65 36.91 -19.38
N MET C 261 -6.31 37.94 -18.88
CA MET C 261 -7.75 38.00 -18.96
C MET C 261 -8.30 38.91 -20.06
N LEU C 262 -7.40 39.48 -20.86
CA LEU C 262 -7.78 40.34 -21.96
C LEU C 262 -8.90 39.67 -22.75
N PRO C 263 -9.92 40.46 -23.14
CA PRO C 263 -11.27 39.93 -23.42
C PRO C 263 -11.57 39.31 -24.78
N GLY C 264 -10.79 39.57 -25.83
CA GLY C 264 -11.22 39.04 -27.11
C GLY C 264 -10.61 37.72 -27.54
N GLN C 265 -10.41 36.80 -26.63
CA GLN C 265 -9.50 35.68 -26.95
C GLN C 265 -10.09 34.26 -26.89
N GLU C 266 -11.33 34.13 -26.44
CA GLU C 266 -11.98 32.82 -26.39
C GLU C 266 -11.35 31.80 -25.46
N ILE C 267 -10.73 32.25 -24.36
CA ILE C 267 -10.10 31.30 -23.44
C ILE C 267 -11.15 30.38 -22.79
N ASP C 268 -12.28 30.96 -22.40
CA ASP C 268 -13.34 30.17 -21.74
C ASP C 268 -14.23 29.46 -22.72
N LYS C 269 -13.89 29.54 -24.01
CA LYS C 269 -14.72 28.99 -25.08
C LYS C 269 -14.60 27.47 -25.15
N ALA C 270 -15.61 26.84 -25.74
CA ALA C 270 -15.70 25.38 -25.78
C ALA C 270 -14.64 24.79 -26.68
N ASP C 271 -14.84 24.89 -28.01
CA ASP C 271 -13.86 24.40 -28.98
C ASP C 271 -13.40 25.53 -29.89
N SER C 272 -12.38 26.26 -29.47
CA SER C 272 -11.87 27.36 -30.26
C SER C 272 -10.46 27.01 -30.73
N TYR C 273 -9.81 27.94 -31.44
CA TYR C 273 -8.43 27.76 -31.87
C TYR C 273 -7.43 28.11 -30.78
N MET C 274 -7.87 28.85 -29.76
CA MET C 274 -6.95 29.46 -28.80
C MET C 274 -6.03 28.48 -28.06
N PRO C 275 -6.53 27.31 -27.67
CA PRO C 275 -5.63 26.36 -27.01
C PRO C 275 -4.39 26.01 -27.85
N TYR C 276 -4.53 26.11 -29.17
CA TYR C 276 -3.44 25.69 -30.05
C TYR C 276 -2.72 26.89 -30.60
N LEU C 277 -2.79 28.01 -29.88
CA LEU C 277 -2.22 29.26 -30.39
C LEU C 277 -0.77 29.10 -30.79
N ILE C 278 -0.05 28.19 -30.13
CA ILE C 278 1.39 27.99 -30.41
C ILE C 278 1.69 27.08 -31.60
N ASP C 279 1.03 25.92 -31.66
CA ASP C 279 1.32 24.94 -32.69
C ASP C 279 0.71 25.22 -34.07
N PHE C 280 -0.35 26.02 -34.14
CA PHE C 280 -0.90 26.49 -35.41
C PHE C 280 -0.13 27.72 -35.84
N GLY C 281 0.80 28.15 -35.02
CA GLY C 281 1.60 29.31 -35.33
C GLY C 281 0.81 30.60 -35.34
N LEU C 282 -0.18 30.72 -34.47
CA LEU C 282 -0.92 31.98 -34.33
C LEU C 282 -0.16 32.94 -33.43
N SER C 283 0.82 32.43 -32.69
CA SER C 283 1.54 33.23 -31.72
C SER C 283 2.93 32.67 -31.50
N SER C 284 3.89 33.56 -31.31
CA SER C 284 5.27 33.13 -31.10
C SER C 284 5.78 33.61 -29.75
N LYS C 285 4.85 34.10 -28.94
CA LYS C 285 5.11 34.40 -27.54
C LYS C 285 3.76 34.36 -26.83
N SER C 286 3.49 33.27 -26.10
CA SER C 286 2.20 33.11 -25.46
C SER C 286 2.00 34.04 -24.26
N PRO C 287 0.91 34.82 -24.26
CA PRO C 287 0.63 35.65 -23.09
C PRO C 287 0.23 34.81 -21.87
N TYR C 288 -0.05 33.54 -22.08
CA TYR C 288 -0.58 32.72 -21.01
C TYR C 288 0.49 31.83 -20.42
N SER C 289 1.74 32.06 -20.79
CA SER C 289 2.82 31.18 -20.33
C SER C 289 3.26 31.56 -18.93
N SER C 290 3.88 30.62 -18.22
CA SER C 290 4.32 30.90 -16.88
C SER C 290 5.65 31.64 -16.90
N VAL C 291 6.27 31.70 -18.06
CA VAL C 291 7.52 32.41 -18.22
C VAL C 291 7.18 33.88 -18.36
N LYS C 292 6.06 34.17 -19.02
CA LYS C 292 5.60 35.54 -19.21
C LYS C 292 4.63 35.96 -18.10
N ASN C 293 4.45 35.05 -17.12
CA ASN C 293 3.64 35.30 -15.94
C ASN C 293 4.32 34.85 -14.65
N PRO C 294 5.62 35.17 -14.48
CA PRO C 294 6.42 34.63 -13.36
C PRO C 294 5.90 34.97 -11.95
N ALA C 295 5.55 36.22 -11.67
CA ALA C 295 5.06 36.56 -10.33
C ALA C 295 3.79 35.79 -10.05
N PHE C 296 2.84 35.82 -10.98
CA PHE C 296 1.63 35.07 -10.76
C PHE C 296 1.93 33.58 -10.58
N HIS C 297 2.91 33.10 -11.31
CA HIS C 297 3.23 31.68 -11.24
C HIS C 297 3.74 31.26 -9.86
N PHE C 298 4.67 32.04 -9.34
CA PHE C 298 5.18 31.79 -8.01
C PHE C 298 4.04 31.90 -6.96
N TRP C 299 3.33 33.02 -6.97
CA TRP C 299 2.32 33.24 -5.95
C TRP C 299 1.29 32.11 -5.94
N GLY C 300 0.80 31.77 -7.12
CA GLY C 300 -0.27 30.79 -7.26
C GLY C 300 0.16 29.39 -6.89
N GLN C 301 1.37 29.04 -7.30
CA GLN C 301 1.88 27.71 -7.03
C GLN C 301 2.29 27.60 -5.54
N LEU C 302 2.89 28.65 -5.00
CA LEU C 302 3.34 28.62 -3.62
C LEU C 302 2.11 28.43 -2.74
N THR C 303 1.11 29.30 -2.94
CA THR C 303 -0.14 29.22 -2.18
C THR C 303 -0.78 27.84 -2.28
N ALA C 304 -0.72 27.19 -3.45
CA ALA C 304 -1.37 25.91 -3.59
C ALA C 304 -0.56 24.87 -2.85
N LEU C 305 0.70 25.16 -2.61
CA LEU C 305 1.56 24.18 -1.96
C LEU C 305 1.28 24.16 -0.48
N LEU C 306 1.10 25.34 0.10
CA LEU C 306 0.79 25.49 1.53
C LEU C 306 -0.58 24.91 1.85
N LEU C 307 -1.47 24.90 0.85
CA LEU C 307 -2.79 24.32 1.00
C LEU C 307 -2.77 22.84 0.64
N ARG C 308 -1.57 22.29 0.51
CA ARG C 308 -1.40 20.84 0.40
C ARG C 308 -1.35 20.20 -1.02
N SER C 309 -1.16 21.02 -2.07
CA SER C 309 -1.07 20.52 -3.44
C SER C 309 0.08 19.58 -3.59
N THR C 310 -0.05 18.60 -4.48
CA THR C 310 1.13 17.80 -4.83
C THR C 310 1.82 18.30 -6.09
N ARG C 311 1.05 18.72 -7.10
CA ARG C 311 1.64 19.34 -8.29
C ARG C 311 2.62 20.44 -7.87
N ALA C 312 2.23 21.26 -6.92
CA ALA C 312 2.99 22.45 -6.63
C ALA C 312 4.37 22.11 -6.11
N ARG C 313 4.55 20.91 -5.59
CA ARG C 313 5.85 20.52 -5.01
C ARG C 313 7.02 20.64 -6.03
N ASN C 314 6.74 20.46 -7.31
CA ASN C 314 7.79 20.44 -8.33
C ASN C 314 7.79 21.60 -9.33
N ALA C 315 6.86 22.54 -9.20
CA ALA C 315 6.81 23.66 -10.12
C ALA C 315 8.13 24.40 -10.03
N ARG C 316 8.50 25.07 -11.12
CA ARG C 316 9.79 25.77 -11.18
C ARG C 316 9.70 27.19 -10.59
N GLN C 317 10.77 27.60 -9.93
CA GLN C 317 10.86 28.88 -9.26
C GLN C 317 11.45 29.92 -10.20
N PRO C 318 10.61 30.83 -10.69
CA PRO C 318 11.07 31.83 -11.64
C PRO C 318 12.12 32.72 -11.03
N ASP C 319 13.03 33.22 -11.87
CA ASP C 319 14.02 34.22 -11.48
C ASP C 319 13.41 35.62 -11.66
N ASP C 320 14.09 36.61 -11.10
CA ASP C 320 13.72 38.01 -11.30
C ASP C 320 12.27 38.39 -10.91
N ILE C 321 11.76 37.78 -9.85
CA ILE C 321 10.52 38.22 -9.24
C ILE C 321 10.81 38.69 -7.84
N GLU C 322 9.78 39.14 -7.16
CA GLU C 322 9.97 39.73 -5.83
C GLU C 322 9.62 38.71 -4.74
N TYR C 323 10.58 37.82 -4.46
CA TYR C 323 10.33 36.63 -3.63
C TYR C 323 9.75 36.93 -2.26
N THR C 324 10.26 37.94 -1.57
CA THR C 324 9.82 38.10 -0.18
C THR C 324 8.37 38.54 -0.06
N SER C 325 7.98 39.51 -0.87
CA SER C 325 6.62 40.04 -0.74
C SER C 325 5.66 39.08 -1.39
N LEU C 326 6.15 38.37 -2.40
CA LEU C 326 5.31 37.42 -3.10
C LEU C 326 4.94 36.27 -2.15
N THR C 327 5.91 35.86 -1.32
CA THR C 327 5.67 34.77 -0.37
C THR C 327 4.88 35.22 0.88
N THR C 328 5.17 36.40 1.39
CA THR C 328 4.32 36.90 2.48
C THR C 328 2.82 36.89 2.09
N ALA C 329 2.51 37.37 0.89
CA ALA C 329 1.14 37.39 0.42
C ALA C 329 0.58 35.97 0.27
N GLY C 330 1.42 35.04 -0.17
CA GLY C 330 0.99 33.67 -0.33
C GLY C 330 0.66 33.07 1.03
N LEU C 331 1.56 33.29 1.98
CA LEU C 331 1.35 32.83 3.36
C LEU C 331 -0.01 33.29 3.88
N LEU C 332 -0.34 34.56 3.66
CA LEU C 332 -1.56 35.11 4.24
C LEU C 332 -2.77 34.41 3.65
N TYR C 333 -2.76 34.22 2.35
CA TYR C 333 -3.92 33.72 1.63
C TYR C 333 -4.15 32.26 2.02
N ALA C 334 -3.04 31.55 2.13
CA ALA C 334 -3.06 30.13 2.39
C ALA C 334 -3.43 29.89 3.84
N TYR C 335 -3.11 30.87 4.68
CA TYR C 335 -3.42 30.79 6.11
C TYR C 335 -4.87 31.11 6.35
N ALA C 336 -5.41 32.07 5.60
CA ALA C 336 -6.82 32.42 5.68
C ALA C 336 -7.63 31.20 5.29
N VAL C 337 -7.49 30.77 4.04
CA VAL C 337 -8.23 29.61 3.55
C VAL C 337 -8.00 28.42 4.47
N GLY C 338 -6.80 28.37 5.02
CA GLY C 338 -6.30 27.19 5.69
C GLY C 338 -6.87 26.90 7.06
N SER C 339 -7.09 27.93 7.87
CA SER C 339 -7.59 27.74 9.24
C SER C 339 -9.13 27.78 9.32
N SER C 340 -9.77 28.78 8.73
CA SER C 340 -11.23 28.82 8.70
C SER C 340 -11.86 27.94 7.60
N ALA C 341 -12.21 26.69 7.92
CA ALA C 341 -12.80 25.77 6.94
C ALA C 341 -14.18 26.21 6.44
N ASP C 342 -14.61 25.71 5.27
CA ASP C 342 -15.98 25.98 4.81
C ASP C 342 -16.88 25.49 5.92
N LEU C 343 -17.35 24.25 5.78
CA LEU C 343 -18.03 23.53 6.86
C LEU C 343 -19.43 24.08 7.12
N ALA C 344 -20.45 23.42 6.57
CA ALA C 344 -21.82 23.82 6.82
C ALA C 344 -22.66 22.59 6.64
N GLN C 345 -23.70 22.43 7.45
CA GLN C 345 -24.54 21.25 7.27
C GLN C 345 -25.09 21.27 5.83
N GLN C 346 -25.25 20.09 5.23
CA GLN C 346 -25.69 20.00 3.83
C GLN C 346 -27.00 19.22 3.62
N PHE C 347 -27.21 18.18 4.42
CA PHE C 347 -28.47 17.44 4.42
C PHE C 347 -29.03 17.32 5.85
N CYS C 348 -30.35 17.13 5.97
CA CYS C 348 -31.01 17.06 7.28
C CYS C 348 -32.27 16.18 7.25
N VAL C 349 -32.89 16.01 8.40
CA VAL C 349 -34.19 15.33 8.50
C VAL C 349 -35.26 16.15 9.32
N GLY C 350 -35.58 17.37 8.86
CA GLY C 350 -36.40 18.29 9.64
C GLY C 350 -35.61 19.00 10.74
N ASP C 351 -34.38 18.57 10.98
CA ASP C 351 -33.54 19.08 12.07
C ASP C 351 -32.18 19.60 11.59
N ASN C 352 -32.02 20.93 11.53
CA ASN C 352 -30.78 21.53 11.04
C ASN C 352 -30.14 22.56 11.96
N LYS C 353 -28.94 23.04 11.62
CA LYS C 353 -28.23 23.98 12.49
C LYS C 353 -28.07 25.36 11.85
N TYR C 354 -28.91 26.30 12.25
CA TYR C 354 -28.73 27.71 11.88
C TYR C 354 -27.58 28.29 12.68
N THR C 355 -26.45 28.52 12.01
CA THR C 355 -25.21 28.86 12.69
C THR C 355 -25.13 30.22 13.43
N PRO C 356 -25.47 31.32 12.73
CA PRO C 356 -25.26 32.70 13.23
C PRO C 356 -25.93 33.05 14.57
N THR C 365 -9.23 40.63 19.86
CA THR C 365 -8.65 41.51 18.85
C THR C 365 -7.67 40.74 17.96
N ASN C 366 -6.67 40.12 18.59
CA ASN C 366 -5.64 39.41 17.85
C ASN C 366 -6.13 38.10 17.24
N ALA C 367 -7.40 37.77 17.51
CA ALA C 367 -8.05 36.60 16.89
C ALA C 367 -8.46 36.93 15.46
N PRO C 368 -8.02 36.11 14.50
CA PRO C 368 -8.21 36.36 13.07
C PRO C 368 -9.68 36.24 12.65
N PRO C 369 -10.08 36.97 11.58
CA PRO C 369 -11.41 36.98 10.96
C PRO C 369 -12.02 35.61 10.82
N GLN C 370 -13.33 35.58 10.62
CA GLN C 370 -14.10 34.34 10.72
C GLN C 370 -14.32 33.70 9.34
N GLY C 371 -14.21 34.49 8.28
CA GLY C 371 -14.39 33.97 6.95
C GLY C 371 -13.12 34.04 6.12
N ARG C 372 -13.28 34.26 4.82
CA ARG C 372 -12.16 34.37 3.89
C ARG C 372 -12.26 35.65 3.09
N ASP C 373 -12.59 36.76 3.73
CA ASP C 373 -12.70 38.00 2.96
C ASP C 373 -11.44 38.83 3.03
N VAL C 374 -10.98 39.28 1.85
CA VAL C 374 -9.74 40.04 1.72
C VAL C 374 -9.64 41.24 2.64
N VAL C 375 -10.73 42.00 2.74
CA VAL C 375 -10.70 43.23 3.51
C VAL C 375 -10.60 42.94 5.00
N GLU C 376 -11.45 42.06 5.51
CA GLU C 376 -11.34 41.65 6.91
C GLU C 376 -9.89 41.25 7.22
N TRP C 377 -9.31 40.44 6.32
CA TRP C 377 -8.01 39.82 6.55
C TRP C 377 -6.84 40.77 6.37
N LEU C 378 -6.95 41.65 5.38
CA LEU C 378 -5.97 42.73 5.21
C LEU C 378 -5.92 43.63 6.46
N GLY C 379 -7.10 43.99 6.98
CA GLY C 379 -7.20 44.78 8.18
C GLY C 379 -6.62 44.08 9.39
N TRP C 380 -6.95 42.81 9.60
CA TRP C 380 -6.34 42.02 10.66
C TRP C 380 -4.81 41.98 10.55
N PHE C 381 -4.28 42.03 9.32
CA PHE C 381 -2.83 41.99 9.08
C PHE C 381 -2.18 43.33 9.44
N GLU C 382 -2.82 44.44 9.06
CA GLU C 382 -2.37 45.76 9.54
C GLU C 382 -2.22 45.72 11.06
N ASP C 383 -3.30 45.34 11.73
CA ASP C 383 -3.33 45.14 13.18
C ASP C 383 -2.11 44.40 13.73
N GLN C 384 -1.58 43.45 12.96
CA GLN C 384 -0.52 42.60 13.48
C GLN C 384 0.88 43.06 13.11
N ASN C 385 0.98 44.32 12.66
CA ASN C 385 2.23 44.96 12.26
C ASN C 385 2.73 44.59 10.85
N ARG C 386 1.80 44.13 10.02
CA ARG C 386 2.13 43.65 8.68
C ARG C 386 3.29 42.65 8.65
N LYS C 387 3.46 41.91 9.75
CA LYS C 387 4.44 40.83 9.84
C LYS C 387 3.73 39.56 10.33
N PRO C 388 4.04 38.43 9.71
CA PRO C 388 3.26 37.22 10.01
C PRO C 388 3.29 36.81 11.49
N THR C 389 2.15 36.41 12.04
CA THR C 389 2.06 35.95 13.43
C THR C 389 2.72 34.58 13.55
N PRO C 390 3.26 34.26 14.74
CA PRO C 390 3.99 33.00 14.93
C PRO C 390 3.10 31.77 14.67
N ASP C 391 1.79 31.92 14.76
CA ASP C 391 0.91 30.81 14.48
C ASP C 391 0.90 30.55 12.97
N MET C 392 0.76 31.60 12.18
CA MET C 392 0.74 31.39 10.73
C MET C 392 2.11 30.97 10.23
N MET C 393 3.15 31.35 10.96
CA MET C 393 4.50 30.91 10.67
C MET C 393 4.64 29.40 10.97
N GLN C 394 3.92 28.97 11.99
CA GLN C 394 3.89 27.57 12.42
C GLN C 394 3.00 26.76 11.48
N TYR C 395 1.95 27.39 10.95
CA TYR C 395 1.06 26.76 9.99
C TYR C 395 1.84 26.36 8.74
N ALA C 396 2.70 27.29 8.31
CA ALA C 396 3.53 27.11 7.14
C ALA C 396 4.56 26.01 7.38
N LYS C 397 5.13 25.96 8.57
CA LYS C 397 6.11 24.91 8.90
C LYS C 397 5.51 23.50 8.76
N ARG C 398 4.35 23.27 9.37
CA ARG C 398 3.67 21.99 9.27
C ARG C 398 3.40 21.52 7.81
N ALA C 399 3.10 22.47 6.92
CA ALA C 399 2.76 22.12 5.55
C ALA C 399 3.99 21.76 4.71
N VAL C 400 5.16 22.28 5.08
CA VAL C 400 6.34 22.05 4.28
C VAL C 400 7.33 21.08 4.90
N MET C 401 7.39 21.04 6.23
CA MET C 401 8.21 20.01 6.88
C MET C 401 7.64 18.66 6.44
N SER C 402 8.47 17.64 6.38
CA SER C 402 7.99 16.30 6.01
C SER C 402 7.66 16.10 4.52
N LEU C 403 7.99 17.09 3.68
CA LEU C 403 8.02 16.86 2.25
C LEU C 403 9.37 16.21 2.00
N GLN C 404 9.48 15.39 0.96
CA GLN C 404 10.80 14.89 0.55
C GLN C 404 10.95 14.69 -0.94
N GLY C 405 12.20 14.58 -1.37
CA GLY C 405 12.52 14.35 -2.76
C GLY C 405 12.43 15.61 -3.57
N LEU C 406 12.82 16.71 -2.93
CA LEU C 406 12.65 18.03 -3.53
C LEU C 406 13.79 18.38 -4.49
N ARG C 407 13.43 18.54 -5.76
CA ARG C 407 14.40 18.87 -6.80
C ARG C 407 14.92 20.30 -6.60
N GLU C 408 16.13 20.55 -7.09
CA GLU C 408 16.72 21.87 -6.95
C GLU C 408 15.99 22.86 -7.86
N LYS C 409 15.69 24.05 -7.31
CA LYS C 409 15.02 25.12 -8.06
C LYS C 409 13.50 24.97 -8.20
N THR C 410 12.85 24.21 -7.33
CA THR C 410 11.38 24.09 -7.37
C THR C 410 10.77 25.05 -6.33
N ILE C 411 9.52 25.46 -6.52
CA ILE C 411 8.89 26.31 -5.52
C ILE C 411 8.64 25.46 -4.28
N GLY C 412 8.76 24.15 -4.44
CA GLY C 412 8.73 23.26 -3.30
C GLY C 412 9.96 23.40 -2.41
N LYS C 413 11.16 23.27 -2.99
CA LYS C 413 12.38 23.36 -2.19
C LYS C 413 12.50 24.74 -1.60
N TYR C 414 12.04 25.74 -2.33
CA TYR C 414 12.07 27.11 -1.81
C TYR C 414 11.22 27.22 -0.55
N ALA C 415 10.06 26.60 -0.57
CA ALA C 415 9.12 26.71 0.52
C ALA C 415 9.58 25.97 1.76
N LYS C 416 10.22 24.82 1.61
CA LYS C 416 10.68 24.11 2.80
C LYS C 416 11.86 24.84 3.41
N SER C 417 12.79 25.25 2.57
CA SER C 417 13.98 25.94 3.04
C SER C 417 13.60 27.24 3.76
N GLU C 418 12.49 27.86 3.37
CA GLU C 418 12.07 29.14 3.94
C GLU C 418 11.22 28.99 5.20
N PHE C 419 10.54 27.87 5.37
CA PHE C 419 9.66 27.69 6.52
C PHE C 419 10.07 26.59 7.50
N ASP C 420 10.54 25.44 7.01
CA ASP C 420 10.99 24.38 7.91
C ASP C 420 12.40 24.69 8.34
N LYS C 421 12.49 25.37 9.47
CA LYS C 421 13.77 25.77 10.03
C LYS C 421 14.77 24.60 10.20
N SER D 1 45.44 64.85 3.43
CA SER D 1 45.93 65.02 2.08
C SER D 1 47.02 66.09 2.01
N VAL D 2 46.61 67.34 2.18
CA VAL D 2 46.92 68.09 3.39
C VAL D 2 48.36 68.23 3.89
N THR D 3 48.57 67.97 5.17
CA THR D 3 49.91 67.90 5.73
C THR D 3 49.97 66.92 6.91
N VAL D 4 50.69 65.82 6.71
CA VAL D 4 50.92 64.87 7.79
C VAL D 4 52.30 65.12 8.38
N LYS D 5 52.35 65.37 9.68
CA LYS D 5 53.64 65.58 10.32
C LYS D 5 53.84 64.55 11.43
N ARG D 6 55.08 64.08 11.56
CA ARG D 6 55.45 63.08 12.55
C ARG D 6 55.69 63.69 13.94
N ILE D 7 54.87 63.35 14.92
CA ILE D 7 54.91 64.13 16.16
C ILE D 7 56.25 64.12 16.88
N ILE D 8 56.77 62.95 17.21
CA ILE D 8 58.02 62.87 17.96
C ILE D 8 59.10 63.90 17.59
N ASP D 9 59.34 64.13 16.29
CA ASP D 9 60.38 65.07 15.89
C ASP D 9 59.87 66.23 14.99
N ASN D 10 58.56 66.40 14.96
CA ASN D 10 57.91 67.35 14.05
C ASN D 10 58.53 67.48 12.65
N THR D 11 58.61 66.36 11.91
CA THR D 11 58.99 66.37 10.50
C THR D 11 57.84 65.97 9.56
N VAL D 12 57.92 66.44 8.33
CA VAL D 12 56.88 66.13 7.39
C VAL D 12 57.09 64.71 6.88
N ILE D 13 55.98 64.01 6.64
CA ILE D 13 55.98 62.75 5.89
C ILE D 13 54.91 62.91 4.78
N VAL D 14 55.17 62.39 3.59
CA VAL D 14 54.26 62.62 2.48
C VAL D 14 53.68 61.32 1.97
N PRO D 15 52.78 60.70 2.75
CA PRO D 15 52.29 59.39 2.34
C PRO D 15 51.79 59.37 0.89
N LYS D 16 52.32 58.45 0.12
CA LYS D 16 51.93 58.29 -1.27
C LYS D 16 51.95 56.79 -1.52
N LEU D 17 51.29 56.33 -2.57
CA LEU D 17 51.34 54.92 -2.92
C LEU D 17 51.27 54.67 -4.45
N PRO D 18 51.82 53.53 -4.91
CA PRO D 18 51.97 53.25 -6.34
C PRO D 18 50.76 53.67 -7.16
N ALA D 19 51.04 54.16 -8.37
CA ALA D 19 50.01 54.57 -9.31
C ALA D 19 49.24 53.36 -9.86
N ASN D 20 47.95 53.57 -10.10
CA ASN D 20 47.13 52.59 -10.81
C ASN D 20 46.42 53.26 -11.97
N GLU D 21 46.04 52.51 -12.99
CA GLU D 21 45.56 53.15 -14.20
C GLU D 21 44.41 52.42 -14.89
N ASP D 22 44.71 51.80 -16.03
CA ASP D 22 43.68 51.43 -17.02
C ASP D 22 42.28 52.04 -16.74
N PRO D 23 42.05 53.25 -17.30
CA PRO D 23 40.75 53.93 -17.39
C PRO D 23 39.84 53.14 -18.30
N VAL D 24 38.53 53.18 -18.04
CA VAL D 24 37.59 52.49 -18.90
C VAL D 24 37.47 53.27 -20.20
N GLU D 25 36.96 52.62 -21.24
CA GLU D 25 36.74 53.25 -22.53
C GLU D 25 35.30 53.04 -22.94
N TYR D 26 34.56 54.14 -23.12
CA TYR D 26 33.12 54.06 -23.49
C TYR D 26 32.93 53.80 -24.98
N PRO D 27 31.78 53.20 -25.37
CA PRO D 27 31.62 52.91 -26.79
C PRO D 27 31.46 54.18 -27.62
N ALA D 28 30.61 55.10 -27.19
CA ALA D 28 30.39 56.31 -27.96
C ALA D 28 31.71 57.01 -28.28
N ASP D 29 32.49 57.26 -27.24
CA ASP D 29 33.73 58.04 -27.38
C ASP D 29 34.72 57.25 -28.30
N TYR D 30 34.19 56.34 -29.15
CA TYR D 30 35.00 55.57 -30.14
C TYR D 30 34.55 55.77 -31.58
N PHE D 31 33.26 56.02 -31.76
CA PHE D 31 32.76 56.39 -33.08
C PHE D 31 33.06 57.86 -33.31
N ARG D 32 33.80 58.45 -32.37
CA ARG D 32 34.33 59.80 -32.54
C ARG D 32 35.55 59.72 -33.45
N LYS D 33 36.35 58.67 -33.24
CA LYS D 33 37.56 58.47 -34.02
C LYS D 33 37.24 57.86 -35.39
N SER D 34 37.02 56.55 -35.43
CA SER D 34 36.65 55.85 -36.67
C SER D 34 35.11 55.92 -36.89
N LYS D 35 34.65 55.45 -38.04
CA LYS D 35 33.21 55.41 -38.29
C LYS D 35 32.79 54.08 -38.96
N GLU D 36 33.59 53.04 -38.74
CA GLU D 36 33.31 51.73 -39.31
C GLU D 36 33.99 50.64 -38.51
N ILE D 37 33.54 49.40 -38.65
CA ILE D 37 34.20 48.28 -38.00
C ILE D 37 34.79 47.31 -39.00
N PRO D 38 36.11 47.31 -39.14
CA PRO D 38 36.86 46.44 -40.07
C PRO D 38 36.75 44.95 -39.77
N LEU D 39 36.28 44.17 -40.72
CA LEU D 39 36.30 42.71 -40.59
C LEU D 39 37.31 42.13 -41.60
N TYR D 40 38.52 41.81 -41.13
CA TYR D 40 39.56 41.29 -42.03
C TYR D 40 39.41 39.80 -42.37
N ILE D 41 38.90 39.53 -43.57
CA ILE D 41 38.86 38.17 -44.10
C ILE D 41 39.75 38.06 -45.36
N ASN D 42 40.87 38.78 -45.31
CA ASN D 42 41.97 38.73 -46.28
C ASN D 42 41.72 37.73 -47.41
N THR D 43 42.11 36.48 -47.15
CA THR D 43 41.88 35.40 -48.09
C THR D 43 40.39 35.22 -48.42
N THR D 44 40.11 35.24 -49.71
CA THR D 44 38.81 34.85 -50.27
C THR D 44 39.10 33.89 -51.42
N LYS D 45 38.79 32.62 -51.19
CA LYS D 45 39.19 31.54 -52.09
C LYS D 45 38.20 30.37 -52.03
N SER D 46 37.20 30.38 -52.91
CA SER D 46 36.25 29.27 -53.07
C SER D 46 35.40 28.99 -51.84
N LEU D 47 34.13 29.36 -51.91
CA LEU D 47 33.20 29.12 -50.81
C LEU D 47 33.04 27.61 -50.57
N SER D 48 33.55 26.81 -51.52
CA SER D 48 33.37 25.36 -51.51
C SER D 48 34.66 24.60 -51.18
N ASP D 49 35.80 25.20 -51.50
CA ASP D 49 37.08 24.64 -51.08
C ASP D 49 37.15 24.75 -49.56
N LEU D 50 36.72 25.90 -49.04
CA LEU D 50 36.74 26.23 -47.60
C LEU D 50 35.89 25.26 -46.80
N ARG D 51 34.69 24.99 -47.28
CA ARG D 51 33.80 23.98 -46.70
C ARG D 51 34.56 22.71 -46.31
N GLY D 52 35.55 22.35 -47.12
CA GLY D 52 36.33 21.14 -46.91
C GLY D 52 37.52 21.31 -45.96
N TYR D 53 38.30 22.36 -46.16
CA TYR D 53 39.43 22.65 -45.29
C TYR D 53 39.02 22.52 -43.83
N VAL D 54 37.84 23.05 -43.52
CA VAL D 54 37.31 23.02 -42.15
C VAL D 54 36.71 21.67 -41.83
N TYR D 55 35.91 21.12 -42.75
CA TYR D 55 35.26 19.85 -42.47
C TYR D 55 36.29 18.82 -42.00
N GLN D 56 37.41 18.74 -42.70
CA GLN D 56 38.48 17.81 -42.32
C GLN D 56 39.32 18.37 -41.17
N GLY D 57 39.80 19.60 -41.35
CA GLY D 57 40.65 20.24 -40.35
C GLY D 57 40.06 20.18 -38.95
N LEU D 58 38.76 19.88 -38.87
CA LEU D 58 38.04 19.83 -37.60
C LEU D 58 38.13 18.48 -36.90
N LYS D 59 38.41 17.42 -37.64
CA LYS D 59 38.58 16.10 -37.05
C LYS D 59 40.04 15.91 -36.64
N SER D 60 40.69 17.03 -36.30
CA SER D 60 42.10 17.05 -35.94
C SER D 60 42.49 18.47 -35.51
N GLY D 61 43.33 18.56 -34.48
CA GLY D 61 43.70 19.85 -33.91
C GLY D 61 44.71 20.64 -34.70
N ASN D 62 44.25 21.33 -35.73
CA ASN D 62 45.14 22.12 -36.58
C ASN D 62 44.44 22.99 -37.64
N VAL D 63 43.11 23.04 -37.61
CA VAL D 63 42.35 23.89 -38.53
C VAL D 63 42.61 25.37 -38.27
N SER D 64 42.90 26.10 -39.34
CA SER D 64 43.32 27.48 -39.19
C SER D 64 42.15 28.39 -38.89
N ILE D 65 42.30 29.20 -37.85
CA ILE D 65 41.26 30.16 -37.51
C ILE D 65 40.99 31.07 -38.71
N ILE D 66 42.00 31.22 -39.58
CA ILE D 66 41.85 32.08 -40.75
C ILE D 66 40.88 31.47 -41.73
N HIS D 67 40.73 30.15 -41.62
CA HIS D 67 39.91 29.38 -42.55
C HIS D 67 38.44 29.40 -42.16
N VAL D 68 38.17 29.29 -40.86
CA VAL D 68 36.79 29.38 -40.39
C VAL D 68 36.20 30.76 -40.68
N ASN D 69 36.92 31.82 -40.33
CA ASN D 69 36.44 33.18 -40.61
C ASN D 69 36.02 33.31 -42.06
N SER D 70 36.87 32.78 -42.94
CA SER D 70 36.66 32.87 -44.36
C SER D 70 35.47 32.03 -44.78
N TYR D 71 35.36 30.84 -44.20
CA TYR D 71 34.22 29.97 -44.47
C TYR D 71 32.91 30.59 -43.97
N LEU D 72 32.93 30.97 -42.69
CA LEU D 72 31.80 31.67 -42.08
C LEU D 72 31.30 32.84 -42.95
N TYR D 73 32.19 33.77 -43.29
CA TYR D 73 31.79 34.85 -44.19
C TYR D 73 31.02 34.26 -45.35
N GLY D 74 31.61 33.26 -46.02
CA GLY D 74 31.07 32.70 -47.23
C GLY D 74 29.73 31.99 -47.08
N ALA D 75 29.54 31.31 -45.95
CA ALA D 75 28.30 30.57 -45.73
C ALA D 75 27.19 31.44 -45.13
N LEU D 76 27.55 32.67 -44.76
CA LEU D 76 26.62 33.54 -44.02
C LEU D 76 26.13 34.79 -44.76
N LYS D 77 26.68 35.09 -45.93
CA LYS D 77 26.22 36.29 -46.62
C LYS D 77 24.85 36.09 -47.21
N ASP D 78 24.03 35.28 -46.54
CA ASP D 78 22.58 35.36 -46.74
C ASP D 78 22.14 36.83 -46.54
N ILE D 79 21.93 37.52 -47.67
CA ILE D 79 21.55 38.92 -47.63
C ILE D 79 20.06 39.03 -47.22
N ARG D 80 19.63 38.13 -46.33
CA ARG D 80 18.25 38.03 -45.87
C ARG D 80 17.92 39.09 -44.79
N GLY D 81 16.65 39.24 -44.42
CA GLY D 81 16.23 40.24 -43.45
C GLY D 81 15.81 41.61 -44.00
N LYS D 82 14.55 41.96 -43.77
CA LYS D 82 13.95 43.19 -44.28
C LYS D 82 13.55 44.10 -43.10
N LEU D 83 14.04 45.33 -43.09
CA LEU D 83 13.70 46.27 -42.01
C LEU D 83 12.29 46.83 -42.15
N ASP D 84 11.48 46.68 -41.11
CA ASP D 84 10.17 47.32 -41.08
C ASP D 84 10.27 48.80 -40.64
N LYS D 85 10.98 49.06 -39.54
CA LYS D 85 11.27 50.44 -39.15
C LYS D 85 12.61 50.90 -39.70
N ASP D 86 13.23 51.85 -39.01
CA ASP D 86 14.56 52.32 -39.36
C ASP D 86 15.57 51.77 -38.36
N TRP D 87 16.80 51.56 -38.79
CA TRP D 87 17.85 51.09 -37.88
C TRP D 87 19.04 52.04 -37.90
N SER D 88 19.41 52.52 -36.71
CA SER D 88 20.46 53.52 -36.58
C SER D 88 21.09 53.45 -35.20
N SER D 89 22.41 53.56 -35.14
CA SER D 89 23.13 53.51 -33.87
C SER D 89 24.44 54.29 -33.90
N PHE D 90 24.57 55.27 -33.00
CA PHE D 90 25.83 56.00 -32.81
C PHE D 90 26.19 56.90 -34.01
N GLY D 91 25.19 57.27 -34.79
CA GLY D 91 25.43 58.04 -35.98
C GLY D 91 25.49 57.17 -37.22
N ILE D 92 26.03 55.97 -37.08
CA ILE D 92 26.10 55.02 -38.18
C ILE D 92 24.72 54.57 -38.65
N ASN D 93 24.36 54.92 -39.87
CA ASN D 93 23.11 54.46 -40.47
C ASN D 93 23.34 53.11 -41.12
N ILE D 94 22.65 52.08 -40.65
CA ILE D 94 22.89 50.73 -41.16
C ILE D 94 21.73 50.19 -42.01
N GLY D 95 20.78 51.07 -42.30
CA GLY D 95 19.64 50.73 -43.13
C GLY D 95 18.43 51.58 -42.79
N LYS D 96 17.58 51.87 -43.77
CA LYS D 96 16.39 52.69 -43.53
C LYS D 96 15.16 52.10 -44.20
N ALA D 97 14.08 52.88 -44.21
CA ALA D 97 12.87 52.49 -44.94
C ALA D 97 13.11 51.28 -45.82
N GLY D 98 12.80 50.10 -45.30
CA GLY D 98 12.28 49.02 -46.12
C GLY D 98 13.37 48.13 -46.69
N ASP D 99 14.61 48.61 -46.62
CA ASP D 99 15.73 47.97 -47.32
C ASP D 99 15.84 46.51 -46.90
N THR D 100 16.65 45.75 -47.64
CA THR D 100 17.11 44.48 -47.10
C THR D 100 18.55 44.67 -46.69
N ILE D 101 18.95 43.97 -45.63
CA ILE D 101 20.34 44.01 -45.14
C ILE D 101 20.82 42.62 -44.81
N GLY D 102 22.13 42.41 -44.88
CA GLY D 102 22.74 41.16 -44.48
C GLY D 102 23.63 41.32 -43.26
N ILE D 103 23.91 40.21 -42.58
CA ILE D 103 24.75 40.22 -41.39
C ILE D 103 25.98 41.12 -41.53
N PHE D 104 26.67 41.06 -42.67
CA PHE D 104 27.94 41.75 -42.82
C PHE D 104 27.83 43.17 -43.31
N ASP D 105 26.61 43.74 -43.18
CA ASP D 105 26.42 45.17 -43.33
C ASP D 105 27.00 45.87 -42.12
N LEU D 106 28.17 45.35 -41.72
CA LEU D 106 29.02 45.84 -40.62
C LEU D 106 30.54 45.67 -40.98
N VAL D 107 30.85 46.07 -42.23
CA VAL D 107 32.10 46.75 -42.73
C VAL D 107 33.36 45.97 -43.22
N SER D 108 33.25 45.32 -44.39
CA SER D 108 34.24 44.33 -44.85
C SER D 108 35.51 44.88 -45.54
N LEU D 109 36.68 44.49 -45.01
CA LEU D 109 37.98 44.79 -45.61
C LEU D 109 38.77 43.47 -45.74
N LYS D 110 39.95 43.50 -46.39
CA LYS D 110 40.80 42.31 -46.50
C LYS D 110 42.31 42.61 -46.31
N ALA D 111 43.13 41.57 -46.13
CA ALA D 111 44.57 41.77 -45.88
C ALA D 111 45.54 40.65 -46.31
N LEU D 112 46.61 40.47 -45.51
CA LEU D 112 47.79 39.67 -45.88
C LEU D 112 47.53 38.22 -46.31
N ASP D 113 48.61 37.51 -46.65
CA ASP D 113 48.50 36.20 -47.32
C ASP D 113 49.47 35.11 -46.81
N GLY D 114 49.24 34.60 -45.60
CA GLY D 114 49.96 33.45 -45.10
C GLY D 114 49.04 32.24 -45.03
N VAL D 115 48.51 31.85 -46.18
CA VAL D 115 47.46 30.82 -46.24
C VAL D 115 47.98 29.40 -46.00
N LEU D 116 47.06 28.51 -45.64
CA LEU D 116 47.38 27.12 -45.30
C LEU D 116 47.10 26.20 -46.53
N PRO D 117 46.93 24.86 -46.33
CA PRO D 117 46.73 23.91 -47.44
C PRO D 117 46.19 24.43 -48.80
N ASP D 118 46.53 23.69 -49.87
CA ASP D 118 46.47 24.15 -51.28
C ASP D 118 45.11 24.09 -52.02
N GLY D 119 44.91 25.06 -52.91
CA GLY D 119 43.84 25.09 -53.91
C GLY D 119 42.47 24.46 -53.64
N VAL D 120 42.22 23.30 -54.26
CA VAL D 120 40.95 22.59 -54.12
C VAL D 120 41.06 21.42 -53.14
N SER D 121 40.73 21.67 -51.87
CA SER D 121 41.08 20.81 -50.74
C SER D 121 40.37 19.44 -50.68
N ASP D 122 39.93 19.09 -49.46
CA ASP D 122 39.30 17.81 -49.13
C ASP D 122 37.86 17.74 -49.67
N ALA D 123 37.72 17.82 -51.00
CA ALA D 123 36.44 18.05 -51.67
C ALA D 123 35.44 16.89 -51.62
N SER D 124 35.24 16.34 -50.42
CA SER D 124 34.26 15.28 -50.22
C SER D 124 32.84 15.82 -49.96
N ARG D 125 32.75 17.01 -49.35
CA ARG D 125 31.51 17.52 -48.74
C ARG D 125 30.63 18.44 -49.61
N THR D 126 29.33 18.24 -49.46
CA THR D 126 28.29 18.91 -50.23
C THR D 126 27.70 20.12 -49.49
N SER D 127 26.54 20.59 -49.92
CA SER D 127 25.87 21.71 -49.25
C SER D 127 25.17 21.30 -47.93
N ALA D 128 25.88 20.50 -47.14
CA ALA D 128 25.53 20.33 -45.72
C ALA D 128 25.58 21.73 -45.13
N ASP D 129 26.74 22.36 -45.23
CA ASP D 129 26.89 23.82 -45.30
C ASP D 129 26.05 24.64 -44.32
N ASP D 130 25.64 25.82 -44.79
CA ASP D 130 24.75 26.75 -44.10
C ASP D 130 23.86 26.03 -43.09
N LYS D 131 23.11 25.05 -43.57
CA LYS D 131 22.16 24.31 -42.75
C LYS D 131 22.64 24.05 -41.31
N TRP D 132 23.95 23.89 -41.11
CA TRP D 132 24.42 23.46 -39.79
C TRP D 132 25.90 23.68 -39.47
N LEU D 133 26.78 23.67 -40.48
CA LEU D 133 28.22 23.83 -40.21
C LEU D 133 28.53 25.18 -39.54
N PRO D 134 27.96 26.30 -40.07
CA PRO D 134 28.18 27.56 -39.37
C PRO D 134 27.65 27.56 -37.93
N LEU D 135 26.50 26.95 -37.69
CA LEU D 135 25.89 26.94 -36.34
C LEU D 135 26.77 26.21 -35.33
N TYR D 136 27.63 25.34 -35.83
CA TYR D 136 28.51 24.55 -35.01
C TYR D 136 29.75 25.35 -34.65
N LEU D 137 30.35 25.98 -35.67
CA LEU D 137 31.53 26.82 -35.49
C LEU D 137 31.23 27.93 -34.51
N LEU D 138 30.06 28.55 -34.66
CA LEU D 138 29.63 29.62 -33.78
C LEU D 138 29.31 29.04 -32.42
N GLY D 139 28.76 27.83 -32.40
CA GLY D 139 28.47 27.15 -31.15
C GLY D 139 29.68 27.07 -30.23
N LEU D 140 30.81 26.66 -30.78
CA LEU D 140 32.02 26.45 -29.99
C LEU D 140 32.53 27.71 -29.30
N TYR D 141 32.24 28.88 -29.86
CA TYR D 141 32.66 30.13 -29.23
C TYR D 141 32.18 30.20 -27.79
N ARG D 142 30.97 29.69 -27.57
CA ARG D 142 30.33 29.70 -26.26
C ARG D 142 30.93 28.65 -25.35
N VAL D 143 31.04 27.43 -25.87
CA VAL D 143 31.62 26.32 -25.10
C VAL D 143 33.03 26.67 -24.65
N GLY D 144 33.66 27.59 -25.37
CA GLY D 144 34.98 28.09 -25.02
C GLY D 144 35.05 29.04 -23.83
N ARG D 145 33.92 29.69 -23.49
CA ARG D 145 33.87 30.64 -22.36
C ARG D 145 34.00 29.95 -20.99
N THR D 146 33.26 28.85 -20.83
CA THR D 146 33.09 28.20 -19.53
C THR D 146 34.29 27.35 -19.11
N GLN D 147 34.73 27.55 -17.87
CA GLN D 147 35.87 26.84 -17.30
C GLN D 147 35.53 25.44 -16.78
N MET D 148 34.59 25.37 -15.84
CA MET D 148 34.20 24.11 -15.20
C MET D 148 33.74 23.01 -16.20
N PRO D 149 33.43 21.80 -15.69
CA PRO D 149 32.87 20.74 -16.55
C PRO D 149 31.47 21.04 -17.09
N GLU D 150 30.94 22.22 -16.81
CA GLU D 150 29.69 22.69 -17.41
C GLU D 150 29.86 22.81 -18.93
N TYR D 151 31.10 22.71 -19.39
CA TYR D 151 31.40 22.91 -20.80
C TYR D 151 30.76 21.81 -21.67
N ARG D 152 31.08 20.55 -21.36
CA ARG D 152 30.47 19.43 -22.08
C ARG D 152 28.97 19.34 -21.75
N LYS D 153 28.60 19.91 -20.60
CA LYS D 153 27.21 20.05 -20.20
C LYS D 153 26.51 20.89 -21.26
N LYS D 154 27.25 21.83 -21.83
CA LYS D 154 26.72 22.76 -22.81
C LYS D 154 27.13 22.43 -24.26
N LEU D 155 28.02 21.44 -24.45
CA LEU D 155 28.40 21.00 -25.80
C LEU D 155 27.36 20.01 -26.36
N MET D 156 26.50 19.52 -25.47
CA MET D 156 25.35 18.72 -25.86
C MET D 156 24.24 19.66 -26.34
N ASP D 157 24.33 20.92 -25.94
CA ASP D 157 23.60 22.03 -26.59
C ASP D 157 23.84 21.89 -28.10
N GLY D 158 25.12 21.88 -28.49
CA GLY D 158 25.51 21.79 -29.89
C GLY D 158 24.83 20.62 -30.58
N LEU D 159 25.22 19.41 -30.18
CA LEU D 159 24.75 18.20 -30.85
C LEU D 159 23.25 18.25 -31.19
N THR D 160 22.44 18.39 -30.15
CA THR D 160 20.99 18.29 -30.29
C THR D 160 20.35 19.45 -31.06
N ASN D 161 21.10 20.53 -31.23
CA ASN D 161 20.62 21.67 -32.00
C ASN D 161 21.04 21.56 -33.46
N GLN D 162 21.96 20.64 -33.74
CA GLN D 162 22.37 20.35 -35.10
C GLN D 162 21.38 19.41 -35.77
N CYS D 163 20.99 18.38 -35.02
CA CYS D 163 20.08 17.36 -35.51
C CYS D 163 18.85 17.97 -36.17
N LYS D 164 18.62 19.26 -35.91
CA LYS D 164 17.50 19.97 -36.51
C LYS D 164 17.55 19.95 -38.04
N MET D 165 17.01 18.87 -38.62
CA MET D 165 16.87 18.65 -40.06
C MET D 165 18.21 18.42 -40.78
N ILE D 166 19.07 17.61 -40.19
CA ILE D 166 20.41 17.36 -40.74
C ILE D 166 21.22 16.25 -40.03
N ASN D 167 21.11 16.19 -38.71
CA ASN D 167 21.74 15.14 -37.85
C ASN D 167 23.01 14.42 -38.28
N GLU D 168 24.13 14.79 -37.67
CA GLU D 168 25.37 14.01 -37.72
C GLU D 168 25.73 13.71 -36.26
N GLN D 169 27.00 13.88 -35.90
CA GLN D 169 27.43 13.73 -34.51
C GLN D 169 28.64 14.61 -34.16
N PHE D 170 29.52 14.09 -33.30
CA PHE D 170 30.68 14.82 -32.76
C PHE D 170 31.59 15.40 -33.86
N GLU D 171 32.80 15.80 -33.48
CA GLU D 171 33.78 16.31 -34.45
C GLU D 171 35.21 16.37 -33.92
N PRO D 172 35.47 17.23 -32.90
CA PRO D 172 36.84 17.29 -32.39
C PRO D 172 37.19 16.13 -31.45
N LEU D 173 38.15 16.37 -30.57
CA LEU D 173 38.75 15.30 -29.80
C LEU D 173 39.13 15.82 -28.41
N VAL D 174 40.14 16.69 -28.42
CA VAL D 174 40.81 17.15 -27.21
C VAL D 174 39.93 18.05 -26.36
N PRO D 175 39.83 17.73 -25.05
CA PRO D 175 39.03 18.34 -23.98
C PRO D 175 38.63 19.83 -24.15
N GLU D 176 39.43 20.74 -23.59
CA GLU D 176 39.12 22.17 -23.61
C GLU D 176 39.97 22.42 -22.36
N GLY D 177 39.66 23.51 -21.65
CA GLY D 177 40.48 24.32 -20.76
C GLY D 177 41.19 25.42 -21.50
N ARG D 178 40.71 25.68 -22.70
CA ARG D 178 41.35 26.60 -23.63
C ARG D 178 42.58 25.99 -24.27
N ASP D 179 42.36 25.33 -25.42
CA ASP D 179 43.39 24.62 -26.16
C ASP D 179 43.04 24.44 -27.64
N ILE D 180 41.84 23.94 -27.91
CA ILE D 180 41.43 23.52 -29.25
C ILE D 180 40.71 24.62 -30.03
N PHE D 181 39.40 24.68 -29.86
CA PHE D 181 38.56 25.68 -30.50
C PHE D 181 38.41 26.93 -29.63
N ASP D 182 38.67 26.79 -28.34
CA ASP D 182 38.51 27.90 -27.40
C ASP D 182 39.71 28.83 -27.35
N VAL D 183 40.48 28.83 -28.42
CA VAL D 183 41.51 29.83 -28.60
C VAL D 183 40.96 30.82 -29.62
N TRP D 184 39.86 30.41 -30.26
CA TRP D 184 39.23 31.19 -31.32
C TRP D 184 38.79 32.53 -30.77
N GLY D 185 38.56 32.53 -29.45
CA GLY D 185 38.16 33.73 -28.74
C GLY D 185 39.09 34.87 -29.08
N ASN D 186 40.39 34.64 -28.99
CA ASN D 186 41.34 35.73 -29.15
C ASN D 186 41.50 36.33 -30.56
N ASP D 187 40.89 35.70 -31.57
CA ASP D 187 41.00 36.20 -32.95
C ASP D 187 40.08 37.40 -33.21
N SER D 188 40.64 38.59 -33.14
CA SER D 188 39.90 39.82 -33.35
C SER D 188 38.81 39.74 -34.43
N ASN D 189 39.01 38.91 -35.44
CA ASN D 189 38.07 38.84 -36.57
C ASN D 189 36.97 37.80 -36.40
N TYR D 190 37.26 36.75 -35.63
CA TYR D 190 36.28 35.72 -35.29
C TYR D 190 35.18 36.29 -34.40
N THR D 191 35.58 36.92 -33.30
CA THR D 191 34.63 37.57 -32.41
C THR D 191 33.73 38.55 -33.16
N LYS D 192 34.31 39.30 -34.10
CA LYS D 192 33.54 40.30 -34.83
C LYS D 192 32.41 39.67 -35.63
N ILE D 193 32.63 38.47 -36.19
CA ILE D 193 31.60 37.77 -36.93
C ILE D 193 30.50 37.33 -35.96
N VAL D 194 30.93 36.84 -34.81
CA VAL D 194 30.01 36.46 -33.75
C VAL D 194 29.10 37.61 -33.34
N ALA D 195 29.69 38.72 -32.90
CA ALA D 195 28.90 39.91 -32.58
C ALA D 195 27.95 40.29 -33.72
N ALA D 196 28.44 40.37 -34.95
CA ALA D 196 27.58 40.76 -36.07
C ALA D 196 26.41 39.82 -36.22
N VAL D 197 26.65 38.51 -36.10
CA VAL D 197 25.57 37.53 -36.21
C VAL D 197 24.54 37.76 -35.13
N ASP D 198 24.99 37.79 -33.88
CA ASP D 198 24.08 37.94 -32.77
C ASP D 198 23.29 39.23 -32.84
N MET D 199 23.96 40.32 -33.20
CA MET D 199 23.30 41.62 -33.25
C MET D 199 22.27 41.62 -34.35
N PHE D 200 22.58 40.92 -35.44
CA PHE D 200 21.72 40.88 -36.61
C PHE D 200 20.47 40.07 -36.33
N PHE D 201 20.62 38.94 -35.63
CA PHE D 201 19.47 38.11 -35.28
C PHE D 201 18.76 38.57 -34.01
N HIS D 202 19.25 39.62 -33.38
CA HIS D 202 18.52 40.22 -32.28
C HIS D 202 17.58 41.27 -32.84
N MET D 203 17.74 41.58 -34.12
CA MET D 203 16.87 42.52 -34.79
C MET D 203 15.79 41.74 -35.50
N PHE D 204 16.21 40.80 -36.35
CA PHE D 204 15.29 39.91 -37.06
C PHE D 204 15.11 38.66 -36.24
N LYS D 205 14.65 38.84 -35.01
CA LYS D 205 14.46 37.77 -34.04
C LYS D 205 13.67 36.58 -34.58
N LYS D 206 13.04 36.76 -35.73
CA LYS D 206 12.12 35.77 -36.25
C LYS D 206 12.57 35.12 -37.57
N HIS D 207 13.81 35.42 -37.98
CA HIS D 207 14.37 34.84 -39.20
C HIS D 207 14.44 33.31 -39.06
N GLU D 208 14.39 32.61 -40.18
CA GLU D 208 14.43 31.14 -40.15
C GLU D 208 15.75 30.66 -39.56
N CYS D 209 16.82 31.38 -39.87
CA CYS D 209 18.17 30.97 -39.48
C CYS D 209 18.59 31.58 -38.14
N ALA D 210 17.66 32.25 -37.47
CA ALA D 210 17.96 32.94 -36.22
C ALA D 210 18.37 31.95 -35.11
N SER D 211 18.31 30.67 -35.43
CA SER D 211 18.75 29.64 -34.50
C SER D 211 20.25 29.74 -34.19
N PHE D 212 20.97 30.52 -35.00
CA PHE D 212 22.43 30.66 -34.88
C PHE D 212 22.81 31.30 -33.55
N ARG D 213 21.90 32.10 -33.01
CA ARG D 213 22.13 32.75 -31.71
C ARG D 213 22.51 31.73 -30.65
N TYR D 214 22.34 30.45 -30.97
CA TYR D 214 22.36 29.42 -29.93
C TYR D 214 23.76 29.02 -29.50
N GLY D 215 24.62 30.04 -29.47
CA GLY D 215 26.02 29.94 -29.11
C GLY D 215 26.66 31.32 -29.32
N THR D 216 26.00 32.15 -30.12
CA THR D 216 26.44 33.50 -30.41
C THR D 216 25.90 34.50 -29.35
N ILE D 217 24.98 34.02 -28.52
CA ILE D 217 24.31 34.87 -27.54
C ILE D 217 25.16 35.31 -26.36
N VAL D 218 26.18 34.56 -25.99
CA VAL D 218 26.98 34.99 -24.86
C VAL D 218 27.89 36.14 -25.24
N SER D 219 27.77 36.61 -26.47
CA SER D 219 28.51 37.78 -26.86
C SER D 219 27.83 39.05 -26.35
N ARG D 220 26.49 39.04 -26.33
CA ARG D 220 25.68 40.19 -25.97
C ARG D 220 25.83 40.54 -24.48
N PHE D 221 26.35 41.73 -24.22
CA PHE D 221 26.63 42.19 -22.85
C PHE D 221 27.82 41.50 -22.22
N LYS D 222 28.71 41.00 -23.07
CA LYS D 222 29.95 40.43 -22.59
C LYS D 222 30.71 41.50 -21.80
N ASP D 223 31.21 41.12 -20.63
CA ASP D 223 31.97 42.03 -19.78
C ASP D 223 31.17 43.25 -19.30
N CYS D 224 29.84 43.10 -19.20
CA CYS D 224 28.96 44.19 -18.71
C CYS D 224 28.06 43.78 -17.55
N ALA D 225 28.58 43.06 -16.58
CA ALA D 225 27.72 42.41 -15.59
C ALA D 225 27.07 43.37 -14.61
N ALA D 226 27.80 44.42 -14.22
CA ALA D 226 27.25 45.44 -13.32
C ALA D 226 25.82 45.87 -13.73
N LEU D 227 25.61 46.21 -15.00
CA LEU D 227 24.27 46.52 -15.47
C LEU D 227 23.30 45.43 -15.13
N ALA D 228 23.65 44.17 -15.39
CA ALA D 228 22.70 43.08 -15.16
C ALA D 228 22.36 42.97 -13.67
N THR D 229 23.39 43.06 -12.82
CA THR D 229 23.15 42.90 -11.40
C THR D 229 22.21 44.02 -10.92
N PHE D 230 22.37 45.22 -11.48
CA PHE D 230 21.46 46.36 -11.25
C PHE D 230 20.00 45.98 -11.58
N GLY D 231 19.77 45.51 -12.81
CA GLY D 231 18.45 45.06 -13.21
C GLY D 231 17.89 44.00 -12.30
N HIS D 232 18.77 43.12 -11.79
CA HIS D 232 18.33 42.04 -10.91
C HIS D 232 17.90 42.61 -9.58
N LEU D 233 18.73 43.49 -9.02
CA LEU D 233 18.41 44.18 -7.79
C LEU D 233 17.04 44.89 -7.86
N CYS D 234 16.73 45.49 -9.01
CA CYS D 234 15.43 46.14 -9.18
C CYS D 234 14.30 45.14 -9.15
N LYS D 235 14.41 44.06 -9.93
CA LYS D 235 13.39 43.04 -9.97
C LYS D 235 13.19 42.35 -8.63
N ILE D 236 14.29 42.16 -7.91
CA ILE D 236 14.27 41.34 -6.71
C ILE D 236 13.68 42.10 -5.50
N THR D 237 13.73 43.44 -5.55
CA THR D 237 13.18 44.28 -4.49
C THR D 237 11.87 44.95 -4.93
N GLY D 238 11.51 44.77 -6.18
CA GLY D 238 10.30 45.40 -6.66
C GLY D 238 10.38 46.92 -6.77
N MET D 239 11.51 47.51 -6.41
CA MET D 239 11.65 48.97 -6.49
C MET D 239 11.92 49.46 -7.91
N SER D 240 11.83 50.76 -8.11
CA SER D 240 12.03 51.35 -9.42
C SER D 240 13.48 51.61 -9.56
N THR D 241 13.88 51.94 -10.77
CA THR D 241 15.29 52.16 -11.03
C THR D 241 15.74 53.38 -10.25
N GLU D 242 14.88 54.38 -10.15
CA GLU D 242 15.28 55.61 -9.49
C GLU D 242 15.23 55.48 -7.99
N ASP D 243 14.37 54.62 -7.45
CA ASP D 243 14.34 54.40 -6.00
C ASP D 243 15.54 53.55 -5.50
N VAL D 244 15.86 52.46 -6.23
CA VAL D 244 17.06 51.68 -5.93
C VAL D 244 18.26 52.62 -5.85
N THR D 245 18.42 53.45 -6.87
CA THR D 245 19.50 54.43 -6.88
C THR D 245 19.63 55.18 -5.56
N THR D 246 18.51 55.65 -5.00
CA THR D 246 18.55 56.44 -3.76
C THR D 246 19.03 55.63 -2.55
N TRP D 247 18.85 54.31 -2.59
CA TRP D 247 19.31 53.43 -1.51
C TRP D 247 20.82 53.10 -1.56
N ILE D 248 21.51 53.60 -2.59
CA ILE D 248 22.97 53.58 -2.58
C ILE D 248 23.49 54.42 -1.41
N LEU D 249 24.35 53.85 -0.57
CA LEU D 249 24.72 54.50 0.69
C LEU D 249 26.21 54.58 0.95
N ASN D 250 27.05 54.39 -0.07
CA ASN D 250 28.50 54.51 0.14
C ASN D 250 29.16 55.27 -1.00
N ARG D 251 30.07 56.20 -0.68
CA ARG D 251 30.86 56.90 -1.72
C ARG D 251 31.20 56.04 -2.98
N GLU D 252 31.90 54.91 -2.80
CA GLU D 252 32.39 54.16 -3.96
C GLU D 252 31.34 53.48 -4.78
N VAL D 253 30.22 53.09 -4.19
CA VAL D 253 29.17 52.52 -4.98
C VAL D 253 28.55 53.65 -5.80
N ALA D 254 28.41 54.82 -5.18
CA ALA D 254 27.82 55.95 -5.88
C ALA D 254 28.74 56.40 -7.00
N ASP D 255 30.03 56.49 -6.74
CA ASP D 255 31.00 56.75 -7.81
C ASP D 255 30.78 55.82 -9.02
N GLU D 256 30.67 54.53 -8.75
CA GLU D 256 30.59 53.53 -9.80
C GLU D 256 29.25 53.59 -10.51
N MET D 257 28.19 53.87 -9.76
CA MET D 257 26.86 53.92 -10.39
C MET D 257 26.78 55.08 -11.37
N VAL D 258 27.36 56.22 -11.00
CA VAL D 258 27.52 57.35 -11.92
C VAL D 258 28.29 56.92 -13.16
N GLN D 259 29.36 56.16 -12.94
CA GLN D 259 30.20 55.66 -14.02
C GLN D 259 29.35 54.92 -15.05
N MET D 260 28.47 54.05 -14.59
CA MET D 260 27.75 53.16 -15.48
C MET D 260 26.62 53.91 -16.17
N MET D 261 26.25 55.06 -15.64
CA MET D 261 25.07 55.76 -16.14
C MET D 261 25.37 56.94 -17.06
N LEU D 262 26.65 57.18 -17.35
CA LEU D 262 27.09 58.21 -18.29
C LEU D 262 26.23 58.16 -19.54
N PRO D 263 25.78 59.33 -20.01
CA PRO D 263 24.59 59.48 -20.84
C PRO D 263 24.67 59.22 -22.36
N GLY D 264 25.84 59.27 -22.98
CA GLY D 264 25.83 59.12 -24.42
C GLY D 264 26.03 57.72 -24.99
N GLN D 265 25.51 56.68 -24.33
CA GLN D 265 26.01 55.34 -24.61
C GLN D 265 24.98 54.32 -25.12
N GLU D 266 23.70 54.69 -25.14
CA GLU D 266 22.65 53.80 -25.67
C GLU D 266 22.44 52.51 -24.88
N ILE D 267 22.70 52.53 -23.57
CA ILE D 267 22.54 51.30 -22.80
C ILE D 267 21.07 50.83 -22.83
N ASP D 268 20.15 51.76 -22.62
CA ASP D 268 18.73 51.43 -22.59
C ASP D 268 18.14 51.30 -23.98
N LYS D 269 18.97 51.37 -25.00
CA LYS D 269 18.50 51.36 -26.40
C LYS D 269 18.06 49.97 -26.83
N ALA D 270 17.24 49.92 -27.86
CA ALA D 270 16.68 48.65 -28.35
C ALA D 270 17.74 47.73 -29.00
N ASP D 271 18.13 48.06 -30.23
CA ASP D 271 19.18 47.32 -30.91
C ASP D 271 20.34 48.23 -31.28
N SER D 272 21.29 48.39 -30.38
CA SER D 272 22.44 49.26 -30.62
C SER D 272 23.69 48.39 -30.67
N TYR D 273 24.84 49.02 -30.86
CA TYR D 273 26.12 48.31 -30.87
C TYR D 273 26.61 48.08 -29.44
N MET D 274 26.08 48.82 -28.48
CA MET D 274 26.69 48.87 -27.16
C MET D 274 26.84 47.52 -26.42
N PRO D 275 25.85 46.64 -26.52
CA PRO D 275 26.03 45.33 -25.89
C PRO D 275 27.31 44.60 -26.36
N TYR D 276 27.73 44.87 -27.60
CA TYR D 276 28.85 44.17 -28.18
C TYR D 276 30.11 45.00 -28.15
N LEU D 277 30.15 45.94 -27.21
CA LEU D 277 31.29 46.86 -27.14
C LEU D 277 32.63 46.11 -27.06
N ILE D 278 32.64 44.92 -26.47
CA ILE D 278 33.90 44.18 -26.33
C ILE D 278 34.29 43.34 -27.56
N ASP D 279 33.36 42.58 -28.13
CA ASP D 279 33.70 41.71 -29.27
C ASP D 279 33.86 42.39 -30.64
N PHE D 280 33.26 43.57 -30.82
CA PHE D 280 33.45 44.38 -32.03
C PHE D 280 34.74 45.18 -31.87
N GLY D 281 35.37 45.04 -30.72
CA GLY D 281 36.56 45.83 -30.41
C GLY D 281 36.34 47.33 -30.33
N LEU D 282 35.19 47.78 -29.79
CA LEU D 282 34.96 49.20 -29.58
C LEU D 282 35.57 49.63 -28.25
N SER D 283 35.91 48.66 -27.40
CA SER D 283 36.41 48.95 -26.06
C SER D 283 37.28 47.82 -25.57
N SER D 284 38.34 48.18 -24.84
CA SER D 284 39.28 47.18 -24.31
C SER D 284 39.32 47.25 -22.79
N LYS D 285 38.38 48.01 -22.23
CA LYS D 285 38.11 47.99 -20.80
C LYS D 285 36.68 48.46 -20.62
N SER D 286 35.77 47.53 -20.35
CA SER D 286 34.36 47.87 -20.24
C SER D 286 34.06 48.63 -18.95
N PRO D 287 33.44 49.79 -19.07
CA PRO D 287 32.98 50.51 -17.87
C PRO D 287 31.83 49.82 -17.12
N TYR D 288 31.21 48.82 -17.72
CA TYR D 288 30.07 48.16 -17.14
C TYR D 288 30.42 46.84 -16.48
N SER D 289 31.71 46.56 -16.33
CA SER D 289 32.15 45.25 -15.83
C SER D 289 32.11 45.25 -14.33
N SER D 290 32.05 44.06 -13.73
CA SER D 290 31.92 43.97 -12.29
C SER D 290 33.29 44.06 -11.72
N VAL D 291 34.29 43.96 -12.59
CA VAL D 291 35.68 44.06 -12.15
C VAL D 291 36.00 45.53 -11.96
N LYS D 292 35.41 46.37 -12.80
CA LYS D 292 35.57 47.82 -12.73
C LYS D 292 34.46 48.49 -11.92
N ASN D 293 33.57 47.65 -11.36
CA ASN D 293 32.51 48.10 -10.46
C ASN D 293 32.40 47.25 -9.20
N PRO D 294 33.53 46.95 -8.56
CA PRO D 294 33.57 45.98 -7.46
C PRO D 294 32.66 46.33 -6.28
N ALA D 295 32.67 47.58 -5.81
CA ALA D 295 31.87 47.94 -4.65
C ALA D 295 30.40 47.77 -4.98
N PHE D 296 29.98 48.30 -6.12
CA PHE D 296 28.59 48.11 -6.51
C PHE D 296 28.23 46.63 -6.71
N HIS D 297 29.16 45.84 -7.22
CA HIS D 297 28.92 44.42 -7.44
C HIS D 297 28.66 43.64 -6.14
N PHE D 298 29.53 43.82 -5.15
CA PHE D 298 29.33 43.29 -3.80
C PHE D 298 27.99 43.78 -3.19
N TRP D 299 27.78 45.09 -3.13
CA TRP D 299 26.59 45.60 -2.46
C TRP D 299 25.33 45.02 -3.10
N GLY D 300 25.27 45.11 -4.42
CA GLY D 300 24.09 44.71 -5.17
C GLY D 300 23.79 43.21 -5.11
N GLN D 301 24.84 42.39 -5.19
CA GLN D 301 24.71 40.95 -5.10
C GLN D 301 24.47 40.48 -3.65
N LEU D 302 25.14 41.08 -2.67
CA LEU D 302 24.89 40.73 -1.27
C LEU D 302 23.42 41.02 -0.95
N THR D 303 22.99 42.24 -1.27
CA THR D 303 21.60 42.63 -1.02
C THR D 303 20.60 41.67 -1.66
N ALA D 304 20.89 41.24 -2.87
CA ALA D 304 19.96 40.36 -3.53
C ALA D 304 19.97 38.99 -2.87
N LEU D 305 21.06 38.65 -2.19
CA LEU D 305 21.17 37.32 -1.58
C LEU D 305 20.31 37.23 -0.33
N LEU D 306 20.33 38.31 0.47
CA LEU D 306 19.57 38.42 1.69
C LEU D 306 18.08 38.44 1.36
N LEU D 307 17.76 38.97 0.17
CA LEU D 307 16.37 39.00 -0.31
C LEU D 307 15.99 37.73 -1.07
N ARG D 308 16.83 36.72 -0.93
CA ARG D 308 16.47 35.36 -1.34
C ARG D 308 16.83 34.95 -2.76
N SER D 309 17.69 35.73 -3.42
CA SER D 309 18.19 35.39 -4.77
C SER D 309 18.94 34.07 -4.83
N THR D 310 18.84 33.37 -5.95
CA THR D 310 19.67 32.18 -6.10
C THR D 310 20.95 32.45 -6.87
N ARG D 311 20.89 33.29 -7.91
CA ARG D 311 22.11 33.70 -8.60
C ARG D 311 23.16 34.27 -7.62
N ALA D 312 22.72 35.11 -6.69
CA ALA D 312 23.68 35.78 -5.82
C ALA D 312 24.51 34.78 -5.06
N ARG D 313 24.00 33.56 -4.86
CA ARG D 313 24.69 32.56 -4.02
C ARG D 313 26.11 32.28 -4.50
N ASN D 314 26.33 32.43 -5.80
CA ASN D 314 27.63 32.08 -6.38
C ASN D 314 28.46 33.22 -7.01
N ALA D 315 27.95 34.44 -6.99
CA ALA D 315 28.71 35.57 -7.52
C ALA D 315 30.04 35.69 -6.80
N ARG D 316 31.00 36.33 -7.43
CA ARG D 316 32.36 36.36 -6.87
C ARG D 316 32.62 37.58 -5.97
N GLN D 317 33.37 37.36 -4.90
CA GLN D 317 33.63 38.38 -3.91
C GLN D 317 34.85 39.18 -4.30
N PRO D 318 34.67 40.39 -4.83
CA PRO D 318 35.82 41.18 -5.25
C PRO D 318 36.76 41.49 -4.07
N ASP D 319 38.04 41.66 -4.42
CA ASP D 319 39.07 42.10 -3.49
C ASP D 319 39.13 43.63 -3.41
N ASP D 320 39.83 44.16 -2.41
CA ASP D 320 40.06 45.59 -2.35
C ASP D 320 38.80 46.46 -2.40
N ILE D 321 37.75 46.04 -1.70
CA ILE D 321 36.61 46.90 -1.44
C ILE D 321 36.45 47.06 0.07
N GLU D 322 35.45 47.81 0.48
CA GLU D 322 35.29 48.10 1.90
C GLU D 322 34.20 47.20 2.49
N TYR D 323 34.58 45.96 2.83
CA TYR D 323 33.61 44.93 3.14
C TYR D 323 32.65 45.29 4.27
N THR D 324 33.15 45.85 5.37
CA THR D 324 32.30 45.99 6.52
C THR D 324 31.17 47.02 6.31
N SER D 325 31.52 48.17 5.74
CA SER D 325 30.51 49.23 5.53
C SER D 325 29.63 48.88 4.36
N LEU D 326 30.20 48.19 3.37
CA LEU D 326 29.43 47.72 2.22
C LEU D 326 28.35 46.71 2.64
N THR D 327 28.67 45.84 3.59
CA THR D 327 27.68 44.86 4.09
C THR D 327 26.70 45.47 5.11
N THR D 328 27.14 46.38 5.97
CA THR D 328 26.18 47.03 6.85
C THR D 328 25.08 47.69 6.00
N ALA D 329 25.46 48.38 4.94
CA ALA D 329 24.51 49.05 4.03
C ALA D 329 23.59 48.07 3.32
N GLY D 330 24.14 46.94 2.90
CA GLY D 330 23.38 45.88 2.28
C GLY D 330 22.35 45.32 3.26
N LEU D 331 22.76 45.08 4.51
CA LEU D 331 21.87 44.57 5.55
C LEU D 331 20.67 45.49 5.74
N LEU D 332 20.92 46.80 5.77
CA LEU D 332 19.87 47.76 6.05
C LEU D 332 18.82 47.71 4.95
N TYR D 333 19.30 47.72 3.71
CA TYR D 333 18.42 47.83 2.55
C TYR D 333 17.60 46.58 2.38
N ALA D 334 18.23 45.44 2.65
CA ALA D 334 17.55 44.17 2.50
C ALA D 334 16.59 43.97 3.67
N TYR D 335 16.89 44.57 4.82
CA TYR D 335 16.01 44.47 5.98
C TYR D 335 14.80 45.35 5.80
N ALA D 336 15.02 46.54 5.24
CA ALA D 336 13.93 47.46 4.88
C ALA D 336 12.95 46.76 3.96
N VAL D 337 13.39 46.52 2.74
CA VAL D 337 12.57 45.79 1.77
C VAL D 337 12.00 44.50 2.38
N GLY D 338 12.77 43.88 3.25
CA GLY D 338 12.50 42.54 3.72
C GLY D 338 11.35 42.39 4.68
N SER D 339 11.20 43.31 5.62
CA SER D 339 10.16 43.17 6.62
C SER D 339 8.84 43.85 6.23
N SER D 340 8.91 45.07 5.72
CA SER D 340 7.70 45.76 5.25
C SER D 340 7.34 45.36 3.80
N ALA D 341 6.46 44.37 3.65
CA ALA D 341 6.04 43.90 2.34
C ALA D 341 5.22 44.95 1.56
N ASP D 342 5.11 44.81 0.23
CA ASP D 342 4.24 45.71 -0.54
C ASP D 342 2.85 45.55 0.05
N LEU D 343 2.07 44.65 -0.55
CA LEU D 343 0.80 44.20 0.00
C LEU D 343 -0.27 45.28 -0.06
N ALA D 344 -1.14 45.18 -1.05
CA ALA D 344 -2.27 46.10 -1.14
C ALA D 344 -3.34 45.40 -1.93
N GLN D 345 -4.60 45.63 -1.58
CA GLN D 345 -5.66 44.98 -2.33
C GLN D 345 -5.56 45.40 -3.79
N GLN D 346 -5.85 44.48 -4.72
CA GLN D 346 -5.69 44.79 -6.14
C GLN D 346 -6.99 44.70 -6.92
N PHE D 347 -7.85 43.76 -6.54
CA PHE D 347 -9.15 43.61 -7.19
C PHE D 347 -10.24 43.57 -6.11
N CYS D 348 -11.46 43.97 -6.47
CA CYS D 348 -12.58 44.00 -5.54
C CYS D 348 -13.94 43.77 -6.21
N VAL D 349 -14.99 43.74 -5.41
CA VAL D 349 -16.36 43.65 -5.91
C VAL D 349 -17.29 44.72 -5.30
N GLY D 350 -16.97 46.01 -5.48
CA GLY D 350 -17.66 47.09 -4.79
C GLY D 350 -17.24 47.28 -3.34
N ASP D 351 -16.40 46.36 -2.83
CA ASP D 351 -15.97 46.32 -1.43
C ASP D 351 -14.44 46.24 -1.30
N ASN D 352 -13.82 47.37 -0.93
CA ASN D 352 -12.35 47.43 -0.82
C ASN D 352 -11.83 47.97 0.51
N LYS D 353 -10.51 47.90 0.71
CA LYS D 353 -9.92 48.33 1.98
C LYS D 353 -9.03 49.55 1.83
N TYR D 354 -9.56 50.72 2.21
CA TYR D 354 -8.77 51.95 2.28
C TYR D 354 -7.91 51.86 3.53
N THR D 355 -6.61 51.69 3.34
CA THR D 355 -5.72 51.36 4.45
C THR D 355 -5.47 52.46 5.48
N PRO D 356 -5.07 53.67 5.03
CA PRO D 356 -4.61 54.76 5.91
C PRO D 356 -5.56 55.26 7.04
N ASP D 357 -5.61 54.45 8.10
CA ASP D 357 -6.15 54.86 9.39
C ASP D 357 -5.07 54.63 10.45
N LEU D 363 4.14 50.83 18.19
CA LEU D 363 5.35 50.25 18.79
C LEU D 363 6.38 51.32 19.08
N THR D 364 5.99 52.56 18.82
CA THR D 364 6.60 53.79 19.33
C THR D 364 7.93 53.92 18.56
N THR D 365 9.02 54.22 19.29
CA THR D 365 10.24 54.84 18.78
C THR D 365 11.14 53.83 18.10
N ASN D 366 11.49 52.77 18.82
CA ASN D 366 12.41 51.77 18.28
C ASN D 366 11.77 50.89 17.21
N ALA D 367 10.48 51.09 16.95
CA ALA D 367 9.81 50.39 15.86
C ALA D 367 10.17 51.05 14.53
N PRO D 368 10.63 50.24 13.55
CA PRO D 368 11.13 50.70 12.25
C PRO D 368 10.05 51.24 11.33
N PRO D 369 10.41 52.19 10.46
CA PRO D 369 9.56 52.86 9.46
C PRO D 369 8.59 51.93 8.75
N GLN D 370 7.52 52.51 8.20
CA GLN D 370 6.40 51.72 7.70
C GLN D 370 6.56 51.41 6.20
N GLY D 371 7.36 52.22 5.51
CA GLY D 371 7.58 51.98 4.09
C GLY D 371 8.99 51.53 3.77
N ARG D 372 9.46 51.97 2.61
CA ARG D 372 10.82 51.70 2.14
C ARG D 372 11.51 52.99 1.72
N ASP D 373 11.36 54.05 2.49
CA ASP D 373 12.03 55.28 2.09
C ASP D 373 13.37 55.49 2.80
N VAL D 374 14.37 55.86 2.00
CA VAL D 374 15.74 55.99 2.51
C VAL D 374 15.84 56.91 3.72
N VAL D 375 15.21 58.08 3.62
CA VAL D 375 15.35 59.06 4.68
C VAL D 375 14.72 58.56 5.99
N GLU D 376 13.48 58.10 5.93
CA GLU D 376 12.84 57.50 7.11
C GLU D 376 13.79 56.48 7.75
N TRP D 377 14.35 55.62 6.89
CA TRP D 377 15.16 54.48 7.33
C TRP D 377 16.54 54.85 7.81
N LEU D 378 17.18 55.78 7.10
CA LEU D 378 18.43 56.37 7.56
C LEU D 378 18.29 57.00 8.97
N GLY D 379 17.21 57.76 9.17
CA GLY D 379 16.92 58.38 10.46
C GLY D 379 16.70 57.36 11.57
N TRP D 380 15.91 56.33 11.27
CA TRP D 380 15.69 55.24 12.21
C TRP D 380 17.01 54.57 12.61
N PHE D 381 17.96 54.53 11.68
CA PHE D 381 19.27 53.90 11.90
C PHE D 381 20.14 54.77 12.82
N GLU D 382 20.18 56.08 12.58
CA GLU D 382 20.83 57.00 13.53
C GLU D 382 20.30 56.72 14.93
N ASP D 383 18.97 56.75 15.07
CA ASP D 383 18.27 56.45 16.32
C ASP D 383 18.83 55.21 17.00
N GLN D 384 19.23 54.22 16.22
CA GLN D 384 19.61 52.94 16.79
C GLN D 384 21.12 52.80 17.03
N ASN D 385 21.83 53.93 17.02
CA ASN D 385 23.28 54.00 17.24
C ASN D 385 24.12 53.58 16.03
N ARG D 386 23.54 53.70 14.84
CA ARG D 386 24.18 53.29 13.58
C ARG D 386 24.80 51.90 13.64
N LYS D 387 24.24 51.06 14.49
CA LYS D 387 24.65 49.65 14.60
C LYS D 387 23.40 48.79 14.47
N PRO D 388 23.49 47.71 13.67
CA PRO D 388 22.32 46.85 13.40
C PRO D 388 21.62 46.25 14.64
N THR D 389 20.28 46.35 14.65
CA THR D 389 19.48 45.86 15.76
C THR D 389 19.53 44.34 15.73
N PRO D 390 19.40 43.69 16.89
CA PRO D 390 19.50 42.23 16.96
C PRO D 390 18.40 41.57 16.12
N ASP D 391 17.30 42.26 15.87
CA ASP D 391 16.28 41.69 14.98
C ASP D 391 16.77 41.56 13.52
N MET D 392 17.35 42.64 13.00
CA MET D 392 17.86 42.64 11.62
C MET D 392 19.07 41.76 11.51
N MET D 393 19.78 41.57 12.61
CA MET D 393 20.88 40.63 12.63
C MET D 393 20.34 39.21 12.56
N GLN D 394 19.16 39.02 13.17
CA GLN D 394 18.47 37.73 13.19
C GLN D 394 17.86 37.46 11.81
N TYR D 395 17.41 38.53 11.17
CA TYR D 395 16.80 38.45 9.85
C TYR D 395 17.80 37.95 8.85
N ALA D 396 19.01 38.46 8.99
CA ALA D 396 20.12 38.06 8.13
C ALA D 396 20.49 36.60 8.36
N LYS D 397 20.46 36.18 9.63
CA LYS D 397 20.80 34.80 9.96
C LYS D 397 19.87 33.81 9.25
N ARG D 398 18.57 34.06 9.33
CA ARG D 398 17.58 33.19 8.71
C ARG D 398 17.77 33.06 7.20
N ALA D 399 18.21 34.13 6.55
CA ALA D 399 18.39 34.12 5.10
C ALA D 399 19.62 33.37 4.60
N VAL D 400 20.67 33.30 5.44
CA VAL D 400 21.91 32.66 5.01
C VAL D 400 22.12 31.29 5.63
N MET D 401 21.65 31.09 6.87
CA MET D 401 21.68 29.75 7.45
C MET D 401 20.92 28.86 6.49
N SER D 402 21.26 27.58 6.44
CA SER D 402 20.53 26.64 5.58
C SER D 402 20.77 26.77 4.05
N LEU D 403 21.69 27.63 3.63
CA LEU D 403 22.26 27.51 2.28
C LEU D 403 23.28 26.39 2.31
N GLN D 404 23.49 25.74 1.18
CA GLN D 404 24.59 24.78 1.14
C GLN D 404 25.27 24.68 -0.23
N GLY D 405 26.48 24.11 -0.24
CA GLY D 405 27.23 23.95 -1.46
C GLY D 405 27.95 25.21 -1.86
N LEU D 406 28.35 25.99 -0.86
CA LEU D 406 28.92 27.29 -1.14
C LEU D 406 30.38 27.16 -1.58
N ARG D 407 30.67 27.64 -2.77
CA ARG D 407 32.03 27.67 -3.28
C ARG D 407 32.90 28.71 -2.59
N GLU D 408 34.21 28.45 -2.55
CA GLU D 408 35.13 29.34 -1.83
C GLU D 408 35.24 30.65 -2.62
N LYS D 409 35.26 31.77 -1.90
CA LYS D 409 35.32 33.10 -2.53
C LYS D 409 34.04 33.61 -3.22
N THR D 410 32.87 33.12 -2.84
CA THR D 410 31.60 33.66 -3.35
C THR D 410 31.00 34.66 -2.36
N ILE D 411 30.15 35.57 -2.84
CA ILE D 411 29.51 36.49 -1.91
C ILE D 411 28.53 35.68 -1.05
N GLY D 412 28.20 34.48 -1.53
CA GLY D 412 27.40 33.56 -0.73
C GLY D 412 28.13 33.03 0.50
N LYS D 413 29.33 32.47 0.32
CA LYS D 413 30.08 31.99 1.47
C LYS D 413 30.42 33.12 2.43
N TYR D 414 30.61 34.32 1.87
CA TYR D 414 30.95 35.46 2.71
C TYR D 414 29.77 35.71 3.61
N ALA D 415 28.58 35.61 3.03
CA ALA D 415 27.37 36.01 3.75
C ALA D 415 27.04 35.04 4.88
N LYS D 416 27.23 33.75 4.63
CA LYS D 416 26.90 32.76 5.64
C LYS D 416 27.88 32.84 6.81
N SER D 417 29.16 32.92 6.47
CA SER D 417 30.22 33.00 7.44
C SER D 417 30.08 34.26 8.36
N GLU D 418 29.51 35.32 7.79
CA GLU D 418 29.37 36.59 8.49
C GLU D 418 28.10 36.63 9.35
N PHE D 419 27.05 35.90 8.92
CA PHE D 419 25.77 35.98 9.63
C PHE D 419 25.32 34.71 10.37
N ASP D 420 25.50 33.55 9.75
CA ASP D 420 25.17 32.32 10.43
C ASP D 420 26.27 31.93 11.41
N LYS D 421 26.11 32.39 12.65
CA LYS D 421 27.09 32.13 13.71
C LYS D 421 27.49 30.64 13.86
N SER E 1 -29.99 -22.85 32.24
CA SER E 1 -30.50 -23.04 33.61
C SER E 1 -31.66 -22.07 33.92
N VAL E 2 -31.51 -20.82 33.46
CA VAL E 2 -32.54 -19.81 33.60
C VAL E 2 -32.97 -19.31 32.23
N THR E 3 -33.58 -18.13 32.21
CA THR E 3 -34.19 -17.59 31.01
C THR E 3 -33.53 -16.30 30.53
N VAL E 4 -32.96 -16.36 29.33
CA VAL E 4 -32.39 -15.19 28.70
C VAL E 4 -33.38 -14.66 27.70
N LYS E 5 -33.75 -13.40 27.83
CA LYS E 5 -34.64 -12.80 26.85
C LYS E 5 -33.99 -11.59 26.17
N ARG E 6 -34.25 -11.43 24.88
CA ARG E 6 -33.71 -10.32 24.11
C ARG E 6 -34.51 -9.02 24.29
N ILE E 7 -33.91 -7.99 24.88
CA ILE E 7 -34.73 -6.86 25.29
C ILE E 7 -35.47 -6.19 24.13
N ILE E 8 -34.75 -5.75 23.11
CA ILE E 8 -35.39 -4.99 22.03
C ILE E 8 -36.78 -5.49 21.64
N ASP E 9 -36.96 -6.80 21.48
CA ASP E 9 -38.25 -7.34 21.04
C ASP E 9 -38.86 -8.37 22.00
N ASN E 10 -38.33 -8.39 23.23
CA ASN E 10 -38.71 -9.39 24.23
C ASN E 10 -39.00 -10.80 23.70
N THR E 11 -38.01 -11.40 23.03
CA THR E 11 -38.09 -12.82 22.66
C THR E 11 -37.07 -13.65 23.41
N VAL E 12 -37.36 -14.94 23.54
CA VAL E 12 -36.45 -15.84 24.22
C VAL E 12 -35.28 -16.23 23.29
N ILE E 13 -34.10 -16.39 23.86
CA ILE E 13 -32.96 -16.96 23.17
C ILE E 13 -32.41 -18.04 24.11
N VAL E 14 -31.97 -19.16 23.57
CA VAL E 14 -31.60 -20.26 24.44
C VAL E 14 -30.14 -20.61 24.30
N PRO E 15 -29.24 -19.76 24.81
CA PRO E 15 -27.83 -20.00 24.55
C PRO E 15 -27.41 -21.43 24.86
N LYS E 16 -26.82 -22.08 23.88
CA LYS E 16 -26.33 -23.43 24.04
C LYS E 16 -25.04 -23.56 23.24
N LEU E 17 -24.18 -24.51 23.61
CA LEU E 17 -22.96 -24.69 22.85
C LEU E 17 -22.51 -26.17 22.72
N PRO E 18 -21.78 -26.49 21.64
CA PRO E 18 -21.46 -27.88 21.29
C PRO E 18 -21.10 -28.76 22.46
N ALA E 19 -21.49 -30.02 22.38
CA ALA E 19 -21.25 -30.98 23.45
C ALA E 19 -19.79 -31.36 23.50
N ASN E 20 -19.30 -31.63 24.69
CA ASN E 20 -17.97 -32.20 24.88
C ASN E 20 -18.07 -33.39 25.80
N GLU E 21 -17.13 -34.33 25.67
CA GLU E 21 -17.29 -35.59 26.39
C GLU E 21 -16.00 -36.17 26.99
N ASP E 22 -15.49 -37.22 26.38
CA ASP E 22 -14.55 -38.13 27.04
C ASP E 22 -14.38 -37.90 28.55
N PRO E 23 -15.24 -38.57 29.34
CA PRO E 23 -15.14 -38.71 30.79
C PRO E 23 -13.90 -39.53 31.13
N VAL E 24 -13.31 -39.25 32.29
CA VAL E 24 -12.15 -40.01 32.73
C VAL E 24 -12.60 -41.39 33.18
N GLU E 25 -11.67 -42.33 33.26
CA GLU E 25 -11.98 -43.67 33.70
C GLU E 25 -11.01 -44.04 34.82
N TYR E 26 -11.54 -44.29 36.02
CA TYR E 26 -10.68 -44.63 37.17
C TYR E 26 -10.23 -46.08 37.12
N PRO E 27 -9.11 -46.39 37.80
CA PRO E 27 -8.62 -47.76 37.72
C PRO E 27 -9.54 -48.74 38.47
N ALA E 28 -9.93 -48.41 39.70
CA ALA E 28 -10.77 -49.31 40.47
C ALA E 28 -12.01 -49.74 39.69
N ASP E 29 -12.75 -48.76 39.18
CA ASP E 29 -14.01 -49.01 38.48
C ASP E 29 -13.72 -49.83 37.17
N TYR E 30 -12.58 -50.55 37.13
CA TYR E 30 -12.23 -51.47 36.03
C TYR E 30 -12.05 -52.92 36.46
N PHE E 31 -11.58 -53.11 37.70
CA PHE E 31 -11.50 -54.45 38.26
C PHE E 31 -12.89 -54.84 38.76
N ARG E 32 -13.87 -53.99 38.43
CA ARG E 32 -15.27 -54.32 38.64
C ARG E 32 -15.73 -55.23 37.52
N LYS E 33 -15.25 -54.95 36.31
CA LYS E 33 -15.62 -55.73 35.14
C LYS E 33 -14.78 -57.01 35.06
N SER E 34 -13.55 -56.90 34.57
CA SER E 34 -12.64 -58.05 34.47
C SER E 34 -11.91 -58.25 35.80
N LYS E 35 -11.15 -59.33 35.91
CA LYS E 35 -10.35 -59.55 37.13
C LYS E 35 -8.93 -60.03 36.79
N GLU E 36 -8.47 -59.71 35.59
CA GLU E 36 -7.15 -60.11 35.13
C GLU E 36 -6.66 -59.20 33.99
N ILE E 37 -5.34 -59.20 33.76
CA ILE E 37 -4.79 -58.43 32.65
C ILE E 37 -4.14 -59.34 31.62
N PRO E 38 -4.81 -59.50 30.47
CA PRO E 38 -4.37 -60.36 29.35
C PRO E 38 -3.08 -59.89 28.66
N LEU E 39 -2.07 -60.76 28.63
CA LEU E 39 -0.83 -60.45 27.91
C LEU E 39 -0.72 -61.38 26.71
N TYR E 40 -1.12 -60.91 25.53
CA TYR E 40 -1.12 -61.78 24.35
C TYR E 40 0.26 -61.94 23.70
N ILE E 41 0.86 -63.09 23.94
CA ILE E 41 2.10 -63.45 23.26
C ILE E 41 1.88 -64.68 22.39
N ASN E 42 0.69 -64.74 21.79
CA ASN E 42 0.28 -65.73 20.78
C ASN E 42 1.40 -66.72 20.42
N THR E 43 2.25 -66.33 19.47
CA THR E 43 3.37 -67.15 19.06
C THR E 43 4.31 -67.43 20.25
N THR E 44 4.57 -68.73 20.44
CA THR E 44 5.62 -69.21 21.33
C THR E 44 6.42 -70.25 20.54
N LYS E 45 7.64 -69.88 20.17
CA LYS E 45 8.46 -70.67 19.25
C LYS E 45 9.96 -70.46 19.50
N SER E 46 10.57 -71.31 20.33
CA SER E 46 12.03 -71.32 20.57
C SER E 46 12.56 -70.05 21.23
N LEU E 47 12.92 -70.15 22.51
CA LEU E 47 13.46 -69.00 23.24
C LEU E 47 14.81 -68.60 22.62
N SER E 48 15.32 -69.47 21.74
CA SER E 48 16.64 -69.29 21.13
C SER E 48 16.60 -68.92 19.65
N ASP E 49 15.53 -69.31 18.96
CA ASP E 49 15.29 -68.82 17.60
C ASP E 49 15.02 -67.32 17.65
N LEU E 50 14.17 -66.94 18.62
CA LEU E 50 13.76 -65.57 18.83
C LEU E 50 14.95 -64.65 19.07
N ARG E 51 15.86 -65.10 19.94
CA ARG E 51 17.10 -64.37 20.23
C ARG E 51 17.76 -63.85 18.94
N GLY E 52 17.65 -64.63 17.88
CA GLY E 52 18.25 -64.29 16.61
C GLY E 52 17.40 -63.37 15.73
N TYR E 53 16.12 -63.70 15.61
CA TYR E 53 15.19 -62.89 14.83
C TYR E 53 15.38 -61.42 15.20
N VAL E 54 15.49 -61.17 16.51
CA VAL E 54 15.64 -59.80 17.01
C VAL E 54 17.06 -59.33 16.83
N TYR E 55 18.03 -60.17 17.17
CA TYR E 55 19.42 -59.74 17.09
C TYR E 55 19.72 -59.16 15.69
N GLN E 56 19.26 -59.86 14.66
CA GLN E 56 19.49 -59.38 13.30
C GLN E 56 18.47 -58.32 12.91
N GLY E 57 17.20 -58.64 13.10
CA GLY E 57 16.11 -57.73 12.75
C GLY E 57 16.31 -56.32 13.29
N LEU E 58 17.23 -56.19 14.25
CA LEU E 58 17.52 -54.91 14.92
C LEU E 58 18.56 -54.06 14.20
N LYS E 59 19.39 -54.70 13.38
CA LYS E 59 20.36 -53.97 12.56
C LYS E 59 19.70 -53.56 11.22
N SER E 60 18.39 -53.36 11.26
CA SER E 60 17.60 -53.00 10.09
C SER E 60 16.14 -52.73 10.49
N GLY E 61 15.54 -51.73 9.86
CA GLY E 61 14.19 -51.29 10.19
C GLY E 61 13.07 -52.19 9.70
N ASN E 62 12.83 -53.31 10.41
CA ASN E 62 11.81 -54.28 10.02
C ASN E 62 11.56 -55.43 11.00
N VAL E 63 12.20 -55.39 12.18
CA VAL E 63 11.94 -56.39 13.22
C VAL E 63 10.52 -56.31 13.76
N SER E 64 9.85 -57.45 13.87
CA SER E 64 8.44 -57.44 14.22
C SER E 64 8.25 -57.23 15.70
N ILE E 65 7.35 -56.31 16.02
CA ILE E 65 7.04 -56.06 17.43
C ILE E 65 6.50 -57.35 18.05
N ILE E 66 5.98 -58.24 17.23
CA ILE E 66 5.44 -59.50 17.73
C ILE E 66 6.56 -60.40 18.19
N HIS E 67 7.75 -60.11 17.67
CA HIS E 67 8.91 -60.95 17.95
C HIS E 67 9.60 -60.54 19.24
N VAL E 68 9.70 -59.24 19.49
CA VAL E 68 10.29 -58.77 20.74
C VAL E 68 9.43 -59.19 21.94
N ASN E 69 8.12 -58.95 21.90
CA ASN E 69 7.23 -59.38 22.98
C ASN E 69 7.51 -60.83 23.32
N SER E 70 7.61 -61.64 22.28
CA SER E 70 7.80 -63.08 22.42
C SER E 70 9.16 -63.39 23.03
N TYR E 71 10.19 -62.72 22.52
CA TYR E 71 11.54 -62.86 23.06
C TYR E 71 11.61 -62.38 24.51
N LEU E 72 11.10 -61.17 24.75
CA LEU E 72 11.05 -60.61 26.09
C LEU E 72 10.40 -61.60 27.06
N TYR E 73 9.22 -62.11 26.70
CA TYR E 73 8.57 -63.07 27.57
C TYR E 73 9.58 -64.14 27.92
N GLY E 74 10.19 -64.69 26.89
CA GLY E 74 11.08 -65.83 27.04
C GLY E 74 12.36 -65.60 27.82
N ALA E 75 12.96 -64.42 27.68
CA ALA E 75 14.19 -64.11 28.40
C ALA E 75 13.93 -63.61 29.85
N LEU E 76 12.66 -63.36 30.17
CA LEU E 76 12.31 -62.67 31.42
C LEU E 76 11.54 -63.51 32.45
N LYS E 77 11.10 -64.71 32.09
CA LYS E 77 10.40 -65.52 33.08
C LYS E 77 11.36 -66.07 34.14
N ASP E 78 12.38 -65.28 34.48
CA ASP E 78 13.09 -65.47 35.73
C ASP E 78 12.01 -65.41 36.84
N ILE E 79 11.68 -66.59 37.36
CA ILE E 79 10.65 -66.69 38.39
C ILE E 79 11.23 -66.26 39.75
N ARG E 80 12.16 -65.32 39.70
CA ARG E 80 12.93 -64.88 40.87
C ARG E 80 12.11 -63.94 41.73
N GLY E 81 12.59 -63.60 42.92
CA GLY E 81 11.85 -62.72 43.81
C GLY E 81 10.95 -63.41 44.84
N LYS E 82 11.23 -63.13 46.11
CA LYS E 82 10.54 -63.77 47.23
C LYS E 82 9.87 -62.70 48.08
N LEU E 83 8.56 -62.86 48.33
CA LEU E 83 7.81 -61.87 49.12
C LEU E 83 8.07 -62.04 50.61
N ASP E 84 8.48 -60.96 51.27
CA ASP E 84 8.62 -60.99 52.72
C ASP E 84 7.26 -60.75 53.41
N LYS E 85 6.56 -59.70 52.99
CA LYS E 85 5.20 -59.44 53.45
C LYS E 85 4.17 -60.07 52.52
N ASP E 86 2.97 -59.49 52.50
CA ASP E 86 1.92 -59.91 51.58
C ASP E 86 1.77 -58.86 50.48
N TRP E 87 1.36 -59.30 49.28
CA TRP E 87 1.14 -58.38 48.16
C TRP E 87 -0.29 -58.52 47.62
N SER E 88 -1.00 -57.40 47.58
CA SER E 88 -2.41 -57.40 47.22
C SER E 88 -2.86 -56.01 46.72
N SER E 89 -3.65 -55.98 45.65
CA SER E 89 -4.06 -54.72 45.05
C SER E 89 -5.38 -54.88 44.32
N PHE E 90 -6.37 -54.10 44.75
CA PHE E 90 -7.67 -54.01 44.05
C PHE E 90 -8.49 -55.31 44.13
N GLY E 91 -8.21 -56.11 45.15
CA GLY E 91 -8.85 -57.42 45.29
C GLY E 91 -8.01 -58.55 44.73
N ILE E 92 -7.29 -58.27 43.64
CA ILE E 92 -6.39 -59.25 43.05
C ILE E 92 -5.25 -59.64 44.02
N ASN E 93 -5.25 -60.90 44.45
CA ASN E 93 -4.13 -61.43 45.24
C ASN E 93 -3.04 -61.95 44.30
N ILE E 94 -1.85 -61.35 44.40
CA ILE E 94 -0.78 -61.68 43.48
C ILE E 94 0.34 -62.44 44.18
N GLY E 95 0.12 -62.80 45.45
CA GLY E 95 1.10 -63.55 46.22
C GLY E 95 0.95 -63.29 47.72
N LYS E 96 1.25 -64.30 48.55
CA LYS E 96 1.14 -64.14 50.00
C LYS E 96 2.33 -64.72 50.76
N ALA E 97 2.21 -64.80 52.08
CA ALA E 97 3.25 -65.38 52.91
C ALA E 97 4.22 -66.22 52.07
N GLY E 98 5.37 -65.64 51.75
CA GLY E 98 6.59 -66.42 51.61
C GLY E 98 6.88 -66.77 50.16
N ASP E 99 5.84 -66.73 49.33
CA ASP E 99 5.91 -67.35 48.00
C ASP E 99 7.05 -66.76 47.17
N THR E 100 7.37 -67.43 46.08
CA THR E 100 8.15 -66.77 45.04
C THR E 100 7.17 -66.39 43.93
N ILE E 101 7.46 -65.28 43.24
CA ILE E 101 6.66 -64.84 42.10
C ILE E 101 7.58 -64.37 40.98
N GLY E 102 7.10 -64.45 39.74
CA GLY E 102 7.82 -63.93 38.59
C GLY E 102 7.09 -62.73 37.98
N ILE E 103 7.83 -61.96 37.18
CA ILE E 103 7.27 -60.77 36.51
C ILE E 103 5.88 -61.02 35.93
N PHE E 104 5.71 -62.16 35.27
CA PHE E 104 4.49 -62.42 34.53
C PHE E 104 3.37 -63.04 35.34
N ASP E 105 3.52 -62.98 36.66
CA ASP E 105 2.40 -63.27 37.55
C ASP E 105 1.39 -62.15 37.46
N LEU E 106 1.18 -61.71 36.21
CA LEU E 106 0.22 -60.68 35.80
C LEU E 106 -0.43 -61.05 34.41
N VAL E 107 -0.76 -62.34 34.27
CA VAL E 107 -1.91 -62.93 33.50
C VAL E 107 -1.81 -63.34 31.98
N SER E 108 -1.06 -64.42 31.70
CA SER E 108 -0.71 -64.81 30.33
C SER E 108 -1.78 -65.56 29.49
N LEU E 109 -2.11 -64.99 28.32
CA LEU E 109 -2.93 -65.67 27.31
C LEU E 109 -2.19 -65.66 25.95
N LYS E 110 -2.74 -66.33 24.93
CA LYS E 110 -2.13 -66.36 23.59
C LYS E 110 -3.17 -66.22 22.46
N ALA E 111 -2.73 -65.92 21.24
CA ALA E 111 -3.67 -65.70 20.11
C ALA E 111 -3.17 -66.03 18.68
N LEU E 112 -3.66 -65.25 17.71
CA LEU E 112 -3.54 -65.55 16.27
C LEU E 112 -2.13 -65.82 15.73
N ASP E 113 -2.03 -66.08 14.43
CA ASP E 113 -0.78 -66.59 13.85
C ASP E 113 -0.38 -66.00 12.47
N GLY E 114 0.01 -64.73 12.47
CA GLY E 114 0.58 -64.10 11.28
C GLY E 114 2.07 -63.87 11.47
N VAL E 115 2.81 -64.97 11.67
CA VAL E 115 4.23 -64.90 12.03
C VAL E 115 5.15 -64.52 10.86
N LEU E 116 6.34 -64.05 11.20
CA LEU E 116 7.32 -63.54 10.24
C LEU E 116 8.38 -64.63 9.98
N PRO E 117 9.58 -64.28 9.45
CA PRO E 117 10.62 -65.29 9.10
C PRO E 117 10.60 -66.70 9.77
N ASP E 118 11.17 -67.68 9.05
CA ASP E 118 10.98 -69.12 9.28
C ASP E 118 11.79 -69.83 10.39
N GLY E 119 11.15 -70.81 11.02
CA GLY E 119 11.79 -71.79 11.89
C GLY E 119 13.00 -71.40 12.73
N VAL E 120 14.17 -71.89 12.32
CA VAL E 120 15.43 -71.67 13.04
C VAL E 120 16.27 -70.55 12.40
N SER E 121 16.08 -69.32 12.89
CA SER E 121 16.54 -68.10 12.21
C SER E 121 18.07 -67.87 12.13
N ASP E 122 18.46 -66.62 12.37
CA ASP E 122 19.84 -66.16 12.25
C ASP E 122 20.68 -66.64 13.45
N ALA E 123 20.81 -67.97 13.56
CA ALA E 123 21.32 -68.63 14.78
C ALA E 123 22.81 -68.42 15.05
N SER E 124 23.25 -67.17 15.01
CA SER E 124 24.65 -66.84 15.31
C SER E 124 24.87 -66.61 16.82
N ARG E 125 23.83 -66.14 17.51
CA ARG E 125 23.97 -65.59 18.86
C ARG E 125 23.74 -66.57 20.01
N THR E 126 24.55 -66.38 21.05
CA THR E 126 24.60 -67.20 22.27
C THR E 126 23.78 -66.58 23.41
N SER E 127 24.00 -67.06 24.64
CA SER E 127 23.34 -66.48 25.82
C SER E 127 23.89 -65.11 26.25
N ALA E 128 24.13 -64.23 25.27
CA ALA E 128 24.31 -62.81 25.54
C ALA E 128 23.05 -62.39 26.26
N ASP E 129 21.92 -62.59 25.57
CA ASP E 129 20.63 -62.83 26.21
C ASP E 129 20.24 -61.93 27.40
N ASP E 130 19.48 -62.53 28.33
CA ASP E 130 19.06 -61.91 29.60
C ASP E 130 20.02 -60.80 30.05
N LYS E 131 21.29 -61.17 30.16
CA LYS E 131 22.33 -60.25 30.61
C LYS E 131 22.12 -58.80 30.14
N TRP E 132 21.56 -58.59 28.95
CA TRP E 132 21.55 -57.25 28.37
C TRP E 132 20.57 -56.99 27.23
N LEU E 133 20.23 -58.00 26.44
CA LEU E 133 19.35 -57.78 25.28
C LEU E 133 17.96 -57.28 25.72
N PRO E 134 17.37 -57.91 26.75
CA PRO E 134 16.11 -57.36 27.23
C PRO E 134 16.21 -55.92 27.78
N LEU E 135 17.29 -55.59 28.49
CA LEU E 135 17.47 -54.24 29.04
C LEU E 135 17.52 -53.18 27.94
N TYR E 136 17.92 -53.61 26.75
CA TYR E 136 18.05 -52.72 25.60
C TYR E 136 16.70 -52.49 24.96
N LEU E 137 15.97 -53.58 24.75
CA LEU E 137 14.62 -53.51 24.18
C LEU E 137 13.73 -52.66 25.04
N LEU E 138 13.81 -52.86 26.34
CA LEU E 138 13.05 -52.08 27.30
C LEU E 138 13.57 -50.65 27.33
N GLY E 139 14.88 -50.48 27.24
CA GLY E 139 15.48 -49.16 27.15
C GLY E 139 14.80 -48.28 26.11
N LEU E 140 14.62 -48.81 24.91
CA LEU E 140 14.10 -48.03 23.80
C LEU E 140 12.69 -47.48 24.03
N TYR E 141 11.90 -48.18 24.84
CA TYR E 141 10.56 -47.69 25.16
C TYR E 141 10.61 -46.25 25.68
N ARG E 142 11.64 -45.96 26.46
CA ARG E 142 11.84 -44.66 27.06
C ARG E 142 12.34 -43.65 26.05
N VAL E 143 13.34 -44.04 25.28
CA VAL E 143 13.90 -43.16 24.24
C VAL E 143 12.83 -42.77 23.20
N GLY E 144 11.79 -43.59 23.11
CA GLY E 144 10.65 -43.30 22.27
C GLY E 144 9.69 -42.22 22.77
N ARG E 145 9.67 -41.94 24.08
CA ARG E 145 8.76 -40.91 24.64
C ARG E 145 9.15 -39.49 24.26
N THR E 146 10.45 -39.20 24.33
CA THR E 146 10.95 -37.82 24.20
C THR E 146 11.04 -37.33 22.75
N GLN E 147 10.49 -36.12 22.52
CA GLN E 147 10.45 -35.50 21.19
C GLN E 147 11.76 -34.82 20.80
N MET E 148 12.20 -33.86 21.62
CA MET E 148 13.41 -33.07 21.35
C MET E 148 14.68 -33.93 21.15
N PRO E 149 15.82 -33.29 20.81
CA PRO E 149 17.09 -34.01 20.70
C PRO E 149 17.60 -34.55 22.04
N GLU E 150 16.82 -34.39 23.11
CA GLU E 150 17.14 -35.02 24.41
C GLU E 150 17.12 -36.54 24.28
N TYR E 151 16.62 -37.03 23.14
CA TYR E 151 16.45 -38.45 22.93
C TYR E 151 17.81 -39.17 22.86
N ARG E 152 18.68 -38.73 21.97
CA ARG E 152 20.02 -39.32 21.89
C ARG E 152 20.81 -38.95 23.13
N LYS E 153 20.40 -37.85 23.78
CA LYS E 153 20.96 -37.44 25.06
C LYS E 153 20.75 -38.59 26.05
N LYS E 154 19.62 -39.28 25.87
CA LYS E 154 19.19 -40.35 26.77
C LYS E 154 19.43 -41.75 26.20
N LEU E 155 19.82 -41.85 24.92
CA LEU E 155 20.15 -43.15 24.32
C LEU E 155 21.60 -43.55 24.66
N MET E 156 22.35 -42.60 25.19
CA MET E 156 23.67 -42.90 25.74
C MET E 156 23.48 -43.46 27.15
N ASP E 157 22.31 -43.19 27.74
CA ASP E 157 21.82 -43.94 28.91
C ASP E 157 21.97 -45.43 28.58
N GLY E 158 21.37 -45.84 27.47
CA GLY E 158 21.39 -47.24 27.04
C GLY E 158 22.79 -47.79 26.95
N LEU E 159 23.59 -47.27 26.03
CA LEU E 159 24.94 -47.79 25.78
C LEU E 159 25.70 -48.08 27.09
N THR E 160 25.90 -47.05 27.90
CA THR E 160 26.76 -47.17 29.09
C THR E 160 26.17 -48.05 30.20
N ASN E 161 24.88 -48.36 30.10
CA ASN E 161 24.25 -49.24 31.08
C ASN E 161 24.27 -50.70 30.62
N GLN E 162 24.62 -50.88 29.35
CA GLN E 162 24.78 -52.21 28.76
C GLN E 162 26.15 -52.76 29.07
N CYS E 163 27.16 -51.90 28.88
CA CYS E 163 28.55 -52.28 29.14
C CYS E 163 28.72 -52.93 30.51
N LYS E 164 27.71 -52.83 31.36
CA LYS E 164 27.74 -53.45 32.68
C LYS E 164 27.90 -54.98 32.59
N MET E 165 29.16 -55.40 32.48
CA MET E 165 29.55 -56.81 32.41
C MET E 165 29.14 -57.52 31.10
N ILE E 166 29.34 -56.86 29.96
CA ILE E 166 28.94 -57.42 28.67
C ILE E 166 29.40 -56.60 27.44
N ASN E 167 29.37 -55.28 27.56
CA ASN E 167 29.83 -54.32 26.54
C ASN E 167 29.85 -54.69 25.04
N GLU E 168 28.88 -54.14 24.30
CA GLU E 168 28.91 -54.13 22.84
C GLU E 168 28.86 -52.67 22.41
N GLN E 169 28.03 -52.35 21.42
CA GLN E 169 27.77 -50.95 21.04
C GLN E 169 26.36 -50.71 20.47
N PHE E 170 26.28 -49.81 19.48
CA PHE E 170 25.01 -49.38 18.88
C PHE E 170 24.17 -50.56 18.35
N GLU E 171 23.18 -50.25 17.52
CA GLU E 171 22.33 -51.28 16.91
C GLU E 171 21.47 -50.78 15.73
N PRO E 172 20.51 -49.89 15.99
CA PRO E 172 19.71 -49.43 14.85
C PRO E 172 20.42 -48.36 14.01
N LEU E 173 19.64 -47.53 13.35
CA LEU E 173 20.14 -46.65 12.32
C LEU E 173 19.36 -45.33 12.32
N VAL E 174 18.10 -45.45 11.89
CA VAL E 174 17.25 -44.31 11.60
C VAL E 174 16.82 -43.55 12.87
N PRO E 175 17.02 -42.22 12.85
CA PRO E 175 16.78 -41.19 13.89
C PRO E 175 15.75 -41.53 14.97
N GLU E 176 14.50 -41.09 14.77
CA GLU E 176 13.43 -41.28 15.76
C GLU E 176 12.64 -40.08 15.23
N GLY E 177 11.79 -39.51 16.11
CA GLY E 177 10.62 -38.70 15.85
C GLY E 177 9.40 -39.57 15.76
N ARG E 178 9.56 -40.81 16.23
CA ARG E 178 8.54 -41.85 16.11
C ARG E 178 8.50 -42.45 14.71
N ASP E 179 9.29 -43.51 14.53
CA ASP E 179 9.44 -44.19 13.23
C ASP E 179 9.94 -45.64 13.37
N ILE E 180 11.01 -45.81 14.14
CA ILE E 180 11.73 -47.09 14.23
C ILE E 180 11.26 -47.99 15.36
N PHE E 181 11.86 -47.81 16.53
CA PHE E 181 11.49 -48.53 17.76
C PHE E 181 10.40 -47.78 18.56
N ASP E 182 10.25 -46.48 18.30
CA ASP E 182 9.29 -45.68 19.05
C ASP E 182 7.87 -45.78 18.51
N VAL E 183 7.61 -46.86 17.78
CA VAL E 183 6.26 -47.20 17.39
C VAL E 183 5.81 -48.34 18.31
N TRP E 184 6.78 -48.91 19.01
CA TRP E 184 6.53 -50.02 19.92
C TRP E 184 5.57 -49.58 21.00
N GLY E 185 5.56 -48.28 21.28
CA GLY E 185 4.64 -47.72 22.25
C GLY E 185 3.22 -48.20 22.02
N ASN E 186 2.74 -48.12 20.77
CA ASN E 186 1.34 -48.38 20.50
C ASN E 186 0.89 -49.83 20.65
N ASP E 187 1.84 -50.75 20.78
CA ASP E 187 1.52 -52.18 20.90
C ASP E 187 1.01 -52.55 22.28
N SER E 188 -0.32 -52.65 22.40
CA SER E 188 -0.97 -53.01 23.65
C SER E 188 -0.22 -54.05 24.50
N ASN E 189 0.49 -54.97 23.85
CA ASN E 189 1.15 -56.05 24.57
C ASN E 189 2.57 -55.73 25.04
N TYR E 190 3.27 -54.93 24.24
CA TYR E 190 4.59 -54.41 24.61
C TYR E 190 4.51 -53.57 25.90
N THR E 191 3.65 -52.56 25.93
CA THR E 191 3.53 -51.71 27.12
C THR E 191 3.21 -52.54 28.35
N LYS E 192 2.40 -53.58 28.17
CA LYS E 192 2.02 -54.44 29.28
C LYS E 192 3.23 -55.13 29.91
N ILE E 193 4.16 -55.60 29.08
CA ILE E 193 5.38 -56.19 29.62
C ILE E 193 6.22 -55.15 30.38
N VAL E 194 6.33 -53.96 29.80
CA VAL E 194 7.02 -52.85 30.43
C VAL E 194 6.43 -52.58 31.82
N ALA E 195 5.12 -52.32 31.88
CA ALA E 195 4.46 -52.08 33.16
C ALA E 195 4.72 -53.21 34.17
N ALA E 196 4.56 -54.45 33.72
CA ALA E 196 4.80 -55.60 34.59
C ALA E 196 6.23 -55.65 35.13
N VAL E 197 7.22 -55.41 34.27
CA VAL E 197 8.61 -55.34 34.71
C VAL E 197 8.81 -54.25 35.78
N ASP E 198 8.44 -53.03 35.45
CA ASP E 198 8.68 -51.92 36.35
C ASP E 198 7.97 -52.10 37.70
N MET E 199 6.74 -52.63 37.65
CA MET E 199 5.96 -52.82 38.87
C MET E 199 6.57 -53.90 39.73
N PHE E 200 7.13 -54.90 39.05
CA PHE E 200 7.72 -56.03 39.75
C PHE E 200 9.03 -55.63 40.43
N PHE E 201 9.87 -54.84 39.74
CA PHE E 201 11.12 -54.39 40.33
C PHE E 201 10.95 -53.15 41.23
N HIS E 202 9.73 -52.64 41.34
CA HIS E 202 9.46 -51.59 42.31
C HIS E 202 9.09 -52.23 43.65
N MET E 203 8.93 -53.55 43.61
CA MET E 203 8.65 -54.33 44.79
C MET E 203 9.95 -54.93 45.29
N PHE E 204 10.59 -55.71 44.43
CA PHE E 204 11.91 -56.27 44.75
C PHE E 204 12.99 -55.30 44.32
N LYS E 205 12.94 -54.10 44.89
CA LYS E 205 13.82 -52.99 44.50
C LYS E 205 15.29 -53.38 44.54
N LYS E 206 15.58 -54.53 45.15
CA LYS E 206 16.97 -54.93 45.39
C LYS E 206 17.43 -56.19 44.64
N HIS E 207 16.60 -56.66 43.70
CA HIS E 207 16.96 -57.81 42.86
C HIS E 207 18.20 -57.48 42.04
N GLU E 208 18.95 -58.51 41.64
CA GLU E 208 20.18 -58.31 40.84
C GLU E 208 19.85 -57.74 39.45
N CYS E 209 18.70 -58.12 38.91
CA CYS E 209 18.30 -57.71 37.57
C CYS E 209 17.41 -56.45 37.57
N ALA E 210 17.22 -55.86 38.75
CA ALA E 210 16.37 -54.67 38.88
C ALA E 210 16.88 -53.48 38.06
N SER E 211 18.05 -53.65 37.46
CA SER E 211 18.63 -52.62 36.59
C SER E 211 17.75 -52.39 35.37
N PHE E 212 16.78 -53.28 35.16
CA PHE E 212 15.89 -53.19 33.99
C PHE E 212 15.01 -51.93 34.03
N ARG E 213 14.69 -51.46 35.25
CA ARG E 213 13.93 -50.25 35.41
C ARG E 213 14.51 -49.08 34.60
N TYR E 214 15.73 -49.25 34.09
CA TYR E 214 16.49 -48.11 33.59
C TYR E 214 16.11 -47.71 32.18
N GLY E 215 14.79 -47.80 31.96
CA GLY E 215 14.11 -47.46 30.74
C GLY E 215 12.63 -47.83 30.87
N THR E 216 12.36 -48.71 31.82
CA THR E 216 10.99 -49.14 32.15
C THR E 216 10.30 -48.19 33.17
N ILE E 217 11.08 -47.31 33.80
CA ILE E 217 10.58 -46.44 34.84
C ILE E 217 9.61 -45.36 34.36
N VAL E 218 9.74 -44.91 33.10
CA VAL E 218 8.89 -43.83 32.65
C VAL E 218 7.46 -44.31 32.47
N SER E 219 7.24 -45.59 32.74
CA SER E 219 5.88 -46.13 32.73
C SER E 219 5.09 -45.75 33.99
N ARG E 220 5.79 -45.69 35.12
CA ARG E 220 5.19 -45.43 36.42
C ARG E 220 4.64 -44.02 36.53
N PHE E 221 3.34 -43.92 36.76
CA PHE E 221 2.67 -42.62 36.75
C PHE E 221 2.60 -41.92 35.38
N LYS E 222 2.69 -42.71 34.31
CA LYS E 222 2.47 -42.18 32.96
C LYS E 222 1.10 -41.54 32.91
N ASP E 223 1.04 -40.33 32.35
CA ASP E 223 -0.22 -39.58 32.19
C ASP E 223 -0.90 -39.23 33.54
N CYS E 224 -0.09 -39.11 34.61
CA CYS E 224 -0.59 -38.77 35.96
C CYS E 224 0.10 -37.56 36.58
N ALA E 225 0.34 -36.51 35.80
CA ALA E 225 1.17 -35.40 36.27
C ALA E 225 0.54 -34.51 37.35
N ALA E 226 -0.76 -34.27 37.27
CA ALA E 226 -1.44 -33.46 38.27
C ALA E 226 -1.03 -33.91 39.68
N LEU E 227 -1.05 -35.21 39.94
CA LEU E 227 -0.60 -35.71 41.26
C LEU E 227 0.81 -35.25 41.59
N ALA E 228 1.73 -35.35 40.64
CA ALA E 228 3.11 -34.96 40.89
C ALA E 228 3.24 -33.47 41.14
N THR E 229 2.47 -32.66 40.39
CA THR E 229 2.59 -31.22 40.58
C THR E 229 2.11 -30.86 41.97
N PHE E 230 1.07 -31.56 42.44
CA PHE E 230 0.53 -31.44 43.81
C PHE E 230 1.61 -31.69 44.85
N GLY E 231 2.26 -32.84 44.74
CA GLY E 231 3.34 -33.17 45.64
C GLY E 231 4.44 -32.13 45.62
N HIS E 232 4.67 -31.52 44.45
CA HIS E 232 5.74 -30.53 44.30
C HIS E 232 5.38 -29.24 45.02
N LEU E 233 4.15 -28.78 44.79
CA LEU E 233 3.58 -27.61 45.44
C LEU E 233 3.66 -27.78 46.95
N CYS E 234 3.49 -29.00 47.46
CA CYS E 234 3.57 -29.24 48.89
C CYS E 234 4.98 -29.08 49.38
N LYS E 235 5.91 -29.68 48.66
CA LYS E 235 7.31 -29.63 49.06
C LYS E 235 7.84 -28.21 48.98
N ILE E 236 7.34 -27.46 48.02
CA ILE E 236 7.94 -26.19 47.62
C ILE E 236 7.52 -25.07 48.56
N THR E 237 6.35 -25.26 49.20
CA THR E 237 5.79 -24.28 50.14
C THR E 237 5.89 -24.77 51.57
N GLY E 238 6.36 -25.99 51.75
CA GLY E 238 6.51 -26.54 53.09
C GLY E 238 5.21 -26.84 53.80
N MET E 239 4.07 -26.54 53.17
CA MET E 239 2.77 -26.80 53.81
C MET E 239 2.36 -28.26 53.73
N SER E 240 1.31 -28.60 54.46
CA SER E 240 0.84 -29.97 54.53
C SER E 240 -0.09 -30.20 53.37
N THR E 241 -0.39 -31.46 53.10
CA THR E 241 -1.28 -31.76 51.99
C THR E 241 -2.65 -31.14 52.26
N GLU E 242 -3.07 -31.14 53.53
CA GLU E 242 -4.41 -30.62 53.89
C GLU E 242 -4.47 -29.09 53.95
N ASP E 243 -3.35 -28.45 54.29
CA ASP E 243 -3.29 -26.99 54.25
C ASP E 243 -3.22 -26.45 52.79
N VAL E 244 -2.36 -27.06 51.94
CA VAL E 244 -2.34 -26.68 50.52
C VAL E 244 -3.77 -26.71 50.01
N THR E 245 -4.43 -27.85 50.19
CA THR E 245 -5.82 -27.98 49.77
C THR E 245 -6.71 -26.76 50.12
N THR E 246 -6.55 -26.21 51.33
CA THR E 246 -7.40 -25.09 51.74
C THR E 246 -7.07 -23.82 50.96
N TRP E 247 -5.85 -23.72 50.44
CA TRP E 247 -5.48 -22.55 49.66
C TRP E 247 -5.97 -22.60 48.20
N ILE E 248 -6.66 -23.67 47.83
CA ILE E 248 -7.38 -23.67 46.56
C ILE E 248 -8.51 -22.61 46.63
N LEU E 249 -8.55 -21.71 45.66
CA LEU E 249 -9.43 -20.54 45.70
C LEU E 249 -10.28 -20.33 44.44
N ASN E 250 -10.41 -21.33 43.58
CA ASN E 250 -11.27 -21.19 42.40
C ASN E 250 -12.14 -22.43 42.13
N ARG E 251 -13.42 -22.24 41.81
CA ARG E 251 -14.30 -23.35 41.48
C ARG E 251 -13.59 -24.50 40.73
N GLU E 252 -13.00 -24.21 39.56
CA GLU E 252 -12.52 -25.28 38.70
C GLU E 252 -11.31 -26.00 39.22
N VAL E 253 -10.53 -25.33 40.07
CA VAL E 253 -9.39 -26.04 40.63
C VAL E 253 -9.93 -26.98 41.70
N ALA E 254 -10.91 -26.49 42.47
CA ALA E 254 -11.53 -27.32 43.50
C ALA E 254 -12.25 -28.51 42.86
N ASP E 255 -13.01 -28.29 41.78
CA ASP E 255 -13.60 -29.40 41.02
C ASP E 255 -12.55 -30.46 40.70
N GLU E 256 -11.41 -30.03 40.20
CA GLU E 256 -10.40 -30.94 39.67
C GLU E 256 -9.69 -31.64 40.79
N MET E 257 -9.49 -30.92 41.89
CA MET E 257 -8.79 -31.53 43.03
C MET E 257 -9.63 -32.67 43.62
N VAL E 258 -10.94 -32.42 43.75
CA VAL E 258 -11.90 -33.45 44.13
C VAL E 258 -11.81 -34.64 43.18
N GLN E 259 -11.73 -34.34 41.89
CA GLN E 259 -11.59 -35.37 40.87
C GLN E 259 -10.41 -36.28 41.17
N MET E 260 -9.26 -35.71 41.52
CA MET E 260 -8.05 -36.53 41.66
C MET E 260 -8.02 -37.31 42.97
N MET E 261 -8.84 -36.88 43.92
CA MET E 261 -8.81 -37.45 45.27
C MET E 261 -9.88 -38.51 45.55
N LEU E 262 -10.66 -38.86 44.52
CA LEU E 262 -11.71 -39.86 44.65
C LEU E 262 -11.11 -41.09 45.31
N PRO E 263 -11.83 -41.66 46.29
CA PRO E 263 -11.25 -42.48 47.37
C PRO E 263 -10.90 -43.96 47.08
N GLY E 264 -11.46 -44.61 46.08
CA GLY E 264 -11.20 -46.03 45.97
C GLY E 264 -10.06 -46.44 45.05
N GLN E 265 -8.97 -45.66 45.02
CA GLN E 265 -8.04 -45.80 43.90
C GLN E 265 -6.60 -46.20 44.22
N GLU E 266 -6.25 -46.22 45.51
CA GLU E 266 -4.91 -46.63 45.93
C GLU E 266 -3.77 -45.71 45.46
N ILE E 267 -4.04 -44.41 45.35
CA ILE E 267 -3.00 -43.49 44.88
C ILE E 267 -1.86 -43.41 45.91
N ASP E 268 -2.22 -43.31 47.19
CA ASP E 268 -1.22 -43.25 48.26
C ASP E 268 -0.64 -44.60 48.65
N LYS E 269 -1.07 -45.65 47.95
CA LYS E 269 -0.66 -47.00 48.29
C LYS E 269 0.79 -47.29 47.88
N ALA E 270 1.37 -48.33 48.48
CA ALA E 270 2.78 -48.63 48.32
C ALA E 270 3.09 -49.17 46.94
N ASP E 271 2.73 -50.43 46.73
CA ASP E 271 2.94 -51.05 45.41
C ASP E 271 1.60 -51.55 44.83
N SER E 272 0.88 -50.67 44.15
CA SER E 272 -0.41 -51.06 43.61
C SER E 272 -0.32 -51.04 42.09
N TYR E 273 -1.44 -51.27 41.42
CA TYR E 273 -1.46 -51.23 39.97
C TYR E 273 -1.64 -49.82 39.47
N MET E 274 -2.11 -48.92 40.35
CA MET E 274 -2.61 -47.62 39.91
C MET E 274 -1.62 -46.77 39.11
N PRO E 275 -0.35 -46.69 39.53
CA PRO E 275 0.62 -45.95 38.71
C PRO E 275 0.63 -46.36 37.24
N TYR E 276 0.33 -47.62 36.96
CA TYR E 276 0.44 -48.13 35.59
C TYR E 276 -0.94 -48.18 34.92
N LEU E 277 -1.87 -47.37 35.43
CA LEU E 277 -3.23 -47.43 34.92
C LEU E 277 -3.27 -47.35 33.40
N ILE E 278 -2.31 -46.63 32.79
CA ILE E 278 -2.36 -46.41 31.34
C ILE E 278 -1.74 -47.53 30.53
N ASP E 279 -0.55 -48.01 30.94
CA ASP E 279 0.15 -49.03 30.16
C ASP E 279 -0.36 -50.47 30.33
N PHE E 280 -1.04 -50.75 31.42
CA PHE E 280 -1.70 -52.05 31.59
C PHE E 280 -3.05 -52.00 30.89
N GLY E 281 -3.39 -50.83 30.37
CA GLY E 281 -4.69 -50.63 29.74
C GLY E 281 -5.87 -50.73 30.69
N LEU E 282 -5.71 -50.25 31.92
CA LEU E 282 -6.83 -50.18 32.86
C LEU E 282 -7.64 -48.91 32.63
N SER E 283 -7.08 -47.98 31.86
CA SER E 283 -7.72 -46.71 31.62
C SER E 283 -7.27 -46.13 30.29
N SER E 284 -8.20 -45.47 29.60
CA SER E 284 -7.88 -44.84 28.33
C SER E 284 -8.12 -43.32 28.40
N LYS E 285 -8.36 -42.84 29.61
CA LYS E 285 -8.37 -41.41 29.89
C LYS E 285 -8.04 -41.29 31.37
N SER E 286 -6.81 -40.88 31.70
CA SER E 286 -6.41 -40.77 33.10
C SER E 286 -7.01 -39.56 33.79
N PRO E 287 -7.65 -39.79 34.94
CA PRO E 287 -8.20 -38.68 35.73
C PRO E 287 -7.10 -37.84 36.39
N TYR E 288 -5.89 -38.34 36.38
CA TYR E 288 -4.81 -37.67 37.06
C TYR E 288 -3.92 -36.88 36.09
N SER E 289 -4.33 -36.77 34.83
CA SER E 289 -3.50 -36.10 33.84
C SER E 289 -3.61 -34.59 33.97
N SER E 290 -2.64 -33.88 33.40
CA SER E 290 -2.64 -32.43 33.51
C SER E 290 -3.50 -31.86 32.42
N VAL E 291 -3.84 -32.70 31.46
CA VAL E 291 -4.71 -32.31 30.36
C VAL E 291 -6.14 -32.30 30.85
N LYS E 292 -6.46 -33.26 31.73
CA LYS E 292 -7.78 -33.35 32.34
C LYS E 292 -7.83 -32.63 33.67
N ASN E 293 -6.73 -31.95 34.01
CA ASN E 293 -6.67 -31.08 35.20
C ASN E 293 -6.02 -29.72 34.93
N PRO E 294 -6.42 -29.03 33.84
CA PRO E 294 -5.75 -27.82 33.36
C PRO E 294 -5.76 -26.64 34.35
N ALA E 295 -6.89 -26.32 34.97
CA ALA E 295 -6.89 -25.22 35.93
C ALA E 295 -5.92 -25.48 37.08
N PHE E 296 -6.02 -26.66 37.67
CA PHE E 296 -5.12 -27.02 38.77
C PHE E 296 -3.69 -26.99 38.31
N HIS E 297 -3.46 -27.47 37.09
CA HIS E 297 -2.10 -27.50 36.54
C HIS E 297 -1.44 -26.12 36.45
N PHE E 298 -2.16 -25.17 35.86
CA PHE E 298 -1.70 -23.80 35.79
C PHE E 298 -1.49 -23.23 37.21
N TRP E 299 -2.51 -23.32 38.06
CA TRP E 299 -2.42 -22.66 39.37
C TRP E 299 -1.22 -23.20 40.14
N GLY E 300 -1.08 -24.52 40.12
CA GLY E 300 -0.09 -25.19 40.94
C GLY E 300 1.31 -24.94 40.44
N GLN E 301 1.47 -24.98 39.12
CA GLN E 301 2.76 -24.74 38.50
C GLN E 301 3.13 -23.26 38.56
N LEU E 302 2.17 -22.36 38.33
CA LEU E 302 2.46 -20.93 38.41
C LEU E 302 2.92 -20.59 39.83
N THR E 303 2.14 -20.98 40.83
CA THR E 303 2.49 -20.74 42.23
C THR E 303 3.90 -21.25 42.59
N ALA E 304 4.27 -22.41 42.04
CA ALA E 304 5.54 -22.99 42.38
C ALA E 304 6.66 -22.19 41.70
N LEU E 305 6.32 -21.48 40.64
CA LEU E 305 7.31 -20.72 39.91
C LEU E 305 7.66 -19.45 40.64
N LEU E 306 6.65 -18.84 41.23
CA LEU E 306 6.80 -17.58 41.97
C LEU E 306 7.55 -17.87 43.25
N LEU E 307 7.40 -19.09 43.77
CA LEU E 307 8.16 -19.53 44.94
C LEU E 307 9.55 -20.13 44.58
N ARG E 308 9.97 -19.90 43.34
CA ARG E 308 11.34 -20.18 42.88
C ARG E 308 11.63 -21.56 42.28
N SER E 309 10.60 -22.32 41.91
CA SER E 309 10.77 -23.62 41.27
C SER E 309 11.54 -23.52 39.96
N THR E 310 12.34 -24.53 39.63
CA THR E 310 12.93 -24.57 38.30
C THR E 310 12.13 -25.43 37.33
N ARG E 311 11.56 -26.53 37.80
CA ARG E 311 10.65 -27.32 36.96
C ARG E 311 9.56 -26.44 36.37
N ALA E 312 8.97 -25.58 37.17
CA ALA E 312 7.82 -24.83 36.73
C ALA E 312 8.13 -23.92 35.57
N ARG E 313 9.39 -23.55 35.38
CA ARG E 313 9.76 -22.61 34.31
C ARG E 313 9.30 -23.09 32.91
N ASN E 314 9.25 -24.41 32.68
CA ASN E 314 8.96 -24.97 31.36
C ASN E 314 7.63 -25.71 31.22
N ALA E 315 6.85 -25.81 32.29
CA ALA E 315 5.59 -26.54 32.22
C ALA E 315 4.73 -25.87 31.17
N ARG E 316 3.80 -26.62 30.60
CA ARG E 316 2.98 -26.08 29.52
C ARG E 316 1.76 -25.31 30.01
N GLN E 317 1.42 -24.25 29.29
CA GLN E 317 0.29 -23.39 29.64
C GLN E 317 -0.99 -23.82 28.97
N PRO E 318 -1.87 -24.51 29.71
CA PRO E 318 -3.08 -25.08 29.11
C PRO E 318 -3.92 -24.01 28.47
N ASP E 319 -4.68 -24.40 27.46
CA ASP E 319 -5.69 -23.52 26.84
C ASP E 319 -7.04 -23.63 27.56
N ASP E 320 -7.93 -22.70 27.26
CA ASP E 320 -9.29 -22.81 27.78
C ASP E 320 -9.39 -22.92 29.30
N ILE E 321 -8.57 -22.18 30.02
CA ILE E 321 -8.76 -21.98 31.46
C ILE E 321 -8.96 -20.51 31.74
N GLU E 322 -9.16 -20.17 33.01
CA GLU E 322 -9.46 -18.81 33.36
C GLU E 322 -8.20 -18.11 33.88
N TYR E 323 -7.36 -17.66 32.94
CA TYR E 323 -6.02 -17.18 33.25
C TYR E 323 -6.02 -16.06 34.27
N THR E 324 -6.87 -15.05 34.16
CA THR E 324 -6.67 -13.92 35.04
C THR E 324 -6.92 -14.26 36.52
N SER E 325 -8.03 -14.95 36.81
CA SER E 325 -8.39 -15.24 38.20
C SER E 325 -7.51 -16.34 38.74
N LEU E 326 -7.08 -17.24 37.84
CA LEU E 326 -6.20 -18.32 38.23
C LEU E 326 -4.86 -17.75 38.65
N THR E 327 -4.40 -16.69 37.99
CA THR E 327 -3.10 -16.11 38.34
C THR E 327 -3.19 -15.18 39.55
N THR E 328 -4.29 -14.44 39.69
CA THR E 328 -4.46 -13.62 40.89
C THR E 328 -4.38 -14.50 42.15
N ALA E 329 -5.09 -15.63 42.16
CA ALA E 329 -5.04 -16.58 43.27
C ALA E 329 -3.63 -17.16 43.51
N GLY E 330 -2.91 -17.41 42.43
CA GLY E 330 -1.56 -17.92 42.53
C GLY E 330 -0.65 -16.89 43.15
N LEU E 331 -0.79 -15.64 42.70
CA LEU E 331 -0.04 -14.52 43.27
C LEU E 331 -0.22 -14.45 44.77
N LEU E 332 -1.46 -14.60 45.23
CA LEU E 332 -1.76 -14.38 46.65
C LEU E 332 -1.10 -15.45 47.47
N TYR E 333 -1.17 -16.69 47.00
CA TYR E 333 -0.73 -17.84 47.78
C TYR E 333 0.79 -17.80 47.88
N ALA E 334 1.39 -17.40 46.77
CA ALA E 334 2.83 -17.38 46.62
C ALA E 334 3.39 -16.22 47.42
N TYR E 335 2.57 -15.19 47.56
CA TYR E 335 3.00 -14.00 48.28
C TYR E 335 2.86 -14.22 49.78
N ALA E 336 1.79 -14.91 50.18
CA ALA E 336 1.64 -15.31 51.56
C ALA E 336 2.83 -16.17 51.99
N VAL E 337 2.97 -17.37 51.42
CA VAL E 337 4.09 -18.25 51.74
C VAL E 337 5.40 -17.48 51.63
N GLY E 338 5.43 -16.54 50.70
CA GLY E 338 6.68 -15.95 50.24
C GLY E 338 7.31 -14.97 51.19
N SER E 339 6.50 -14.12 51.81
CA SER E 339 7.02 -13.09 52.67
C SER E 339 7.16 -13.53 54.16
N SER E 340 6.11 -14.12 54.73
CA SER E 340 6.22 -14.70 56.07
C SER E 340 6.92 -16.09 56.12
N ALA E 341 8.24 -16.12 56.35
CA ALA E 341 8.98 -17.37 56.41
C ALA E 341 8.59 -18.24 57.60
N ASP E 342 8.86 -19.56 57.56
CA ASP E 342 8.67 -20.42 58.74
C ASP E 342 9.47 -19.78 59.85
N LEU E 343 10.68 -20.29 60.05
CA LEU E 343 11.66 -19.65 60.91
C LEU E 343 11.32 -19.79 62.39
N ALA E 344 11.94 -20.75 63.04
CA ALA E 344 11.76 -20.94 64.46
C ALA E 344 13.01 -21.61 64.98
N GLN E 345 13.43 -21.25 66.19
CA GLN E 345 14.61 -21.93 66.73
C GLN E 345 14.36 -23.44 66.79
N GLN E 346 15.39 -24.24 66.53
CA GLN E 346 15.23 -25.69 66.49
C GLN E 346 16.08 -26.47 67.49
N PHE E 347 17.28 -25.96 67.79
CA PHE E 347 18.13 -26.54 68.81
C PHE E 347 18.62 -25.45 69.75
N CYS E 348 18.94 -25.81 71.01
CA CYS E 348 19.35 -24.86 72.04
C CYS E 348 20.30 -25.49 73.04
N VAL E 349 20.74 -24.69 74.01
CA VAL E 349 21.56 -25.16 75.13
C VAL E 349 21.06 -24.66 76.51
N GLY E 350 19.80 -24.98 76.85
CA GLY E 350 19.17 -24.42 78.04
C GLY E 350 18.62 -23.01 77.80
N ASP E 351 18.96 -22.42 76.64
CA ASP E 351 18.61 -21.03 76.30
C ASP E 351 17.85 -20.91 74.98
N ASN E 352 16.55 -20.72 75.02
CA ASN E 352 15.75 -20.63 73.79
C ASN E 352 14.87 -19.38 73.68
N LYS E 353 14.22 -19.18 72.53
CA LYS E 353 13.42 -17.98 72.32
C LYS E 353 11.92 -18.28 72.18
N TYR E 354 11.16 -18.06 73.24
CA TYR E 354 9.70 -18.14 73.19
C TYR E 354 9.21 -16.90 72.45
N THR E 355 8.71 -17.08 71.24
CA THR E 355 8.41 -15.95 70.37
C THR E 355 7.24 -15.04 70.76
N PRO E 356 6.04 -15.63 71.03
CA PRO E 356 4.78 -14.88 71.21
C PRO E 356 4.74 -13.81 72.32
N ASP E 357 5.34 -12.67 72.00
CA ASP E 357 5.14 -11.44 72.73
C ASP E 357 4.66 -10.35 71.78
N ASP E 358 4.48 -9.15 72.34
CA ASP E 358 3.93 -7.94 71.67
C ASP E 358 2.51 -7.65 72.07
N THR E 365 -3.12 -1.79 59.80
CA THR E 365 -4.23 -2.37 59.07
C THR E 365 -3.78 -2.95 57.75
N ASN E 366 -3.14 -2.12 56.93
CA ASN E 366 -2.70 -2.55 55.61
C ASN E 366 -1.50 -3.50 55.66
N ALA E 367 -0.99 -3.75 56.86
CA ALA E 367 0.07 -4.75 57.05
C ALA E 367 -0.53 -6.16 57.03
N PRO E 368 0.03 -7.03 56.16
CA PRO E 368 -0.50 -8.37 55.92
C PRO E 368 -0.31 -9.29 57.12
N PRO E 369 -1.19 -10.30 57.25
CA PRO E 369 -1.22 -11.35 58.28
C PRO E 369 0.15 -11.94 58.61
N GLN E 370 0.24 -12.58 59.76
CA GLN E 370 1.55 -12.97 60.30
C GLN E 370 1.92 -14.40 59.95
N GLY E 371 0.91 -15.21 59.62
CA GLY E 371 1.18 -16.59 59.25
C GLY E 371 0.82 -16.87 57.81
N ARG E 372 0.34 -18.09 57.59
CA ARG E 372 -0.07 -18.55 56.27
C ARG E 372 -1.49 -19.12 56.31
N ASP E 373 -2.39 -18.46 57.01
CA ASP E 373 -3.75 -19.00 57.05
C ASP E 373 -4.67 -18.37 56.03
N VAL E 374 -5.39 -19.23 55.30
CA VAL E 374 -6.29 -18.78 54.22
C VAL E 374 -7.27 -17.68 54.66
N VAL E 375 -7.89 -17.87 55.81
CA VAL E 375 -8.93 -16.93 56.24
C VAL E 375 -8.35 -15.57 56.60
N GLU E 376 -7.35 -15.54 57.45
CA GLU E 376 -6.64 -14.29 57.70
C GLU E 376 -6.33 -13.57 56.37
N TRP E 377 -5.76 -14.32 55.42
CA TRP E 377 -5.23 -13.74 54.18
C TRP E 377 -6.33 -13.30 53.24
N LEU E 378 -7.37 -14.12 53.16
CA LEU E 378 -8.52 -13.79 52.34
C LEU E 378 -9.13 -12.48 52.79
N GLY E 379 -9.27 -12.36 54.12
CA GLY E 379 -9.79 -11.15 54.76
C GLY E 379 -8.93 -9.94 54.49
N TRP E 380 -7.61 -10.10 54.66
CA TRP E 380 -6.67 -9.04 54.31
C TRP E 380 -6.82 -8.60 52.85
N PHE E 381 -7.16 -9.54 51.96
CA PHE E 381 -7.33 -9.26 50.54
C PHE E 381 -8.63 -8.47 50.28
N GLU E 382 -9.73 -8.87 50.90
CA GLU E 382 -10.94 -8.06 50.85
C GLU E 382 -10.57 -6.61 51.20
N ASP E 383 -9.97 -6.44 52.37
CA ASP E 383 -9.48 -5.14 52.87
C ASP E 383 -8.77 -4.32 51.79
N GLN E 384 -8.05 -4.98 50.89
CA GLN E 384 -7.22 -4.29 49.92
C GLN E 384 -7.89 -4.09 48.56
N ASN E 385 -9.21 -4.25 48.53
CA ASN E 385 -10.03 -4.05 47.33
C ASN E 385 -10.00 -5.21 46.37
N ARG E 386 -9.67 -6.39 46.88
CA ARG E 386 -9.51 -7.59 46.05
C ARG E 386 -8.65 -7.37 44.80
N LYS E 387 -7.73 -6.41 44.89
CA LYS E 387 -6.74 -6.14 43.85
C LYS E 387 -5.34 -6.16 44.46
N PRO E 388 -4.37 -6.83 43.79
CA PRO E 388 -3.04 -6.98 44.37
C PRO E 388 -2.34 -5.67 44.75
N THR E 389 -1.75 -5.63 45.94
CA THR E 389 -1.04 -4.44 46.40
C THR E 389 0.24 -4.33 45.59
N PRO E 390 0.78 -3.11 45.44
CA PRO E 390 1.98 -2.88 44.63
C PRO E 390 3.20 -3.63 45.15
N ASP E 391 3.23 -3.96 46.46
CA ASP E 391 4.33 -4.74 47.00
C ASP E 391 4.27 -6.17 46.47
N MET E 392 3.11 -6.80 46.53
CA MET E 392 2.99 -8.16 46.02
C MET E 392 3.16 -8.21 44.49
N MET E 393 2.84 -7.11 43.83
CA MET E 393 3.08 -6.98 42.41
C MET E 393 4.58 -6.88 42.14
N GLN E 394 5.29 -6.25 43.08
CA GLN E 394 6.74 -6.09 43.02
C GLN E 394 7.40 -7.41 43.40
N TYR E 395 6.77 -8.17 44.28
CA TYR E 395 7.29 -9.46 44.71
C TYR E 395 7.35 -10.41 43.52
N ALA E 396 6.28 -10.34 42.73
CA ALA E 396 6.14 -11.15 41.54
C ALA E 396 7.16 -10.75 40.49
N LYS E 397 7.40 -9.46 40.34
CA LYS E 397 8.38 -9.00 39.37
C LYS E 397 9.79 -9.56 39.63
N ARG E 398 10.24 -9.46 40.87
CA ARG E 398 11.55 -10.00 41.25
C ARG E 398 11.72 -11.50 40.98
N ALA E 399 10.64 -12.26 41.10
CA ALA E 399 10.71 -13.71 40.91
C ALA E 399 10.75 -14.12 39.45
N VAL E 400 10.23 -13.28 38.56
CA VAL E 400 10.19 -13.65 37.15
C VAL E 400 11.16 -12.87 36.28
N MET E 401 11.45 -11.62 36.63
CA MET E 401 12.52 -10.92 35.93
C MET E 401 13.80 -11.76 36.11
N SER E 402 14.69 -11.71 35.13
CA SER E 402 15.99 -12.42 35.23
C SER E 402 15.91 -13.93 35.02
N LEU E 403 14.74 -14.40 34.63
CA LEU E 403 14.63 -15.75 34.06
C LEU E 403 15.09 -15.61 32.62
N GLN E 404 15.67 -16.68 32.06
CA GLN E 404 15.92 -16.67 30.63
C GLN E 404 15.78 -18.02 29.97
N GLY E 405 15.67 -17.97 28.65
CA GLY E 405 15.60 -19.18 27.85
C GLY E 405 14.21 -19.74 27.88
N LEU E 406 13.22 -18.85 27.88
CA LEU E 406 11.86 -19.27 28.06
C LEU E 406 11.23 -19.69 26.75
N ARG E 407 10.84 -20.96 26.68
CA ARG E 407 10.16 -21.52 25.51
C ARG E 407 8.76 -20.92 25.33
N GLU E 408 8.31 -20.83 24.08
CA GLU E 408 6.99 -20.31 23.77
C GLU E 408 5.92 -21.25 24.33
N LYS E 409 4.91 -20.68 24.97
CA LYS E 409 3.78 -21.45 25.53
C LYS E 409 4.06 -22.15 26.86
N THR E 410 5.04 -21.69 27.64
CA THR E 410 5.29 -22.26 28.96
C THR E 410 4.64 -21.38 30.02
N ILE E 411 4.33 -21.93 31.20
CA ILE E 411 3.75 -21.08 32.27
C ILE E 411 4.86 -20.17 32.76
N GLY E 412 6.07 -20.46 32.31
CA GLY E 412 7.20 -19.60 32.59
C GLY E 412 7.15 -18.32 31.78
N LYS E 413 6.99 -18.45 30.46
CA LYS E 413 6.97 -17.26 29.60
C LYS E 413 5.74 -16.45 29.88
N TYR E 414 4.66 -17.14 30.27
CA TYR E 414 3.44 -16.44 30.65
C TYR E 414 3.71 -15.55 31.85
N ALA E 415 4.42 -16.10 32.83
CA ALA E 415 4.66 -15.42 34.10
C ALA E 415 5.54 -14.19 33.95
N LYS E 416 6.58 -14.27 33.12
CA LYS E 416 7.47 -13.13 32.94
C LYS E 416 6.75 -12.03 32.17
N SER E 417 6.10 -12.42 31.10
CA SER E 417 5.39 -11.47 30.26
C SER E 417 4.29 -10.72 31.04
N GLU E 418 3.74 -11.37 32.06
CA GLU E 418 2.65 -10.78 32.86
C GLU E 418 3.15 -9.93 34.03
N PHE E 419 4.34 -10.24 34.56
CA PHE E 419 4.85 -9.51 35.72
C PHE E 419 6.10 -8.65 35.47
N ASP E 420 7.04 -9.13 34.67
CA ASP E 420 8.20 -8.31 34.38
C ASP E 420 7.87 -7.35 33.27
N LYS E 421 7.44 -6.17 33.68
CA LYS E 421 7.05 -5.10 32.75
C LYS E 421 8.10 -4.79 31.68
U IUM F . 4.49 -52.40 -12.16
U IUM G . -13.82 -19.57 38.18
U IUM H . -13.06 -6.08 55.87
U IUM I . -25.31 8.34 36.67
U IUM J . 0.19 -29.18 -34.48
U IUM K . -23.33 -0.66 16.37
U IUM L . -22.27 29.09 20.17
U IUM M . 13.79 -4.65 -47.37
U IUM N . -15.87 23.75 -0.30
U IUM O . -6.13 48.92 12.67
U IUM P . 39.66 14.43 -49.04
U IUM Q . 5.68 44.58 -5.75
U IUM R . 33.47 54.33 1.76
U IUM S . 24.16 -63.55 9.23
U IUM T . 9.28 -8.14 70.33
#